data_7DSY
#
_entry.id   7DSY
#
_cell.length_a   59.320
_cell.length_b   111.050
_cell.length_c   262.830
_cell.angle_alpha   90.000
_cell.angle_beta   90.000
_cell.angle_gamma   90.000
#
_symmetry.space_group_name_H-M   'P 21 21 21'
#
loop_
_entity.id
_entity.type
_entity.pdbx_description
1 polymer 'Ribonuclease L'
2 non-polymer "5'-O-MONOPHOSPHORYLADENYLYL(2'->5')ADENYLYL(2'->5')ADENOSINE"
3 non-polymer 1-chloranyl-3-methylsulfinyl-6,7-dihydro-5H-2-benzothiophen-4-one
4 non-polymer 'PHOSPHATE ION'
5 water water
#
_entity_poly.entity_id   1
_entity_poly.type   'polypeptide(L)'
_entity_poly.pdbx_seq_one_letter_code
;GAMDPASLEEMLTQAVQEADIEQVRQLLERGADANFQEEEWGWSPLHSAVQMDSEDLVALLLKHGADPCLRKRNGATPFI
IAGITGNVRLLQLLLPNVEDVNECDVNGFTAFMEAAVYGRVEALRFLYENGADVNMHRKTKQDQERIRKGGATALMDAAE
KGHVGVVTILLHAMKAEVDARDNMGRNALVYALLNPDDGKAKAITRLLLDHGADVNVRGEGSKTPLILAVERKNLDLVQM
LLEQEQIEVNDTDREGKTALLLAVELRLEEIAKLLCHRGASTNCGDLVAIARRNYDSDLVKFLRLHKAGEDFRPPAENWK
PQSSRWGEALKHLHRIWRPMIGKLKIFIDEEYKIADTAEGGIYLGLYEDQEVAVKRFSEGSTRGQQEVSCLQSSRANDNV
VTFYGSESDGSCLHVCLALCEYTLQEHLANHRGDAVPNEEDESARNILSSLFKAIGELHRSGYSHQDLQPQNILIDSKNG
TFLADFDKSIKWAEDPQKIKRDLEALGLLVLYVVKKGDISFETLKNQSFEEVIQGSPDEETRDLIHHLFHPGDNVEDRLS
SLLAHPFFWSWESRYRTLRDVGNESDIKTRNQNSRILQLLQPGTSELSTSFAQWTTKIDSFVMEEMNAYYKKISKKKKAK
HTNEGNLYQDTLGDLLKFIRNLGEHINEQKNKKMKSIIGEPSQYFQEKFPDLVMYVYTKLQNTEYMKHFPKTHNPNK
;
_entity_poly.pdbx_strand_id   a,b
#
loop_
_chem_comp.id
_chem_comp.type
_chem_comp.name
_chem_comp.formula
25A non-polymer 5'-O-MONOPHOSPHORYLADENYLYL(2'->5')ADENYLYL(2'->5')ADENOSINE 'C30 H38 N15 O19 P3'
HFX non-polymer 1-chloranyl-3-methylsulfinyl-6,7-dihydro-5H-2-benzothiophen-4-one 'C9 H9 Cl O2 S2'
PO4 non-polymer 'PHOSPHATE ION' 'O4 P -3'
#
# COMPACT_ATOMS: atom_id res chain seq x y z
N SER A 7 1.80 18.42 -43.67
CA SER A 7 1.16 19.72 -43.64
C SER A 7 0.16 19.90 -44.79
N LEU A 8 0.13 18.96 -45.73
CA LEU A 8 -1.01 18.92 -46.65
C LEU A 8 -2.21 18.26 -46.00
N GLU A 9 -1.99 17.14 -45.35
CA GLU A 9 -3.05 16.37 -44.72
C GLU A 9 -3.28 16.81 -43.29
N GLU A 10 -2.42 17.67 -42.75
CA GLU A 10 -2.71 18.26 -41.47
C GLU A 10 -3.32 19.65 -41.60
N MET A 11 -3.27 20.25 -42.80
CA MET A 11 -4.26 21.27 -43.18
C MET A 11 -5.60 20.65 -43.52
N LEU A 12 -5.62 19.41 -44.04
CA LEU A 12 -6.89 18.77 -44.36
C LEU A 12 -7.62 18.31 -43.12
N THR A 13 -6.87 17.87 -42.10
CA THR A 13 -7.51 17.46 -40.86
C THR A 13 -7.84 18.64 -39.98
N GLN A 14 -7.16 19.77 -40.14
CA GLN A 14 -7.66 21.00 -39.54
C GLN A 14 -8.99 21.41 -40.16
N ALA A 15 -9.12 21.25 -41.49
CA ALA A 15 -10.27 21.75 -42.21
C ALA A 15 -11.54 20.93 -41.99
N VAL A 16 -11.40 19.62 -41.77
CA VAL A 16 -12.59 18.80 -41.62
C VAL A 16 -13.31 19.11 -40.32
N GLN A 17 -12.60 19.71 -39.37
CA GLN A 17 -13.22 20.13 -38.13
C GLN A 17 -13.42 21.64 -38.05
N GLU A 18 -12.92 22.39 -39.02
CA GLU A 18 -13.31 23.78 -39.13
C GLU A 18 -14.69 23.95 -39.75
N ALA A 19 -15.33 22.85 -40.13
CA ALA A 19 -16.63 22.88 -40.81
C ALA A 19 -16.58 23.69 -42.10
N ASP A 20 -15.36 23.96 -42.59
CA ASP A 20 -15.14 24.76 -43.80
C ASP A 20 -15.29 23.85 -45.01
N ILE A 21 -16.46 23.90 -45.64
CA ILE A 21 -16.80 22.96 -46.70
C ILE A 21 -15.82 23.11 -47.86
N GLU A 22 -15.46 24.35 -48.22
CA GLU A 22 -14.70 24.60 -49.45
C GLU A 22 -13.18 24.56 -49.21
N GLN A 23 -12.75 24.68 -47.95
CA GLN A 23 -11.38 24.31 -47.61
C GLN A 23 -11.12 22.85 -48.00
N VAL A 24 -12.01 21.95 -47.59
CA VAL A 24 -11.79 20.54 -47.81
C VAL A 24 -11.87 20.18 -49.30
N ARG A 25 -12.63 20.93 -50.09
CA ARG A 25 -12.75 20.58 -51.51
C ARG A 25 -11.43 20.73 -52.26
N GLN A 26 -10.79 21.90 -52.19
CA GLN A 26 -9.51 22.06 -52.89
C GLN A 26 -8.47 21.06 -52.39
N LEU A 27 -8.22 21.07 -51.08
CA LEU A 27 -7.26 20.19 -50.42
C LEU A 27 -7.30 18.77 -50.99
N LEU A 28 -8.50 18.21 -51.15
CA LEU A 28 -8.61 16.83 -51.60
C LEU A 28 -8.18 16.68 -53.06
N GLU A 29 -8.77 17.48 -53.95
CA GLU A 29 -8.34 17.53 -55.36
C GLU A 29 -6.84 17.80 -55.50
N ARG A 30 -6.31 18.72 -54.68
CA ARG A 30 -4.87 19.01 -54.71
C ARG A 30 -4.04 17.76 -54.43
N GLY A 31 -4.64 16.70 -53.91
CA GLY A 31 -3.96 15.44 -53.72
C GLY A 31 -3.89 14.91 -52.31
N ALA A 32 -4.58 15.55 -51.37
CA ALA A 32 -4.55 15.11 -49.98
C ALA A 32 -5.21 13.74 -49.84
N ASP A 33 -4.65 12.91 -48.97
CA ASP A 33 -5.11 11.54 -48.83
C ASP A 33 -6.32 11.50 -47.90
N ALA A 34 -7.46 11.08 -48.45
CA ALA A 34 -8.72 11.04 -47.72
C ALA A 34 -8.82 9.86 -46.76
N ASN A 35 -7.79 9.00 -46.71
CA ASN A 35 -7.72 7.90 -45.74
C ASN A 35 -6.57 8.06 -44.76
N PHE A 36 -5.98 9.26 -44.69
CA PHE A 36 -4.92 9.57 -43.75
C PHE A 36 -5.38 9.35 -42.30
N GLN A 37 -4.59 8.57 -41.55
CA GLN A 37 -4.89 8.24 -40.15
C GLN A 37 -3.85 8.87 -39.21
N GLU A 38 -4.30 9.81 -38.36
CA GLU A 38 -3.42 10.37 -37.34
C GLU A 38 -2.92 9.26 -36.43
N GLU A 39 -1.62 9.20 -36.22
CA GLU A 39 -1.05 7.94 -35.75
C GLU A 39 -1.33 7.68 -34.28
N GLU A 40 -1.90 8.65 -33.55
CA GLU A 40 -2.19 8.46 -32.14
C GLU A 40 -3.41 7.56 -31.94
N TRP A 41 -4.53 7.93 -32.53
CA TRP A 41 -5.75 7.16 -32.30
C TRP A 41 -6.39 6.61 -33.57
N GLY A 42 -5.85 6.91 -34.75
CA GLY A 42 -6.33 6.31 -35.98
C GLY A 42 -7.40 7.07 -36.69
N TRP A 43 -7.68 8.30 -36.27
CA TRP A 43 -8.81 9.03 -36.81
C TRP A 43 -8.56 9.48 -38.25
N SER A 44 -9.52 9.20 -39.11
CA SER A 44 -9.55 9.64 -40.50
C SER A 44 -10.46 10.83 -40.67
N PRO A 45 -10.35 11.56 -41.78
CA PRO A 45 -11.34 12.61 -42.05
C PRO A 45 -12.75 12.07 -42.09
N LEU A 46 -12.94 10.93 -42.76
CA LEU A 46 -14.26 10.31 -42.79
C LEU A 46 -14.78 10.00 -41.40
N HIS A 47 -13.92 9.49 -40.52
CA HIS A 47 -14.30 9.28 -39.12
C HIS A 47 -14.77 10.58 -38.47
N SER A 48 -13.91 11.61 -38.47
CA SER A 48 -14.27 12.87 -37.82
C SER A 48 -15.53 13.47 -38.42
N ALA A 49 -15.72 13.30 -39.72
CA ALA A 49 -16.91 13.86 -40.34
C ALA A 49 -18.17 13.18 -39.80
N VAL A 50 -18.11 11.88 -39.55
CA VAL A 50 -19.31 11.18 -39.10
C VAL A 50 -19.56 11.39 -37.61
N GLN A 51 -18.49 11.58 -36.82
CA GLN A 51 -18.64 11.89 -35.40
C GLN A 51 -19.22 13.28 -35.19
N MET A 52 -19.07 14.13 -36.21
CA MET A 52 -19.45 15.53 -36.20
C MET A 52 -20.91 15.76 -36.59
N ASP A 53 -21.54 14.78 -37.22
CA ASP A 53 -22.81 14.99 -37.92
C ASP A 53 -22.74 16.21 -38.83
N SER A 54 -21.96 16.03 -39.89
CA SER A 54 -21.94 16.95 -41.02
C SER A 54 -22.26 16.12 -42.25
N GLU A 55 -23.52 16.13 -42.67
CA GLU A 55 -23.90 15.37 -43.85
C GLU A 55 -23.11 15.83 -45.09
N ASP A 56 -22.75 17.10 -45.16
CA ASP A 56 -22.13 17.59 -46.38
C ASP A 56 -20.71 17.05 -46.53
N LEU A 57 -19.96 16.99 -45.44
CA LEU A 57 -18.55 16.60 -45.57
C LEU A 57 -18.38 15.10 -45.78
N VAL A 58 -19.19 14.28 -45.10
CA VAL A 58 -19.18 12.83 -45.32
C VAL A 58 -19.37 12.50 -46.79
N ALA A 59 -20.32 13.18 -47.45
CA ALA A 59 -20.57 12.90 -48.85
C ALA A 59 -19.38 13.28 -49.73
N LEU A 60 -18.75 14.42 -49.46
CA LEU A 60 -17.67 14.83 -50.35
C LEU A 60 -16.46 13.92 -50.16
N LEU A 61 -16.29 13.38 -48.96
CA LEU A 61 -15.14 12.51 -48.74
C LEU A 61 -15.38 11.11 -49.28
N LEU A 62 -16.59 10.79 -49.70
CA LEU A 62 -16.75 9.57 -50.46
C LEU A 62 -16.54 9.76 -51.96
N LYS A 63 -16.78 10.96 -52.49
CA LYS A 63 -16.45 11.21 -53.89
C LYS A 63 -14.95 11.04 -54.16
N HIS A 64 -14.09 11.23 -53.14
CA HIS A 64 -12.64 11.04 -53.29
C HIS A 64 -12.14 9.76 -52.61
N GLY A 65 -13.02 8.77 -52.41
CA GLY A 65 -12.60 7.42 -52.11
C GLY A 65 -12.33 7.10 -50.66
N ALA A 66 -12.88 7.85 -49.71
CA ALA A 66 -12.66 7.50 -48.30
C ALA A 66 -13.33 6.19 -47.97
N ASP A 67 -12.61 5.33 -47.27
CA ASP A 67 -13.13 4.00 -46.96
C ASP A 67 -14.08 4.07 -45.77
N PRO A 68 -15.31 3.57 -45.89
CA PRO A 68 -16.20 3.50 -44.73
C PRO A 68 -15.94 2.29 -43.87
N CYS A 69 -15.08 1.37 -44.32
CA CYS A 69 -14.64 0.24 -43.53
C CYS A 69 -13.20 0.42 -43.03
N LEU A 70 -12.72 1.66 -42.98
CA LEU A 70 -11.40 1.96 -42.44
C LEU A 70 -11.44 1.98 -40.90
N ARG A 71 -10.55 1.21 -40.28
CA ARG A 71 -10.55 1.07 -38.83
C ARG A 71 -9.55 2.02 -38.18
N LYS A 72 -9.95 2.59 -37.05
CA LYS A 72 -9.05 3.35 -36.21
C LYS A 72 -8.57 2.45 -35.08
N ARG A 73 -8.06 3.01 -34.00
CA ARG A 73 -7.28 2.18 -33.10
C ARG A 73 -8.14 1.14 -32.40
N ASN A 74 -9.30 1.54 -31.85
CA ASN A 74 -10.23 0.56 -31.27
C ASN A 74 -10.90 -0.34 -32.31
N GLY A 75 -10.68 -0.09 -33.60
CA GLY A 75 -11.26 -0.89 -34.67
C GLY A 75 -12.53 -0.33 -35.27
N ALA A 76 -13.00 0.81 -34.78
CA ALA A 76 -14.29 1.32 -35.24
C ALA A 76 -14.13 1.98 -36.60
N THR A 77 -15.01 1.61 -37.53
CA THR A 77 -15.14 2.22 -38.85
C THR A 77 -16.02 3.45 -38.77
N PRO A 78 -15.97 4.33 -39.78
CA PRO A 78 -16.95 5.43 -39.81
C PRO A 78 -18.39 4.97 -39.82
N PHE A 79 -18.66 3.74 -40.29
CA PHE A 79 -20.02 3.23 -40.20
C PHE A 79 -20.42 2.97 -38.75
N ILE A 80 -19.56 2.26 -38.01
CA ILE A 80 -19.87 1.96 -36.62
C ILE A 80 -19.98 3.24 -35.81
N ILE A 81 -19.22 4.26 -36.19
CA ILE A 81 -19.38 5.56 -35.54
C ILE A 81 -20.71 6.19 -35.94
N ALA A 82 -21.18 5.94 -37.17
CA ALA A 82 -22.45 6.51 -37.58
C ALA A 82 -23.60 6.00 -36.74
N GLY A 83 -23.48 4.80 -36.18
CA GLY A 83 -24.48 4.34 -35.24
C GLY A 83 -24.56 5.18 -33.99
N ILE A 84 -23.50 5.92 -33.68
CA ILE A 84 -23.48 6.72 -32.46
C ILE A 84 -24.05 8.10 -32.68
N THR A 85 -23.66 8.76 -33.77
CA THR A 85 -24.24 10.07 -34.01
C THR A 85 -25.73 10.00 -34.28
N GLY A 86 -26.19 8.90 -34.88
CA GLY A 86 -27.61 8.59 -34.97
C GLY A 86 -28.40 9.33 -36.01
N ASN A 87 -27.75 10.12 -36.86
CA ASN A 87 -28.39 10.73 -38.01
C ASN A 87 -28.41 9.72 -39.15
N VAL A 88 -29.59 9.21 -39.47
CA VAL A 88 -29.70 8.06 -40.36
C VAL A 88 -29.34 8.43 -41.80
N ARG A 89 -29.21 9.71 -42.11
CA ARG A 89 -28.85 10.12 -43.45
C ARG A 89 -27.41 9.76 -43.81
N LEU A 90 -26.50 9.79 -42.84
CA LEU A 90 -25.13 9.35 -43.14
C LEU A 90 -25.00 7.83 -43.08
N LEU A 91 -25.89 7.14 -42.35
CA LEU A 91 -25.93 5.69 -42.43
C LEU A 91 -26.35 5.21 -43.82
N GLN A 92 -27.33 5.88 -44.43
CA GLN A 92 -27.70 5.55 -45.80
C GLN A 92 -26.56 5.83 -46.76
N LEU A 93 -25.79 6.88 -46.49
CA LEU A 93 -24.74 7.29 -47.41
C LEU A 93 -23.54 6.35 -47.38
N LEU A 94 -23.28 5.67 -46.26
CA LEU A 94 -22.14 4.77 -46.18
C LEU A 94 -22.51 3.29 -46.26
N LEU A 95 -23.81 2.95 -46.27
CA LEU A 95 -24.22 1.55 -46.31
C LEU A 95 -23.80 0.84 -47.59
N PRO A 96 -24.00 1.40 -48.79
CA PRO A 96 -23.62 0.66 -50.01
C PRO A 96 -22.15 0.29 -50.09
N ASN A 97 -21.32 0.82 -49.20
CA ASN A 97 -19.90 0.60 -49.28
C ASN A 97 -19.36 -0.18 -48.10
N VAL A 98 -20.21 -0.76 -47.24
CA VAL A 98 -19.72 -1.60 -46.17
C VAL A 98 -19.95 -3.06 -46.56
N GLU A 99 -18.95 -3.90 -46.27
CA GLU A 99 -19.06 -5.32 -46.56
C GLU A 99 -20.17 -5.97 -45.72
N ASP A 100 -20.27 -5.59 -44.45
CA ASP A 100 -21.15 -6.24 -43.49
C ASP A 100 -21.70 -5.19 -42.53
N VAL A 101 -23.03 -5.18 -42.36
CA VAL A 101 -23.67 -4.30 -41.39
C VAL A 101 -23.42 -4.71 -39.96
N ASN A 102 -22.84 -5.90 -39.75
CA ASN A 102 -22.56 -6.44 -38.43
C ASN A 102 -21.06 -6.49 -38.11
N GLU A 103 -20.28 -5.53 -38.60
CA GLU A 103 -18.86 -5.51 -38.31
C GLU A 103 -18.61 -4.98 -36.90
N CYS A 104 -17.77 -5.67 -36.13
CA CYS A 104 -17.47 -5.24 -34.77
C CYS A 104 -16.15 -4.49 -34.71
N ASP A 105 -16.06 -3.56 -33.76
CA ASP A 105 -14.75 -3.02 -33.40
C ASP A 105 -14.08 -4.03 -32.47
N VAL A 106 -12.89 -3.69 -31.98
CA VAL A 106 -12.11 -4.73 -31.32
C VAL A 106 -12.72 -5.16 -30.00
N ASN A 107 -13.64 -4.39 -29.42
CA ASN A 107 -14.30 -4.79 -28.19
C ASN A 107 -15.65 -5.45 -28.44
N GLY A 108 -16.09 -5.48 -29.69
CA GLY A 108 -17.29 -6.19 -30.09
C GLY A 108 -18.42 -5.30 -30.56
N PHE A 109 -18.27 -3.98 -30.46
CA PHE A 109 -19.37 -3.04 -30.72
C PHE A 109 -19.71 -2.94 -32.20
N THR A 110 -20.97 -3.14 -32.53
CA THR A 110 -21.50 -2.90 -33.87
C THR A 110 -22.22 -1.56 -33.91
N ALA A 111 -22.41 -1.06 -35.12
CA ALA A 111 -23.24 0.13 -35.33
C ALA A 111 -24.60 0.00 -34.64
N PHE A 112 -25.20 -1.19 -34.68
CA PHE A 112 -26.50 -1.39 -34.03
C PHE A 112 -26.38 -1.16 -32.53
N MET A 113 -25.38 -1.77 -31.89
CA MET A 113 -25.19 -1.62 -30.46
C MET A 113 -24.93 -0.17 -30.08
N GLU A 114 -24.27 0.58 -30.96
CA GLU A 114 -23.97 1.96 -30.65
C GLU A 114 -25.23 2.81 -30.66
N ALA A 115 -26.15 2.55 -31.60
CA ALA A 115 -27.43 3.24 -31.55
C ALA A 115 -28.19 2.92 -30.27
N ALA A 116 -28.04 1.69 -29.78
CA ALA A 116 -28.68 1.32 -28.53
C ALA A 116 -28.07 2.07 -27.37
N VAL A 117 -26.72 2.07 -27.29
CA VAL A 117 -25.99 2.76 -26.21
C VAL A 117 -26.37 4.23 -26.15
N TYR A 118 -26.46 4.89 -27.31
CA TYR A 118 -26.66 6.34 -27.33
C TYR A 118 -28.13 6.72 -27.49
N GLY A 119 -29.03 5.73 -27.50
CA GLY A 119 -30.44 6.01 -27.56
C GLY A 119 -30.88 6.67 -28.86
N ARG A 120 -30.23 6.34 -29.97
CA ARG A 120 -30.57 6.94 -31.25
C ARG A 120 -31.58 6.01 -31.93
N VAL A 121 -32.86 6.27 -31.66
CA VAL A 121 -33.94 5.30 -31.91
C VAL A 121 -34.23 5.17 -33.41
N GLU A 122 -34.05 6.24 -34.17
CA GLU A 122 -34.38 6.23 -35.59
C GLU A 122 -33.28 5.56 -36.43
N ALA A 123 -32.05 5.50 -35.93
CA ALA A 123 -30.99 4.70 -36.56
C ALA A 123 -31.12 3.22 -36.18
N LEU A 124 -31.53 2.96 -34.93
CA LEU A 124 -31.87 1.63 -34.46
C LEU A 124 -32.86 0.96 -35.44
N ARG A 125 -33.87 1.71 -35.88
CA ARG A 125 -34.83 1.15 -36.84
C ARG A 125 -34.16 0.93 -38.19
N PHE A 126 -33.42 1.94 -38.67
CA PHE A 126 -32.74 1.82 -39.95
C PHE A 126 -31.87 0.58 -39.97
N LEU A 127 -31.08 0.36 -38.91
CA LEU A 127 -30.20 -0.79 -38.94
C LEU A 127 -30.96 -2.10 -38.73
N TYR A 128 -32.14 -2.05 -38.10
CA TYR A 128 -32.96 -3.25 -38.00
C TYR A 128 -33.30 -3.77 -39.39
N GLU A 129 -34.01 -2.97 -40.19
CA GLU A 129 -34.50 -3.46 -41.47
C GLU A 129 -33.39 -3.65 -42.50
N ASN A 130 -32.15 -3.33 -42.17
CA ASN A 130 -31.01 -3.55 -43.06
C ASN A 130 -30.10 -4.69 -42.61
N GLY A 131 -30.59 -5.61 -41.79
CA GLY A 131 -29.88 -6.84 -41.54
C GLY A 131 -29.15 -6.92 -40.23
N ALA A 132 -29.24 -5.89 -39.38
CA ALA A 132 -28.51 -5.91 -38.12
C ALA A 132 -28.94 -7.09 -37.26
N ASP A 133 -27.97 -7.68 -36.57
CA ASP A 133 -28.19 -8.83 -35.68
C ASP A 133 -28.58 -8.31 -34.31
N VAL A 134 -29.88 -8.33 -33.99
CA VAL A 134 -30.36 -7.71 -32.76
C VAL A 134 -29.78 -8.40 -31.53
N ASN A 135 -29.55 -9.71 -31.60
CA ASN A 135 -29.16 -10.51 -30.44
C ASN A 135 -27.67 -10.81 -30.38
N MET A 136 -26.85 -10.08 -31.13
CA MET A 136 -25.41 -10.32 -31.13
C MET A 136 -24.83 -10.01 -29.75
N HIS A 137 -24.05 -10.96 -29.22
CA HIS A 137 -23.20 -10.69 -28.06
C HIS A 137 -21.83 -10.19 -28.51
N ARG A 138 -21.19 -9.37 -27.69
CA ARG A 138 -19.95 -8.73 -28.12
C ARG A 138 -18.79 -9.71 -28.04
N LYS A 139 -18.02 -9.81 -29.11
CA LYS A 139 -16.83 -10.64 -29.15
C LYS A 139 -15.61 -9.75 -28.97
N THR A 140 -14.86 -9.95 -27.89
CA THR A 140 -13.81 -8.99 -27.57
C THR A 140 -12.40 -9.62 -27.55
N LYS A 141 -11.44 -8.87 -27.02
CA LYS A 141 -10.04 -9.28 -27.07
C LYS A 141 -9.79 -10.47 -26.15
N GLN A 142 -8.67 -11.15 -26.42
CA GLN A 142 -8.34 -12.37 -25.69
C GLN A 142 -8.18 -12.10 -24.20
N ASP A 143 -7.46 -11.03 -23.84
CA ASP A 143 -7.33 -10.64 -22.43
C ASP A 143 -8.68 -10.28 -21.82
N GLN A 144 -9.60 -9.72 -22.61
CA GLN A 144 -10.89 -9.33 -22.06
C GLN A 144 -11.80 -10.53 -21.85
N GLU A 145 -11.66 -11.58 -22.64
CA GLU A 145 -12.56 -12.73 -22.52
C GLU A 145 -12.06 -13.77 -21.55
N ARG A 146 -10.79 -13.74 -21.15
CA ARG A 146 -10.35 -14.65 -20.11
C ARG A 146 -10.64 -14.12 -18.71
N ILE A 147 -11.01 -12.84 -18.59
CA ILE A 147 -11.60 -12.31 -17.38
C ILE A 147 -13.12 -12.30 -17.44
N ARG A 148 -13.70 -12.93 -18.47
CA ARG A 148 -15.15 -13.01 -18.69
C ARG A 148 -15.77 -11.65 -18.99
N LYS A 149 -15.00 -10.71 -19.53
CA LYS A 149 -15.61 -9.46 -19.93
C LYS A 149 -16.22 -9.61 -21.31
N GLY A 150 -16.99 -8.61 -21.73
CA GLY A 150 -17.64 -8.69 -23.03
C GLY A 150 -18.85 -9.62 -23.06
N GLY A 151 -19.48 -9.69 -24.24
CA GLY A 151 -20.65 -10.52 -24.43
C GLY A 151 -21.99 -9.81 -24.26
N ALA A 152 -21.99 -8.51 -24.00
CA ALA A 152 -23.24 -7.81 -23.76
C ALA A 152 -23.98 -7.57 -25.06
N THR A 153 -25.24 -7.17 -24.91
CA THR A 153 -26.19 -7.00 -26.00
C THR A 153 -26.66 -5.55 -26.08
N ALA A 154 -27.31 -5.24 -27.21
CA ALA A 154 -28.01 -3.97 -27.34
C ALA A 154 -29.01 -3.74 -26.23
N LEU A 155 -29.81 -4.76 -25.89
CA LEU A 155 -30.77 -4.61 -24.80
C LEU A 155 -30.07 -4.19 -23.51
N MET A 156 -29.04 -4.96 -23.12
CA MET A 156 -28.24 -4.64 -21.94
C MET A 156 -27.69 -3.23 -21.99
N ASP A 157 -27.30 -2.77 -23.18
CA ASP A 157 -26.79 -1.42 -23.32
C ASP A 157 -27.89 -0.40 -23.07
N ALA A 158 -29.04 -0.55 -23.74
CA ALA A 158 -30.15 0.38 -23.55
C ALA A 158 -30.67 0.33 -22.13
N ALA A 159 -30.64 -0.84 -21.50
CA ALA A 159 -31.20 -0.96 -20.16
C ALA A 159 -30.34 -0.20 -19.17
N GLU A 160 -29.03 -0.31 -19.33
CA GLU A 160 -28.13 0.34 -18.40
C GLU A 160 -28.12 1.84 -18.58
N LYS A 161 -28.43 2.35 -19.78
CA LYS A 161 -28.40 3.79 -20.00
C LYS A 161 -29.78 4.40 -19.98
N GLY A 162 -30.72 3.76 -19.28
CA GLY A 162 -32.02 4.38 -19.03
C GLY A 162 -32.84 4.70 -20.27
N HIS A 163 -32.37 4.27 -21.43
CA HIS A 163 -32.97 4.64 -22.71
C HIS A 163 -34.34 3.97 -22.85
N VAL A 164 -35.30 4.55 -22.14
CA VAL A 164 -36.64 4.01 -22.11
C VAL A 164 -37.16 3.80 -23.53
N GLY A 165 -36.95 4.79 -24.40
CA GLY A 165 -37.46 4.66 -25.76
C GLY A 165 -36.84 3.48 -26.51
N VAL A 166 -35.51 3.33 -26.42
CA VAL A 166 -34.86 2.24 -27.15
C VAL A 166 -35.22 0.86 -26.56
N VAL A 167 -35.42 0.78 -25.24
CA VAL A 167 -35.66 -0.52 -24.60
C VAL A 167 -37.01 -1.10 -25.04
N THR A 168 -38.02 -0.25 -25.23
CA THR A 168 -39.32 -0.77 -25.65
C THR A 168 -39.33 -1.27 -27.11
N ILE A 169 -38.65 -0.56 -28.01
CA ILE A 169 -38.62 -1.01 -29.39
C ILE A 169 -37.81 -2.31 -29.57
N LEU A 170 -36.77 -2.56 -28.76
CA LEU A 170 -36.04 -3.81 -28.98
C LEU A 170 -36.86 -5.03 -28.57
N LEU A 171 -37.70 -4.90 -27.54
CA LEU A 171 -38.44 -6.04 -27.03
C LEU A 171 -39.72 -6.32 -27.81
N HIS A 172 -40.32 -5.31 -28.44
CA HIS A 172 -41.62 -5.48 -29.10
C HIS A 172 -41.52 -5.63 -30.61
N ALA A 173 -40.79 -4.74 -31.29
CA ALA A 173 -40.69 -4.73 -32.74
C ALA A 173 -39.58 -5.60 -33.32
N MET A 174 -38.56 -5.96 -32.52
CA MET A 174 -37.32 -6.52 -33.06
C MET A 174 -36.89 -7.82 -32.39
N LYS A 175 -37.79 -8.49 -31.67
CA LYS A 175 -37.64 -9.88 -31.22
C LYS A 175 -36.37 -10.07 -30.37
N ALA A 176 -36.06 -9.11 -29.51
CA ALA A 176 -34.83 -9.19 -28.71
C ALA A 176 -34.97 -10.21 -27.58
N GLU A 177 -33.93 -11.02 -27.41
CA GLU A 177 -33.84 -11.99 -26.33
C GLU A 177 -33.80 -11.28 -24.98
N VAL A 178 -34.85 -11.46 -24.18
CA VAL A 178 -34.99 -10.74 -22.91
C VAL A 178 -34.01 -11.27 -21.90
N ASP A 179 -33.76 -12.57 -21.90
CA ASP A 179 -32.89 -13.18 -20.92
C ASP A 179 -31.53 -13.53 -21.49
N ALA A 180 -31.16 -12.89 -22.59
CA ALA A 180 -29.80 -13.03 -23.07
C ALA A 180 -28.82 -12.66 -21.96
N ARG A 181 -27.70 -13.33 -21.98
CA ARG A 181 -26.69 -13.17 -20.96
C ARG A 181 -25.32 -12.83 -21.51
N ASP A 182 -24.52 -12.18 -20.68
CA ASP A 182 -23.19 -11.81 -21.12
C ASP A 182 -22.19 -12.84 -20.57
N ASN A 183 -20.93 -12.67 -20.93
CA ASN A 183 -19.98 -13.70 -20.55
C ASN A 183 -19.84 -13.82 -19.05
N MET A 184 -20.40 -12.88 -18.26
CA MET A 184 -20.41 -13.00 -16.81
C MET A 184 -21.78 -13.37 -16.24
N GLY A 185 -22.73 -13.75 -17.10
CA GLY A 185 -24.05 -14.18 -16.69
C GLY A 185 -25.00 -13.06 -16.31
N ARG A 186 -24.53 -11.81 -16.24
CA ARG A 186 -25.39 -10.61 -16.19
C ARG A 186 -26.45 -10.62 -17.30
N ASN A 187 -27.73 -10.46 -16.95
CA ASN A 187 -28.77 -10.11 -17.93
C ASN A 187 -29.13 -8.64 -17.95
N ALA A 188 -30.06 -8.31 -18.85
CA ALA A 188 -30.42 -6.91 -19.03
C ALA A 188 -31.02 -6.34 -17.76
N LEU A 189 -31.76 -7.18 -17.02
CA LEU A 189 -32.28 -6.79 -15.71
C LEU A 189 -31.19 -6.19 -14.83
N VAL A 190 -30.03 -6.85 -14.78
CA VAL A 190 -28.96 -6.38 -13.89
C VAL A 190 -28.51 -4.99 -14.32
N TYR A 191 -28.26 -4.79 -15.62
CA TYR A 191 -27.90 -3.47 -16.09
C TYR A 191 -28.99 -2.44 -15.76
N ALA A 192 -30.26 -2.80 -15.98
CA ALA A 192 -31.32 -1.83 -15.76
C ALA A 192 -31.31 -1.34 -14.32
N LEU A 193 -31.13 -2.25 -13.39
CA LEU A 193 -31.25 -1.80 -12.02
C LEU A 193 -30.05 -0.95 -11.55
N LEU A 194 -29.09 -0.59 -12.42
CA LEU A 194 -27.99 0.29 -12.05
C LEU A 194 -28.08 1.68 -12.66
N ASN A 195 -29.12 2.02 -13.38
CA ASN A 195 -29.21 3.40 -13.84
C ASN A 195 -29.65 4.30 -12.68
N PRO A 196 -29.01 5.44 -12.47
CA PRO A 196 -29.36 6.27 -11.31
C PRO A 196 -30.76 6.86 -11.35
N ASP A 197 -31.34 7.13 -12.51
CA ASP A 197 -32.63 7.81 -12.54
C ASP A 197 -33.74 6.82 -12.21
N ASP A 198 -34.61 7.20 -11.27
CA ASP A 198 -35.58 6.27 -10.72
C ASP A 198 -36.76 6.05 -11.68
N GLY A 199 -37.24 7.11 -12.31
CA GLY A 199 -38.28 6.92 -13.32
C GLY A 199 -37.82 6.02 -14.44
N LYS A 200 -36.65 6.32 -15.02
CA LYS A 200 -36.17 5.52 -16.14
C LYS A 200 -35.87 4.08 -15.71
N ALA A 201 -35.26 3.90 -14.55
CA ALA A 201 -35.04 2.55 -14.05
C ALA A 201 -36.35 1.81 -13.84
N LYS A 202 -37.29 2.42 -13.10
CA LYS A 202 -38.49 1.70 -12.67
C LYS A 202 -39.32 1.24 -13.87
N ALA A 203 -39.37 2.08 -14.93
CA ALA A 203 -40.18 1.76 -16.11
C ALA A 203 -39.52 0.66 -16.94
N ILE A 204 -38.19 0.67 -17.06
CA ILE A 204 -37.53 -0.37 -17.80
C ILE A 204 -37.63 -1.72 -17.08
N THR A 205 -37.64 -1.72 -15.74
CA THR A 205 -37.69 -2.99 -15.01
C THR A 205 -38.99 -3.73 -15.29
N ARG A 206 -40.12 -3.01 -15.28
CA ARG A 206 -41.40 -3.65 -15.60
C ARG A 206 -41.35 -4.28 -16.99
N LEU A 207 -40.76 -3.61 -17.97
CA LEU A 207 -40.82 -4.13 -19.32
C LEU A 207 -40.00 -5.40 -19.54
N LEU A 208 -39.02 -5.71 -18.70
CA LEU A 208 -38.28 -6.96 -18.89
C LEU A 208 -38.75 -8.10 -18.00
N LEU A 209 -39.40 -7.79 -16.88
CA LEU A 209 -39.98 -8.87 -16.08
C LEU A 209 -41.16 -9.49 -16.80
N ASP A 210 -42.00 -8.67 -17.43
CA ASP A 210 -43.18 -9.18 -18.13
C ASP A 210 -42.80 -10.01 -19.35
N HIS A 211 -41.56 -9.92 -19.80
CA HIS A 211 -41.14 -10.54 -21.04
C HIS A 211 -40.34 -11.82 -20.83
N GLY A 212 -39.89 -12.08 -19.60
CA GLY A 212 -39.31 -13.34 -19.23
C GLY A 212 -37.92 -13.28 -18.62
N ALA A 213 -37.46 -12.11 -18.19
CA ALA A 213 -36.12 -12.01 -17.61
C ALA A 213 -36.05 -12.80 -16.31
N ASP A 214 -34.98 -13.59 -16.15
CA ASP A 214 -34.80 -14.40 -14.94
C ASP A 214 -34.35 -13.51 -13.78
N VAL A 215 -35.19 -13.44 -12.73
CA VAL A 215 -34.87 -12.54 -11.63
C VAL A 215 -33.93 -13.15 -10.61
N ASN A 216 -33.60 -14.43 -10.75
CA ASN A 216 -32.63 -15.11 -9.89
C ASN A 216 -31.29 -15.22 -10.59
N VAL A 217 -30.73 -14.05 -10.86
CA VAL A 217 -29.46 -13.94 -11.54
C VAL A 217 -28.45 -13.26 -10.62
N ARG A 218 -27.20 -13.27 -11.05
CA ARG A 218 -26.13 -12.63 -10.30
C ARG A 218 -25.54 -11.49 -11.11
N GLY A 219 -25.10 -10.45 -10.39
CA GLY A 219 -24.42 -9.30 -10.92
C GLY A 219 -23.17 -9.00 -10.11
N GLU A 220 -22.84 -7.71 -10.04
CA GLU A 220 -21.65 -7.27 -9.32
C GLU A 220 -21.68 -7.81 -7.89
N GLY A 221 -20.54 -8.35 -7.44
CA GLY A 221 -20.46 -8.82 -6.08
C GLY A 221 -21.44 -9.92 -5.74
N SER A 222 -21.91 -10.67 -6.75
CA SER A 222 -22.86 -11.76 -6.59
C SER A 222 -24.18 -11.30 -5.97
N LYS A 223 -24.54 -10.04 -6.21
CA LYS A 223 -25.76 -9.48 -5.68
C LYS A 223 -26.91 -9.74 -6.65
N THR A 224 -27.97 -10.38 -6.14
CA THR A 224 -29.18 -10.63 -6.91
C THR A 224 -29.93 -9.33 -7.22
N PRO A 225 -30.72 -9.31 -8.29
CA PRO A 225 -31.55 -8.12 -8.57
C PRO A 225 -32.31 -7.58 -7.37
N LEU A 226 -32.94 -8.46 -6.57
CA LEU A 226 -33.63 -8.01 -5.35
C LEU A 226 -32.68 -7.25 -4.43
N ILE A 227 -31.42 -7.67 -4.35
CA ILE A 227 -30.51 -7.03 -3.42
C ILE A 227 -30.09 -5.65 -3.92
N LEU A 228 -29.93 -5.48 -5.23
CA LEU A 228 -29.64 -4.15 -5.72
C LEU A 228 -30.81 -3.20 -5.52
N ALA A 229 -32.01 -3.77 -5.38
CA ALA A 229 -33.22 -2.98 -5.16
C ALA A 229 -33.28 -2.43 -3.74
N VAL A 230 -32.94 -3.25 -2.73
CA VAL A 230 -32.95 -2.76 -1.34
C VAL A 230 -31.95 -1.63 -1.20
N GLU A 231 -30.70 -1.86 -1.65
CA GLU A 231 -29.63 -0.88 -1.59
C GLU A 231 -29.87 0.32 -2.49
N ARG A 232 -30.89 0.26 -3.32
CA ARG A 232 -31.36 1.42 -4.05
C ARG A 232 -32.30 2.26 -3.20
N LYS A 233 -32.79 1.68 -2.10
CA LYS A 233 -33.77 2.30 -1.20
C LYS A 233 -34.99 2.78 -1.98
N ASN A 234 -35.38 1.99 -2.98
CA ASN A 234 -36.47 2.33 -3.88
C ASN A 234 -37.51 1.23 -3.80
N LEU A 235 -38.54 1.48 -2.98
CA LEU A 235 -39.53 0.46 -2.69
C LEU A 235 -40.27 0.01 -3.93
N ASP A 236 -40.49 0.91 -4.90
CA ASP A 236 -41.22 0.54 -6.11
C ASP A 236 -40.54 -0.61 -6.82
N LEU A 237 -39.21 -0.53 -7.00
CA LEU A 237 -38.48 -1.62 -7.64
C LEU A 237 -38.64 -2.91 -6.87
N VAL A 238 -38.42 -2.83 -5.57
CA VAL A 238 -38.61 -3.98 -4.69
C VAL A 238 -39.93 -4.67 -4.96
N GLN A 239 -41.01 -3.89 -5.06
CA GLN A 239 -42.34 -4.48 -5.19
C GLN A 239 -42.55 -5.19 -6.53
N MET A 240 -41.93 -4.75 -7.63
CA MET A 240 -42.19 -5.51 -8.85
C MET A 240 -41.41 -6.82 -8.94
N LEU A 241 -40.16 -6.88 -8.44
CA LEU A 241 -39.50 -8.18 -8.42
C LEU A 241 -40.18 -9.10 -7.43
N LEU A 242 -40.84 -8.51 -6.45
CA LEU A 242 -41.56 -9.26 -5.44
C LEU A 242 -42.90 -9.77 -5.96
N GLU A 243 -43.24 -9.51 -7.22
CA GLU A 243 -44.47 -10.05 -7.78
C GLU A 243 -44.28 -11.44 -8.39
N GLN A 244 -43.05 -11.93 -8.48
CA GLN A 244 -42.80 -13.23 -9.09
C GLN A 244 -42.64 -14.24 -7.98
N GLU A 245 -43.50 -15.25 -7.96
CA GLU A 245 -43.43 -16.22 -6.87
C GLU A 245 -42.02 -16.81 -6.78
N GLN A 246 -41.44 -17.26 -7.95
CA GLN A 246 -40.22 -18.03 -7.66
C GLN A 246 -38.99 -17.11 -7.45
N ILE A 247 -39.14 -15.81 -7.16
CA ILE A 247 -37.98 -15.01 -6.73
C ILE A 247 -37.52 -15.60 -5.40
N GLU A 248 -36.22 -15.77 -5.25
CA GLU A 248 -35.73 -16.42 -4.05
C GLU A 248 -35.27 -15.32 -3.11
N VAL A 249 -36.08 -15.10 -2.08
CA VAL A 249 -35.93 -13.94 -1.23
C VAL A 249 -34.78 -14.11 -0.22
N ASN A 250 -34.41 -15.34 0.15
CA ASN A 250 -33.31 -15.54 1.08
C ASN A 250 -32.00 -15.85 0.35
N ASP A 251 -31.80 -15.32 -0.84
CA ASP A 251 -30.53 -15.52 -1.53
C ASP A 251 -29.48 -14.64 -0.88
N THR A 252 -28.24 -15.13 -0.87
CA THR A 252 -27.16 -14.45 -0.16
C THR A 252 -26.12 -13.93 -1.16
N ASP A 253 -25.60 -12.74 -0.88
CA ASP A 253 -24.64 -12.06 -1.74
C ASP A 253 -23.22 -12.54 -1.45
N ARG A 254 -22.23 -11.74 -1.88
CA ARG A 254 -20.82 -12.03 -1.62
C ARG A 254 -20.51 -12.15 -0.13
N GLU A 255 -20.99 -11.21 0.68
CA GLU A 255 -20.64 -11.16 2.09
C GLU A 255 -21.59 -11.93 3.00
N GLY A 256 -22.42 -12.82 2.46
CA GLY A 256 -23.32 -13.57 3.29
C GLY A 256 -24.57 -12.83 3.71
N LYS A 257 -24.78 -11.61 3.22
CA LYS A 257 -25.95 -10.82 3.55
C LYS A 257 -27.14 -11.15 2.65
N THR A 258 -28.34 -11.11 3.21
CA THR A 258 -29.58 -11.22 2.44
C THR A 258 -30.20 -9.84 2.22
N ALA A 259 -31.16 -9.81 1.28
CA ALA A 259 -31.97 -8.61 1.05
C ALA A 259 -32.59 -8.08 2.34
N LEU A 260 -33.12 -8.98 3.17
CA LEU A 260 -33.74 -8.54 4.41
C LEU A 260 -32.70 -7.93 5.36
N LEU A 261 -31.55 -8.59 5.52
CA LEU A 261 -30.50 -8.00 6.35
C LEU A 261 -30.18 -6.57 5.94
N LEU A 262 -30.01 -6.31 4.64
CA LEU A 262 -29.66 -4.94 4.26
C LEU A 262 -30.81 -3.98 4.55
N ALA A 263 -32.06 -4.43 4.42
CA ALA A 263 -33.19 -3.53 4.60
C ALA A 263 -33.19 -2.86 5.96
N VAL A 264 -33.01 -3.62 7.03
CA VAL A 264 -32.96 -3.01 8.34
C VAL A 264 -31.73 -2.09 8.41
N GLU A 265 -30.52 -2.63 8.14
CA GLU A 265 -29.26 -1.88 8.24
C GLU A 265 -29.33 -0.49 7.60
N LEU A 266 -30.08 -0.36 6.51
CA LEU A 266 -30.15 0.89 5.77
C LEU A 266 -31.33 1.75 6.20
N ARG A 267 -32.00 1.39 7.30
CA ARG A 267 -33.00 2.23 7.94
C ARG A 267 -34.31 2.28 7.15
N LEU A 268 -34.65 1.16 6.49
CA LEU A 268 -35.77 1.02 5.56
C LEU A 268 -37.01 0.38 6.20
N GLU A 269 -37.81 1.17 6.90
CA GLU A 269 -38.95 0.58 7.61
C GLU A 269 -39.89 -0.12 6.63
N GLU A 270 -40.38 0.61 5.63
CA GLU A 270 -41.38 0.03 4.71
C GLU A 270 -40.80 -1.14 3.91
N ILE A 271 -39.56 -1.04 3.45
CA ILE A 271 -38.98 -2.09 2.63
C ILE A 271 -38.81 -3.38 3.44
N ALA A 272 -38.39 -3.26 4.70
CA ALA A 272 -38.25 -4.45 5.55
C ALA A 272 -39.60 -5.07 5.89
N LYS A 273 -40.60 -4.25 6.24
CA LYS A 273 -41.92 -4.78 6.61
C LYS A 273 -42.45 -5.75 5.56
N LEU A 274 -42.01 -5.59 4.34
CA LEU A 274 -42.42 -6.31 3.14
C LEU A 274 -41.62 -7.58 2.87
N LEU A 275 -40.31 -7.63 3.18
CA LEU A 275 -39.61 -8.87 2.94
C LEU A 275 -40.00 -9.92 3.98
N CYS A 276 -40.22 -9.50 5.22
CA CYS A 276 -40.75 -10.42 6.23
C CYS A 276 -42.08 -11.01 5.78
N HIS A 277 -43.01 -10.16 5.30
CA HIS A 277 -44.34 -10.62 4.84
C HIS A 277 -44.25 -11.51 3.61
N ARG A 278 -43.03 -11.81 3.16
CA ARG A 278 -42.77 -12.67 2.02
C ARG A 278 -41.82 -13.78 2.39
N GLY A 279 -41.80 -14.21 3.65
CA GLY A 279 -41.04 -15.39 4.02
C GLY A 279 -39.54 -15.18 3.96
N ALA A 280 -39.06 -13.98 4.29
CA ALA A 280 -37.62 -13.81 4.43
C ALA A 280 -37.13 -14.49 5.70
N SER A 281 -35.92 -15.05 5.62
CA SER A 281 -35.30 -15.75 6.73
C SER A 281 -34.82 -14.71 7.73
N THR A 282 -35.44 -14.70 8.91
CA THR A 282 -35.34 -13.59 9.84
C THR A 282 -34.05 -13.58 10.68
N ASN A 283 -33.33 -14.69 10.80
CA ASN A 283 -32.14 -14.75 11.65
C ASN A 283 -30.90 -15.14 10.83
N CYS A 284 -30.42 -14.23 9.99
CA CYS A 284 -29.08 -14.31 9.40
C CYS A 284 -28.09 -13.36 10.08
N GLY A 285 -28.29 -13.10 11.37
CA GLY A 285 -27.68 -12.02 12.12
C GLY A 285 -28.75 -11.55 13.08
N ASP A 286 -28.46 -10.61 13.98
CA ASP A 286 -29.54 -10.14 14.87
C ASP A 286 -30.19 -8.89 14.29
N LEU A 287 -31.36 -9.09 13.68
CA LEU A 287 -32.06 -7.99 13.03
C LEU A 287 -32.59 -6.98 14.06
N VAL A 288 -33.09 -7.45 15.21
CA VAL A 288 -33.57 -6.49 16.21
C VAL A 288 -32.44 -5.60 16.71
N ALA A 289 -31.21 -6.12 16.84
CA ALA A 289 -30.12 -5.29 17.34
C ALA A 289 -29.78 -4.16 16.35
N ILE A 290 -29.89 -4.45 15.05
CA ILE A 290 -29.63 -3.43 14.04
C ILE A 290 -30.74 -2.38 14.02
N ALA A 291 -31.99 -2.81 14.13
CA ALA A 291 -33.07 -1.83 14.16
C ALA A 291 -32.94 -0.88 15.35
N ARG A 292 -32.56 -1.42 16.51
CA ARG A 292 -32.51 -0.56 17.70
C ARG A 292 -31.29 0.36 17.61
N ARG A 293 -30.15 -0.15 17.12
CA ARG A 293 -28.97 0.68 16.89
C ARG A 293 -29.29 1.84 15.96
N ASN A 294 -30.28 1.67 15.09
CA ASN A 294 -30.69 2.72 14.17
C ASN A 294 -31.75 3.64 14.77
N TYR A 295 -32.12 3.43 16.03
CA TYR A 295 -33.20 4.21 16.66
C TYR A 295 -34.47 4.13 15.83
N ASP A 296 -34.73 2.95 15.27
CA ASP A 296 -35.92 2.74 14.46
C ASP A 296 -36.85 1.89 15.33
N SER A 297 -37.46 2.53 16.32
CA SER A 297 -38.32 1.82 17.25
C SER A 297 -39.56 1.28 16.57
N ASP A 298 -39.89 1.79 15.39
CA ASP A 298 -40.96 1.20 14.62
C ASP A 298 -40.60 -0.17 14.01
N LEU A 299 -39.31 -0.51 13.78
CA LEU A 299 -39.07 -1.87 13.31
C LEU A 299 -38.76 -2.85 14.44
N VAL A 300 -38.05 -2.44 15.50
CA VAL A 300 -37.96 -3.29 16.70
C VAL A 300 -39.35 -3.80 17.03
N LYS A 301 -40.37 -2.94 16.88
CA LYS A 301 -41.77 -3.30 17.15
C LYS A 301 -42.31 -4.31 16.13
N PHE A 302 -41.73 -4.41 14.93
CA PHE A 302 -42.25 -5.44 14.04
C PHE A 302 -41.66 -6.83 14.37
N LEU A 303 -40.39 -6.94 14.81
CA LEU A 303 -39.84 -8.26 15.12
C LEU A 303 -40.06 -8.64 16.58
N ARG A 304 -40.32 -7.64 17.41
CA ARG A 304 -41.34 -7.71 18.46
C ARG A 304 -42.34 -8.83 18.24
N LEU A 305 -42.88 -8.98 17.03
CA LEU A 305 -43.95 -9.95 16.80
C LEU A 305 -43.49 -11.27 16.19
N HIS A 306 -42.22 -11.43 15.86
CA HIS A 306 -41.79 -12.69 15.26
C HIS A 306 -40.41 -13.18 15.76
N ASN A 318 -12.08 -16.40 16.80
CA ASN A 318 -12.25 -16.05 15.39
C ASN A 318 -11.03 -15.26 14.82
N TRP A 319 -11.19 -13.94 14.69
CA TRP A 319 -10.15 -13.07 14.14
C TRP A 319 -8.99 -12.92 15.14
N LYS A 320 -7.76 -13.04 14.62
CA LYS A 320 -6.58 -13.01 15.49
C LYS A 320 -5.73 -11.76 15.24
N PRO A 321 -5.57 -10.89 16.23
CA PRO A 321 -4.68 -9.76 16.07
C PRO A 321 -3.24 -10.21 16.10
N GLN A 322 -2.39 -9.43 15.45
CA GLN A 322 -0.97 -9.74 15.41
C GLN A 322 -0.18 -8.99 16.45
N SER A 323 -0.56 -7.74 16.75
CA SER A 323 0.13 -7.01 17.81
C SER A 323 -0.19 -7.59 19.16
N SER A 324 0.80 -7.56 20.06
CA SER A 324 0.54 -7.87 21.46
C SER A 324 0.11 -6.64 22.22
N ARG A 325 0.89 -5.56 22.13
CA ARG A 325 0.59 -4.34 22.88
C ARG A 325 -0.84 -3.88 22.65
N TRP A 326 -1.27 -3.83 21.39
CA TRP A 326 -2.63 -3.41 21.08
C TRP A 326 -3.56 -4.57 20.74
N GLY A 327 -3.15 -5.82 21.00
CA GLY A 327 -3.96 -6.96 20.62
C GLY A 327 -5.34 -6.98 21.24
N GLU A 328 -5.42 -6.81 22.57
CA GLU A 328 -6.72 -6.94 23.21
C GLU A 328 -7.67 -5.83 22.75
N ALA A 329 -7.15 -4.63 22.53
CA ALA A 329 -8.01 -3.54 22.03
C ALA A 329 -8.44 -3.81 20.60
N LEU A 330 -7.56 -4.43 19.79
CA LEU A 330 -7.91 -4.72 18.41
C LEU A 330 -8.90 -5.87 18.33
N LYS A 331 -8.91 -6.75 19.33
CA LYS A 331 -9.97 -7.74 19.42
C LYS A 331 -11.30 -7.07 19.78
N HIS A 332 -11.28 -6.08 20.66
CA HIS A 332 -12.51 -5.38 21.02
C HIS A 332 -13.03 -4.55 19.85
N LEU A 333 -12.13 -3.93 19.08
CA LEU A 333 -12.61 -3.09 17.97
C LEU A 333 -13.17 -3.92 16.83
N HIS A 334 -12.58 -5.08 16.55
CA HIS A 334 -13.13 -5.95 15.53
C HIS A 334 -14.48 -6.50 15.95
N ARG A 335 -14.63 -6.82 17.23
CA ARG A 335 -15.86 -7.46 17.69
C ARG A 335 -17.07 -6.55 17.49
N ILE A 336 -16.93 -5.26 17.81
CA ILE A 336 -18.08 -4.35 17.77
C ILE A 336 -18.48 -4.01 16.34
N TRP A 337 -19.67 -3.47 16.17
CA TRP A 337 -20.10 -2.99 14.87
C TRP A 337 -19.69 -1.53 14.69
N ARG A 338 -19.25 -1.19 13.48
CA ARG A 338 -18.99 0.21 13.14
C ARG A 338 -19.18 0.40 11.67
N PRO A 339 -19.63 1.58 11.24
CA PRO A 339 -19.70 1.88 9.81
C PRO A 339 -18.31 1.99 9.23
N MET A 340 -18.21 1.76 7.93
CA MET A 340 -16.93 1.79 7.23
C MET A 340 -16.79 3.11 6.49
N ILE A 341 -15.55 3.63 6.43
CA ILE A 341 -15.18 4.76 5.59
C ILE A 341 -14.33 4.19 4.46
N GLY A 342 -14.95 3.89 3.32
CA GLY A 342 -14.26 3.11 2.30
C GLY A 342 -13.80 1.81 2.92
N LYS A 343 -12.49 1.59 2.92
CA LYS A 343 -11.90 0.34 3.37
C LYS A 343 -11.55 0.35 4.86
N LEU A 344 -11.98 1.36 5.62
CA LEU A 344 -11.46 1.55 6.96
C LEU A 344 -12.57 1.41 7.99
N LYS A 345 -12.25 0.72 9.06
CA LYS A 345 -13.11 0.56 10.22
C LYS A 345 -12.36 1.22 11.35
N ILE A 346 -12.97 2.24 11.95
CA ILE A 346 -12.30 3.03 12.98
C ILE A 346 -13.35 3.56 13.94
N PHE A 347 -12.96 3.70 15.21
CA PHE A 347 -13.84 4.27 16.22
C PHE A 347 -13.04 5.26 17.04
N ILE A 348 -13.57 6.46 17.21
CA ILE A 348 -12.87 7.51 17.92
C ILE A 348 -13.30 7.43 19.37
N ASP A 349 -12.37 6.96 20.20
CA ASP A 349 -12.57 6.71 21.62
C ASP A 349 -11.18 6.57 22.25
N GLU A 350 -11.10 6.92 23.54
CA GLU A 350 -9.81 6.84 24.20
C GLU A 350 -9.26 5.42 24.19
N GLU A 351 -10.16 4.43 24.33
CA GLU A 351 -9.73 3.03 24.37
C GLU A 351 -8.92 2.65 23.15
N TYR A 352 -9.18 3.30 22.01
CA TYR A 352 -8.47 2.99 20.77
C TYR A 352 -7.42 4.05 20.43
N LYS A 353 -6.99 4.85 21.39
CA LYS A 353 -6.06 5.93 21.11
C LYS A 353 -4.65 5.42 21.33
N ILE A 354 -3.79 5.61 20.34
CA ILE A 354 -2.40 5.22 20.49
C ILE A 354 -1.57 6.37 21.04
N ALA A 355 -1.77 7.56 20.49
CA ALA A 355 -1.07 8.78 20.87
C ALA A 355 -1.78 9.98 20.24
N ASP A 356 -1.42 11.18 20.69
CA ASP A 356 -2.00 12.42 20.17
C ASP A 356 -0.99 13.20 19.34
N THR A 357 -1.42 13.68 18.17
CA THR A 357 -0.62 14.48 17.25
C THR A 357 -1.13 15.93 17.21
N ALA A 358 -0.39 16.74 16.45
CA ALA A 358 -0.73 18.13 16.16
C ALA A 358 -2.20 18.31 15.82
N GLU A 359 -2.79 17.35 15.10
CA GLU A 359 -4.16 17.50 14.57
C GLU A 359 -4.79 16.12 14.57
N GLY A 360 -5.61 15.79 15.58
CA GLY A 360 -6.50 14.68 15.43
C GLY A 360 -6.10 13.36 16.07
N GLY A 361 -4.94 13.27 16.71
CA GLY A 361 -4.51 12.02 17.29
C GLY A 361 -4.24 10.96 16.22
N ILE A 362 -3.72 9.82 16.69
CA ILE A 362 -3.60 8.62 15.88
C ILE A 362 -4.26 7.48 16.64
N TYR A 363 -5.14 6.75 15.95
CA TYR A 363 -5.99 5.73 16.57
C TYR A 363 -5.76 4.38 15.90
N LEU A 364 -6.13 3.31 16.60
CA LEU A 364 -6.13 2.02 15.93
C LEU A 364 -7.28 1.96 14.94
N GLY A 365 -7.13 1.07 13.96
CA GLY A 365 -8.14 0.95 12.93
C GLY A 365 -8.06 -0.39 12.22
N LEU A 366 -9.03 -0.62 11.34
CA LEU A 366 -9.07 -1.83 10.54
C LEU A 366 -9.18 -1.44 9.08
N TYR A 367 -8.13 -1.71 8.30
CA TYR A 367 -8.07 -1.41 6.88
C TYR A 367 -8.07 -2.73 6.12
N GLU A 368 -9.10 -2.94 5.31
CA GLU A 368 -9.34 -4.22 4.65
C GLU A 368 -9.10 -5.38 5.60
N ASP A 369 -9.69 -5.24 6.80
CA ASP A 369 -9.63 -6.24 7.87
C ASP A 369 -8.21 -6.48 8.38
N GLN A 370 -7.26 -5.60 8.05
CA GLN A 370 -5.89 -5.69 8.58
C GLN A 370 -5.66 -4.60 9.63
N GLU A 371 -4.98 -4.98 10.72
CA GLU A 371 -4.69 -4.06 11.81
C GLU A 371 -3.71 -2.98 11.38
N VAL A 372 -3.99 -1.75 11.80
CA VAL A 372 -3.35 -0.57 11.23
C VAL A 372 -3.47 0.58 12.22
N ALA A 373 -2.48 1.47 12.20
CA ALA A 373 -2.59 2.75 12.90
C ALA A 373 -2.97 3.81 11.89
N VAL A 374 -3.81 4.76 12.30
CA VAL A 374 -4.38 5.69 11.34
C VAL A 374 -4.23 7.11 11.86
N LYS A 375 -3.50 7.92 11.10
CA LYS A 375 -3.31 9.33 11.39
C LYS A 375 -4.37 10.16 10.67
N ARG A 376 -4.89 11.16 11.35
CA ARG A 376 -6.05 11.92 10.86
C ARG A 376 -5.74 13.40 10.68
N PHE A 377 -6.17 13.96 9.56
CA PHE A 377 -6.04 15.38 9.27
C PHE A 377 -7.41 15.91 8.86
N SER A 378 -7.52 17.24 8.86
CA SER A 378 -8.68 17.84 8.22
C SER A 378 -8.58 17.63 6.72
N GLU A 379 -9.75 17.45 6.08
CA GLU A 379 -9.82 17.03 4.69
C GLU A 379 -8.94 17.87 3.77
N GLY A 380 -8.78 19.15 4.10
CA GLY A 380 -8.00 20.08 3.31
C GLY A 380 -6.68 20.47 3.87
N SER A 381 -6.19 19.81 4.92
CA SER A 381 -4.98 20.23 5.61
C SER A 381 -3.75 20.17 4.69
N THR A 382 -3.02 21.29 4.64
CA THR A 382 -1.72 21.30 3.97
C THR A 382 -0.84 20.17 4.49
N ARG A 383 -0.89 19.91 5.80
CA ARG A 383 -0.04 18.88 6.38
C ARG A 383 -0.48 17.48 5.93
N GLY A 384 -1.79 17.21 5.88
CA GLY A 384 -2.23 15.92 5.39
C GLY A 384 -1.74 15.65 3.99
N GLN A 385 -1.74 16.69 3.13
CA GLN A 385 -1.10 16.61 1.82
C GLN A 385 0.32 16.07 1.88
N GLN A 386 1.21 16.76 2.58
CA GLN A 386 2.62 16.40 2.40
C GLN A 386 2.90 15.03 3.00
N GLU A 387 2.17 14.63 4.05
CA GLU A 387 2.28 13.25 4.52
C GLU A 387 1.90 12.28 3.42
N VAL A 388 0.76 12.51 2.77
CA VAL A 388 0.29 11.57 1.75
C VAL A 388 1.19 11.63 0.52
N SER A 389 1.64 12.84 0.14
CA SER A 389 2.60 12.92 -0.96
C SER A 389 3.82 12.06 -0.68
N CYS A 390 4.43 12.27 0.49
CA CYS A 390 5.63 11.53 0.85
C CYS A 390 5.36 10.04 1.01
N LEU A 391 4.32 9.66 1.79
CA LEU A 391 4.02 8.23 1.94
C LEU A 391 3.85 7.55 0.59
N GLN A 392 3.15 8.21 -0.34
CA GLN A 392 2.90 7.64 -1.66
C GLN A 392 4.20 7.40 -2.44
N SER A 393 5.26 8.15 -2.12
CA SER A 393 6.55 8.00 -2.82
C SER A 393 7.48 7.01 -2.14
N SER A 394 7.08 6.43 -1.01
CA SER A 394 7.99 5.72 -0.14
C SER A 394 7.80 4.22 -0.15
N ARG A 395 6.92 3.68 -0.99
CA ARG A 395 6.59 2.26 -0.86
C ARG A 395 7.79 1.35 -1.13
N ALA A 396 8.77 1.81 -1.91
CA ALA A 396 9.97 1.00 -2.08
C ALA A 396 10.92 1.08 -0.89
N ASN A 397 10.73 2.04 0.01
CA ASN A 397 11.64 2.27 1.15
C ASN A 397 11.33 1.32 2.30
N ASP A 398 12.17 0.28 2.45
CA ASP A 398 11.89 -0.77 3.42
C ASP A 398 11.97 -0.31 4.88
N ASN A 399 12.53 0.87 5.16
CA ASN A 399 12.60 1.36 6.53
C ASN A 399 11.72 2.59 6.76
N VAL A 400 10.77 2.84 5.87
CA VAL A 400 9.67 3.77 6.15
C VAL A 400 8.42 2.93 6.37
N VAL A 401 7.72 3.21 7.45
CA VAL A 401 6.51 2.50 7.86
C VAL A 401 5.59 2.24 6.68
N THR A 402 5.07 1.01 6.58
CA THR A 402 4.23 0.60 5.45
C THR A 402 2.94 1.41 5.35
N PHE A 403 2.69 1.97 4.16
CA PHE A 403 1.54 2.85 3.93
C PHE A 403 0.40 2.10 3.25
N TYR A 404 -0.70 1.88 3.98
CA TYR A 404 -1.79 1.06 3.47
C TYR A 404 -2.67 1.84 2.48
N GLY A 405 -3.04 3.06 2.82
CA GLY A 405 -3.89 3.87 1.96
C GLY A 405 -4.57 4.96 2.75
N SER A 406 -5.28 5.82 2.01
CA SER A 406 -6.03 6.92 2.61
C SER A 406 -7.52 6.85 2.30
N GLU A 407 -8.32 7.25 3.27
CA GLU A 407 -9.77 7.32 3.12
C GLU A 407 -10.28 8.64 3.66
N SER A 408 -11.12 9.31 2.88
CA SER A 408 -11.74 10.56 3.33
C SER A 408 -13.18 10.24 3.67
N ASP A 409 -13.61 10.73 4.83
CA ASP A 409 -15.02 10.76 5.22
C ASP A 409 -15.75 11.98 4.63
N GLY A 410 -15.09 12.71 3.72
CA GLY A 410 -15.57 14.00 3.25
C GLY A 410 -15.24 15.19 4.13
N SER A 411 -14.62 14.98 5.30
CA SER A 411 -14.13 16.10 6.11
C SER A 411 -13.00 15.70 7.06
N CYS A 412 -12.41 14.52 6.88
CA CYS A 412 -11.23 14.13 7.64
C CYS A 412 -10.50 13.11 6.78
N LEU A 413 -9.24 13.38 6.45
CA LEU A 413 -8.47 12.47 5.65
C LEU A 413 -7.81 11.47 6.60
N HIS A 414 -8.13 10.20 6.43
CA HIS A 414 -7.62 9.14 7.29
C HIS A 414 -6.48 8.45 6.58
N VAL A 415 -5.25 8.64 7.09
CA VAL A 415 -4.04 8.02 6.56
C VAL A 415 -3.73 6.78 7.38
N CYS A 416 -3.60 5.63 6.71
CA CYS A 416 -3.51 4.34 7.39
C CYS A 416 -2.13 3.70 7.23
N LEU A 417 -1.51 3.34 8.36
CA LEU A 417 -0.11 2.93 8.40
C LEU A 417 0.05 1.56 9.05
N ALA A 418 1.21 0.94 8.81
CA ALA A 418 1.57 -0.27 9.52
C ALA A 418 1.57 -0.01 11.03
N LEU A 419 1.14 -1.00 11.81
CA LEU A 419 0.98 -0.84 13.26
C LEU A 419 2.22 -1.34 14.01
N CYS A 420 3.09 -0.43 14.39
CA CYS A 420 4.29 -0.84 15.11
C CYS A 420 4.01 -0.98 16.59
N GLU A 421 4.98 -1.56 17.30
CA GLU A 421 4.78 -1.85 18.71
C GLU A 421 5.31 -0.76 19.64
N TYR A 422 6.40 -0.09 19.28
CA TYR A 422 7.03 0.81 20.23
C TYR A 422 7.69 1.98 19.52
N THR A 423 7.58 3.17 20.11
CA THR A 423 8.50 4.23 19.74
C THR A 423 9.93 3.83 20.12
N LEU A 424 10.90 4.39 19.41
CA LEU A 424 12.29 4.17 19.79
C LEU A 424 12.55 4.50 21.28
N GLN A 425 11.98 5.60 21.79
CA GLN A 425 12.24 5.93 23.19
C GLN A 425 11.71 4.85 24.13
N GLU A 426 10.54 4.30 23.80
CA GLU A 426 10.03 3.19 24.60
C GLU A 426 10.93 1.97 24.47
N HIS A 427 11.35 1.67 23.24
CA HIS A 427 12.13 0.48 22.98
C HIS A 427 13.45 0.47 23.76
N LEU A 428 14.19 1.60 23.74
CA LEU A 428 15.43 1.69 24.51
C LEU A 428 15.16 1.50 26.01
N ALA A 429 14.02 2.02 26.47
CA ALA A 429 13.69 1.89 27.88
C ALA A 429 13.43 0.44 28.26
N ASN A 430 12.70 -0.30 27.42
CA ASN A 430 12.43 -1.71 27.71
C ASN A 430 13.70 -2.56 27.70
N HIS A 431 14.69 -2.21 26.89
CA HIS A 431 15.91 -3.00 26.80
C HIS A 431 17.08 -2.37 27.55
N ARG A 432 16.82 -1.36 28.37
CA ARG A 432 17.91 -0.65 29.04
C ARG A 432 18.63 -1.53 30.05
N GLY A 433 17.90 -2.43 30.71
CA GLY A 433 18.53 -3.29 31.68
C GLY A 433 19.16 -4.54 31.10
N ASP A 434 19.19 -4.64 29.77
CA ASP A 434 19.66 -5.86 29.09
C ASP A 434 21.18 -5.98 29.12
N ALA A 435 21.89 -4.88 28.88
CA ALA A 435 23.34 -4.86 28.74
C ALA A 435 24.06 -4.58 30.06
N VAL A 436 25.14 -5.32 30.30
CA VAL A 436 26.08 -4.96 31.37
C VAL A 436 26.82 -3.68 30.98
N PRO A 437 27.12 -2.79 31.93
CA PRO A 437 27.54 -1.42 31.60
C PRO A 437 28.64 -1.21 30.54
N ASN A 438 29.61 -2.10 30.33
CA ASN A 438 30.45 -1.94 29.14
C ASN A 438 30.50 -3.23 28.33
N GLU A 439 29.49 -3.39 27.51
CA GLU A 439 29.41 -4.41 26.49
C GLU A 439 29.34 -3.72 25.16
N GLU A 440 29.74 -4.44 24.11
CA GLU A 440 29.65 -3.89 22.77
C GLU A 440 28.16 -3.70 22.44
N ASP A 441 27.81 -2.50 21.95
CA ASP A 441 26.42 -2.15 21.68
C ASP A 441 26.12 -2.41 20.20
N GLU A 442 25.89 -3.69 19.89
CA GLU A 442 25.43 -4.06 18.55
C GLU A 442 24.04 -3.48 18.27
N SER A 443 23.19 -3.40 19.28
CA SER A 443 21.85 -2.84 19.10
C SER A 443 21.91 -1.43 18.53
N ALA A 444 22.77 -0.58 19.08
CA ALA A 444 22.86 0.80 18.61
C ALA A 444 23.25 0.84 17.13
N ARG A 445 24.21 0.01 16.74
CA ARG A 445 24.64 -0.03 15.35
C ARG A 445 23.50 -0.46 14.44
N ASN A 446 22.70 -1.44 14.87
CA ASN A 446 21.64 -1.97 14.00
C ASN A 446 20.55 -0.94 13.80
N ILE A 447 20.10 -0.29 14.89
CA ILE A 447 19.08 0.74 14.81
C ILE A 447 19.54 1.89 13.91
N LEU A 448 20.75 2.40 14.16
CA LEU A 448 21.19 3.59 13.43
C LEU A 448 21.39 3.32 11.94
N SER A 449 21.90 2.14 11.57
CA SER A 449 22.12 1.88 10.16
C SER A 449 20.78 1.86 9.42
N SER A 450 19.78 1.20 10.02
CA SER A 450 18.42 1.24 9.48
C SER A 450 17.94 2.68 9.29
N LEU A 451 18.11 3.53 10.31
CA LEU A 451 17.78 4.94 10.14
C LEU A 451 18.57 5.54 8.98
N PHE A 452 19.87 5.25 8.91
CA PHE A 452 20.69 5.78 7.83
C PHE A 452 20.16 5.36 6.46
N LYS A 453 19.82 4.09 6.30
CA LYS A 453 19.21 3.68 5.03
C LYS A 453 17.92 4.45 4.77
N ALA A 454 17.00 4.46 5.74
CA ALA A 454 15.69 5.08 5.52
C ALA A 454 15.81 6.56 5.15
N ILE A 455 16.66 7.31 5.83
CA ILE A 455 16.73 8.73 5.48
C ILE A 455 17.41 8.89 4.14
N GLY A 456 18.37 8.04 3.82
CA GLY A 456 19.03 8.14 2.54
C GLY A 456 18.08 7.80 1.40
N GLU A 457 17.33 6.70 1.56
CA GLU A 457 16.37 6.33 0.53
C GLU A 457 15.24 7.35 0.43
N LEU A 458 14.82 7.92 1.57
CA LEU A 458 13.83 9.00 1.53
C LEU A 458 14.37 10.18 0.74
N HIS A 459 15.63 10.55 0.99
CA HIS A 459 16.24 11.69 0.30
C HIS A 459 16.33 11.41 -1.18
N ARG A 460 16.67 10.18 -1.56
CA ARG A 460 16.76 9.81 -2.97
C ARG A 460 15.40 9.91 -3.66
N SER A 461 14.31 9.66 -2.94
CA SER A 461 12.98 9.82 -3.52
C SER A 461 12.54 11.27 -3.56
N GLY A 462 13.37 12.20 -3.10
CA GLY A 462 13.10 13.62 -3.25
C GLY A 462 12.45 14.32 -2.07
N TYR A 463 12.31 13.64 -0.92
CA TYR A 463 11.68 14.21 0.26
C TYR A 463 12.67 14.29 1.43
N SER A 464 12.48 15.30 2.28
CA SER A 464 13.22 15.45 3.52
C SER A 464 12.23 15.44 4.67
N HIS A 465 12.58 14.75 5.76
CA HIS A 465 11.60 14.46 6.79
C HIS A 465 11.22 15.72 7.56
N GLN A 466 12.21 16.52 7.94
CA GLN A 466 12.07 17.85 8.50
C GLN A 466 11.77 17.85 10.01
N ASP A 467 11.45 16.72 10.63
CA ASP A 467 11.15 16.74 12.07
C ASP A 467 11.62 15.44 12.73
N LEU A 468 12.83 14.99 12.38
CA LEU A 468 13.36 13.75 12.92
C LEU A 468 13.56 13.86 14.43
N GLN A 469 13.09 12.85 15.14
CA GLN A 469 12.98 12.92 16.58
C GLN A 469 12.64 11.51 17.05
N PRO A 470 12.99 11.12 18.27
CA PRO A 470 12.81 9.70 18.64
C PRO A 470 11.36 9.24 18.62
N GLN A 471 10.41 10.16 18.83
CA GLN A 471 9.00 9.77 18.81
C GLN A 471 8.47 9.48 17.42
N ASN A 472 9.16 9.89 16.34
CA ASN A 472 8.82 9.55 14.95
C ASN A 472 9.46 8.28 14.44
N ILE A 473 10.32 7.65 15.23
CA ILE A 473 11.02 6.43 14.82
C ILE A 473 10.37 5.28 15.57
N LEU A 474 10.02 4.24 14.84
CA LEU A 474 9.22 3.16 15.39
C LEU A 474 9.99 1.85 15.33
N ILE A 475 9.62 0.94 16.22
CA ILE A 475 10.18 -0.41 16.32
C ILE A 475 9.02 -1.38 16.28
N ASP A 476 9.15 -2.42 15.48
CA ASP A 476 8.02 -3.33 15.28
C ASP A 476 8.18 -4.54 16.19
N SER A 477 7.32 -5.55 15.98
CA SER A 477 7.37 -6.74 16.82
C SER A 477 8.66 -7.54 16.63
N LYS A 478 9.37 -7.35 15.51
CA LYS A 478 10.59 -8.09 15.20
C LYS A 478 11.81 -7.18 15.23
N ASN A 479 11.74 -6.18 16.10
CA ASN A 479 12.86 -5.33 16.48
C ASN A 479 13.49 -4.62 15.28
N GLY A 480 12.72 -4.42 14.19
CA GLY A 480 13.10 -3.53 13.09
C GLY A 480 12.71 -2.07 13.33
N THR A 481 13.49 -1.14 12.76
CA THR A 481 13.22 0.28 12.91
C THR A 481 12.66 0.89 11.62
N PHE A 482 11.77 1.87 11.77
CA PHE A 482 10.98 2.42 10.68
C PHE A 482 10.74 3.90 10.93
N LEU A 483 10.78 4.69 9.85
CA LEU A 483 10.47 6.12 9.95
C LEU A 483 8.97 6.43 9.81
N ALA A 484 8.53 7.55 10.39
CA ALA A 484 7.13 7.96 10.30
C ALA A 484 7.03 9.47 10.52
N ASP A 485 5.79 9.98 10.42
CA ASP A 485 5.46 11.40 10.55
C ASP A 485 6.06 12.26 9.42
N PHE A 486 5.49 12.08 8.25
CA PHE A 486 5.88 12.93 7.13
C PHE A 486 4.99 14.15 7.02
N ASP A 487 4.18 14.41 8.06
CA ASP A 487 3.29 15.57 8.07
C ASP A 487 4.02 16.90 7.95
N LYS A 488 5.33 16.97 8.24
CA LYS A 488 6.09 18.20 8.02
C LYS A 488 7.14 18.04 6.93
N SER A 489 7.10 16.92 6.19
CA SER A 489 8.05 16.68 5.13
C SER A 489 7.83 17.66 3.98
N ILE A 490 8.85 17.77 3.13
CA ILE A 490 8.84 18.67 1.99
C ILE A 490 9.60 18.01 0.86
N LYS A 491 9.19 18.28 -0.38
CA LYS A 491 10.01 17.95 -1.53
C LYS A 491 11.22 18.87 -1.54
N TRP A 492 12.44 18.31 -1.44
CA TRP A 492 13.54 19.17 -1.03
C TRP A 492 14.19 19.94 -2.18
N ALA A 493 13.89 19.63 -3.43
CA ALA A 493 14.38 20.46 -4.53
C ALA A 493 14.04 21.93 -4.29
N GLU A 494 12.89 22.18 -3.64
CA GLU A 494 12.46 23.54 -3.36
C GLU A 494 13.48 24.32 -2.54
N ASP A 495 14.18 23.64 -1.60
CA ASP A 495 15.19 24.29 -0.79
C ASP A 495 16.24 23.26 -0.42
N PRO A 496 17.25 23.04 -1.26
CA PRO A 496 18.15 21.90 -1.06
C PRO A 496 19.03 22.05 0.17
N GLN A 497 19.09 23.23 0.78
CA GLN A 497 19.72 23.28 2.08
C GLN A 497 18.97 22.61 3.20
N LYS A 498 17.65 22.54 3.15
CA LYS A 498 17.00 22.06 4.35
C LYS A 498 17.26 20.59 4.58
N ILE A 499 17.87 19.90 3.60
CA ILE A 499 18.31 18.53 3.82
C ILE A 499 19.16 18.47 5.09
N LYS A 500 19.98 19.51 5.33
CA LYS A 500 20.94 19.44 6.41
C LYS A 500 20.29 19.50 7.78
N ARG A 501 18.99 19.78 7.83
CA ARG A 501 18.25 19.66 9.09
C ARG A 501 18.07 18.18 9.46
N ASP A 502 17.73 17.34 8.47
CA ASP A 502 17.68 15.90 8.70
C ASP A 502 19.03 15.36 9.15
N LEU A 503 20.12 15.85 8.57
CA LEU A 503 21.39 15.24 8.88
C LEU A 503 21.85 15.63 10.27
N GLU A 504 21.53 16.86 10.69
CA GLU A 504 21.84 17.26 12.05
C GLU A 504 21.03 16.45 13.06
N ALA A 505 19.73 16.28 12.79
CA ALA A 505 18.92 15.47 13.68
C ALA A 505 19.49 14.06 13.80
N LEU A 506 19.99 13.51 12.69
CA LEU A 506 20.66 12.22 12.75
C LEU A 506 21.87 12.26 13.68
N GLY A 507 22.55 13.39 13.75
CA GLY A 507 23.67 13.53 14.66
C GLY A 507 23.22 13.35 16.08
N LEU A 508 22.24 14.15 16.46
CA LEU A 508 21.62 14.01 17.78
C LEU A 508 21.09 12.60 17.97
N LEU A 509 20.48 12.01 16.92
CA LEU A 509 19.94 10.66 17.05
C LEU A 509 21.02 9.63 17.29
N VAL A 510 22.21 9.85 16.71
CA VAL A 510 23.34 8.96 16.96
C VAL A 510 23.71 9.00 18.44
N LEU A 511 23.91 10.20 18.98
CA LEU A 511 24.27 10.30 20.39
C LEU A 511 23.16 9.77 21.27
N TYR A 512 21.91 10.06 20.91
CA TYR A 512 20.75 9.61 21.67
C TYR A 512 20.71 8.10 21.82
N VAL A 513 20.94 7.38 20.73
CA VAL A 513 20.87 5.94 20.76
C VAL A 513 22.13 5.34 21.41
N VAL A 514 23.30 5.96 21.18
CA VAL A 514 24.51 5.42 21.78
C VAL A 514 24.46 5.58 23.30
N LYS A 515 23.86 6.66 23.78
CA LYS A 515 23.60 6.82 25.21
C LYS A 515 22.35 6.03 25.70
N LYS A 516 21.87 5.08 24.89
CA LYS A 516 20.85 4.09 25.26
C LYS A 516 19.56 4.72 25.75
N GLY A 517 19.36 6.00 25.49
CA GLY A 517 18.14 6.67 25.89
C GLY A 517 18.24 7.36 27.22
N ASP A 518 19.46 7.48 27.78
CA ASP A 518 19.64 8.05 29.10
C ASP A 518 19.60 9.57 29.08
N ILE A 519 19.92 10.16 27.93
CA ILE A 519 19.86 11.60 27.73
C ILE A 519 18.69 11.89 26.81
N SER A 520 17.79 12.77 27.25
CA SER A 520 16.64 13.12 26.41
C SER A 520 17.09 13.86 25.16
N PHE A 521 16.37 13.61 24.07
CA PHE A 521 16.61 14.31 22.80
C PHE A 521 16.57 15.81 22.98
N GLU A 522 15.75 16.19 23.91
CA GLU A 522 15.30 17.50 24.23
C GLU A 522 16.39 18.27 24.96
N THR A 523 17.20 17.55 25.72
CA THR A 523 18.48 18.09 26.18
C THR A 523 19.42 18.24 24.99
N LEU A 524 19.47 17.20 24.17
CA LEU A 524 20.34 17.17 23.01
C LEU A 524 20.03 18.31 22.06
N LYS A 525 18.74 18.67 21.91
CA LYS A 525 18.41 19.76 21.02
C LYS A 525 18.85 21.10 21.60
N ASN A 526 19.08 21.18 22.90
CA ASN A 526 19.53 22.42 23.52
C ASN A 526 21.04 22.54 23.60
N GLN A 527 21.77 21.45 23.38
CA GLN A 527 23.21 21.55 23.41
C GLN A 527 23.72 22.14 22.11
N SER A 528 24.90 22.74 22.18
CA SER A 528 25.60 23.20 20.99
C SER A 528 26.28 22.03 20.30
N PHE A 529 26.66 22.23 19.05
CA PHE A 529 27.37 21.18 18.33
C PHE A 529 28.55 20.68 19.15
N GLU A 530 29.31 21.59 19.76
CA GLU A 530 30.48 21.13 20.50
C GLU A 530 30.03 20.31 21.70
N GLU A 531 28.93 20.72 22.35
CA GLU A 531 28.46 19.98 23.51
C GLU A 531 27.97 18.58 23.14
N VAL A 532 27.54 18.40 21.89
CA VAL A 532 27.19 17.05 21.45
C VAL A 532 28.43 16.25 21.09
N ILE A 533 29.42 16.89 20.47
CA ILE A 533 30.67 16.18 20.20
C ILE A 533 31.37 15.80 21.49
N GLN A 534 31.53 16.76 22.40
CA GLN A 534 32.24 16.49 23.66
C GLN A 534 31.51 15.47 24.51
N GLY A 535 30.18 15.46 24.46
CA GLY A 535 29.41 14.50 25.22
C GLY A 535 29.42 13.09 24.66
N SER A 536 30.23 12.83 23.63
CA SER A 536 30.17 11.52 23.01
C SER A 536 31.16 10.56 23.68
N PRO A 537 30.78 9.29 23.84
CA PRO A 537 31.65 8.37 24.60
C PRO A 537 32.92 7.95 23.89
N ASP A 538 33.05 8.10 22.57
CA ASP A 538 34.23 7.58 21.88
C ASP A 538 34.51 8.36 20.60
N GLU A 539 35.68 8.06 19.99
CA GLU A 539 36.11 8.73 18.76
C GLU A 539 35.29 8.32 17.54
N GLU A 540 34.85 7.06 17.46
CA GLU A 540 33.99 6.66 16.34
C GLU A 540 32.73 7.52 16.31
N THR A 541 32.06 7.63 17.46
CA THR A 541 30.82 8.38 17.54
C THR A 541 31.05 9.87 17.32
N ARG A 542 32.16 10.40 17.87
CA ARG A 542 32.48 11.81 17.66
C ARG A 542 32.66 12.09 16.18
N ASP A 543 33.46 11.26 15.50
CA ASP A 543 33.76 11.52 14.10
C ASP A 543 32.50 11.41 13.25
N LEU A 544 31.70 10.36 13.47
CA LEU A 544 30.52 10.16 12.65
C LEU A 544 29.58 11.36 12.73
N ILE A 545 29.31 11.82 13.96
CA ILE A 545 28.44 12.98 14.16
C ILE A 545 29.02 14.21 13.47
N HIS A 546 30.35 14.38 13.55
CA HIS A 546 30.97 15.54 12.92
C HIS A 546 30.70 15.57 11.42
N HIS A 547 30.69 14.41 10.77
CA HIS A 547 30.41 14.37 9.34
C HIS A 547 28.96 14.63 9.03
N LEU A 548 28.03 14.24 9.92
CA LEU A 548 26.63 14.56 9.68
C LEU A 548 26.39 16.06 9.80
N PHE A 549 27.11 16.73 10.72
CA PHE A 549 26.98 18.18 10.85
C PHE A 549 27.78 18.94 9.80
N HIS A 550 28.64 18.25 9.04
CA HIS A 550 29.48 18.89 8.02
C HIS A 550 29.60 17.97 6.81
N PRO A 551 28.54 17.87 6.00
CA PRO A 551 28.57 16.93 4.87
C PRO A 551 29.04 17.54 3.55
N GLY A 552 29.15 16.73 2.50
CA GLY A 552 29.61 17.20 1.20
C GLY A 552 28.78 16.75 0.00
N GLU A 556 24.06 14.27 -3.06
CA GLU A 556 23.00 14.16 -2.06
C GLU A 556 22.91 12.74 -1.52
N ASP A 557 23.93 11.92 -1.79
CA ASP A 557 23.97 10.53 -1.31
C ASP A 557 25.07 10.31 -0.26
N ARG A 558 25.15 11.22 0.71
CA ARG A 558 26.23 11.11 1.67
C ARG A 558 25.94 10.03 2.72
N LEU A 559 24.67 9.76 3.00
CA LEU A 559 24.36 8.84 4.09
C LEU A 559 24.78 7.42 3.80
N SER A 560 24.61 6.96 2.56
CA SER A 560 24.97 5.58 2.23
C SER A 560 26.46 5.33 2.39
N SER A 561 27.32 6.32 2.11
CA SER A 561 28.75 6.10 2.29
C SER A 561 29.12 6.01 3.77
N LEU A 562 28.46 6.79 4.64
CA LEU A 562 28.83 6.70 6.05
C LEU A 562 28.43 5.37 6.69
N LEU A 563 27.67 4.50 6.01
CA LEU A 563 27.44 3.18 6.59
C LEU A 563 28.72 2.36 6.62
N ALA A 564 29.78 2.81 5.96
CA ALA A 564 31.08 2.14 6.01
C ALA A 564 32.01 2.77 7.03
N HIS A 565 31.54 3.78 7.77
CA HIS A 565 32.32 4.43 8.81
C HIS A 565 32.64 3.44 9.94
N PRO A 566 33.81 3.55 10.56
CA PRO A 566 34.16 2.52 11.56
C PRO A 566 33.18 2.48 12.73
N PHE A 567 32.41 3.55 12.94
CA PHE A 567 31.29 3.49 13.88
C PHE A 567 30.45 2.23 13.70
N PHE A 568 30.20 1.82 12.45
CA PHE A 568 29.41 0.63 12.20
C PHE A 568 30.24 -0.65 12.15
N TRP A 569 31.59 -0.57 12.30
CA TRP A 569 32.41 -1.78 12.39
C TRP A 569 32.32 -2.36 13.80
N SER A 570 32.03 -3.66 13.88
CA SER A 570 32.13 -4.43 15.12
C SER A 570 33.55 -4.36 15.70
N TRP A 571 33.66 -4.66 16.99
CA TRP A 571 34.97 -4.64 17.64
C TRP A 571 35.92 -5.66 17.04
N GLU A 572 35.42 -6.88 16.76
CA GLU A 572 36.25 -7.86 16.09
C GLU A 572 36.72 -7.33 14.74
N SER A 573 35.81 -6.71 13.97
CA SER A 573 36.21 -6.17 12.68
C SER A 573 37.29 -5.11 12.81
N ARG A 574 37.18 -4.25 13.82
CA ARG A 574 38.18 -3.19 13.98
C ARG A 574 39.55 -3.78 14.30
N TYR A 575 39.56 -4.76 15.21
CA TYR A 575 40.79 -5.46 15.56
C TYR A 575 41.31 -6.30 14.39
N ARG A 576 40.39 -6.94 13.65
CA ARG A 576 40.76 -7.63 12.41
C ARG A 576 41.42 -6.69 11.41
N THR A 577 41.01 -5.42 11.37
CA THR A 577 41.58 -4.54 10.36
C THR A 577 42.98 -4.08 10.72
N LEU A 578 43.21 -3.72 12.00
CA LEU A 578 44.55 -3.38 12.47
C LEU A 578 45.50 -4.57 12.36
N ARG A 579 45.06 -5.76 12.75
CA ARG A 579 45.88 -6.94 12.53
C ARG A 579 46.25 -7.07 11.05
N ASP A 580 45.31 -6.79 10.15
CA ASP A 580 45.61 -7.01 8.74
C ASP A 580 46.54 -5.94 8.21
N VAL A 581 46.30 -4.67 8.55
CA VAL A 581 47.22 -3.62 8.15
C VAL A 581 48.60 -3.88 8.71
N GLY A 582 48.66 -4.32 9.98
CA GLY A 582 49.91 -4.68 10.63
C GLY A 582 50.63 -5.83 9.99
N ASN A 583 50.00 -6.53 9.03
CA ASN A 583 50.63 -7.59 8.27
C ASN A 583 51.16 -7.17 6.90
N GLU A 584 51.01 -5.92 6.48
CA GLU A 584 51.55 -5.54 5.18
C GLU A 584 53.08 -5.60 5.21
N SER A 585 53.67 -6.13 4.13
CA SER A 585 55.10 -6.45 4.12
C SER A 585 55.99 -5.29 4.54
N ASP A 586 55.69 -4.08 4.06
CA ASP A 586 56.56 -2.94 4.37
C ASP A 586 56.37 -2.43 5.79
N ILE A 587 55.38 -2.91 6.52
CA ILE A 587 55.32 -2.57 7.94
C ILE A 587 56.19 -3.52 8.75
N LYS A 588 56.18 -4.81 8.40
CA LYS A 588 56.95 -5.78 9.15
C LYS A 588 58.45 -5.56 8.97
N THR A 589 58.90 -5.23 7.75
CA THR A 589 60.31 -4.90 7.51
C THR A 589 60.65 -3.43 7.74
N ARG A 590 59.68 -2.62 8.16
CA ARG A 590 59.87 -1.18 8.36
C ARG A 590 60.55 -0.51 7.17
N ASN A 591 60.03 -0.79 5.98
CA ASN A 591 60.54 -0.14 4.78
C ASN A 591 60.11 1.33 4.82
N GLN A 592 61.03 2.20 5.20
CA GLN A 592 60.70 3.56 5.62
C GLN A 592 60.05 4.39 4.51
N ASN A 593 60.50 4.20 3.27
CA ASN A 593 59.99 4.98 2.14
C ASN A 593 58.88 4.30 1.34
N SER A 594 58.35 3.16 1.81
CA SER A 594 57.26 2.51 1.10
C SER A 594 56.00 3.39 1.14
N ARG A 595 55.03 3.04 0.32
CA ARG A 595 53.82 3.85 0.27
C ARG A 595 52.95 3.69 1.51
N ILE A 596 52.90 2.48 2.10
CA ILE A 596 51.95 2.22 3.19
C ILE A 596 52.27 3.09 4.41
N LEU A 597 53.54 3.16 4.81
CA LEU A 597 53.85 3.99 5.96
C LEU A 597 54.19 5.43 5.57
N GLN A 598 54.36 5.72 4.28
CA GLN A 598 54.32 7.13 3.88
C GLN A 598 52.93 7.69 4.11
N LEU A 599 51.91 6.85 3.93
CA LEU A 599 50.52 7.23 4.19
C LEU A 599 50.24 7.39 5.67
N LEU A 600 51.05 6.76 6.53
CA LEU A 600 50.75 6.64 7.94
C LEU A 600 51.36 7.73 8.82
N GLN A 601 52.24 8.61 8.33
CA GLN A 601 52.68 9.61 9.32
C GLN A 601 52.55 11.03 8.74
N PRO A 602 51.75 11.94 9.38
CA PRO A 602 52.10 13.36 9.49
C PRO A 602 52.83 13.57 10.80
N SER A 605 52.04 19.25 11.40
CA SER A 605 50.68 19.29 10.88
C SER A 605 49.69 18.66 11.87
N GLU A 606 49.62 17.33 11.91
CA GLU A 606 48.65 16.66 12.78
C GLU A 606 48.97 16.89 14.25
N LEU A 607 47.92 16.90 15.06
CA LEU A 607 48.04 16.94 16.51
C LEU A 607 48.63 15.62 17.02
N SER A 608 48.86 15.56 18.32
CA SER A 608 49.46 14.38 18.92
C SER A 608 48.35 13.41 19.28
N THR A 609 48.64 12.12 19.12
CA THR A 609 47.68 11.07 19.35
C THR A 609 47.98 10.36 20.67
N SER A 610 47.04 9.53 21.11
CA SER A 610 47.25 8.75 22.33
C SER A 610 48.26 7.63 22.15
N PHE A 611 48.66 7.30 20.92
CA PHE A 611 49.57 6.20 20.67
C PHE A 611 50.96 6.65 20.25
N ALA A 612 51.23 7.96 20.26
CA ALA A 612 52.61 8.39 20.29
C ALA A 612 53.22 7.92 21.60
N GLN A 613 54.46 7.44 21.55
CA GLN A 613 55.11 6.92 22.75
C GLN A 613 54.36 5.71 23.33
N TRP A 614 53.72 4.91 22.45
CA TRP A 614 52.80 3.86 22.89
C TRP A 614 53.49 2.75 23.66
N THR A 615 54.77 2.49 23.37
CA THR A 615 55.50 1.43 24.08
C THR A 615 55.57 1.67 25.58
N THR A 616 55.39 2.91 26.03
CA THR A 616 55.36 3.21 27.46
C THR A 616 53.96 3.16 28.07
N LYS A 617 52.98 2.58 27.37
CA LYS A 617 51.67 2.37 27.97
C LYS A 617 51.22 0.93 27.78
N ILE A 618 52.16 0.00 27.68
CA ILE A 618 51.87 -1.42 27.72
C ILE A 618 52.54 -2.01 28.96
N ASP A 619 51.86 -2.97 29.62
CA ASP A 619 52.42 -3.59 30.82
C ASP A 619 53.82 -4.11 30.52
N SER A 620 54.73 -3.88 31.47
CA SER A 620 56.14 -4.16 31.23
C SER A 620 56.39 -5.63 30.89
N PHE A 621 55.50 -6.53 31.29
CA PHE A 621 55.76 -7.95 31.07
C PHE A 621 55.37 -8.36 29.64
N VAL A 622 54.13 -8.09 29.25
CA VAL A 622 53.72 -8.30 27.86
C VAL A 622 54.71 -7.63 26.90
N MET A 623 55.11 -6.39 27.22
CA MET A 623 56.06 -5.66 26.38
C MET A 623 57.35 -6.44 26.20
N GLU A 624 57.96 -6.88 27.31
CA GLU A 624 59.26 -7.53 27.21
C GLU A 624 59.13 -8.89 26.55
N GLU A 625 58.09 -9.64 26.90
CA GLU A 625 57.86 -10.96 26.30
C GLU A 625 57.82 -10.86 24.78
N MET A 626 57.27 -9.77 24.24
CA MET A 626 57.14 -9.69 22.80
C MET A 626 58.37 -9.15 22.08
N ASN A 627 59.36 -8.59 22.77
CA ASN A 627 60.56 -8.16 22.06
C ASN A 627 61.51 -9.30 21.70
N ALA A 628 61.36 -10.47 22.32
CA ALA A 628 62.15 -11.63 21.95
C ALA A 628 61.78 -12.17 20.56
N LEU A 647 63.22 -4.31 19.34
CA LEU A 647 63.25 -3.02 18.65
C LEU A 647 61.85 -2.52 18.26
N TYR A 648 60.86 -2.67 19.15
CA TYR A 648 59.56 -2.06 18.89
C TYR A 648 59.66 -0.56 19.17
N GLN A 649 59.49 0.26 18.12
CA GLN A 649 59.57 1.71 18.22
C GLN A 649 58.20 2.35 18.36
N ASP A 650 58.19 3.66 18.58
CA ASP A 650 56.98 4.46 18.76
C ASP A 650 56.35 4.92 17.45
N THR A 651 56.89 4.48 16.31
CA THR A 651 56.15 4.48 15.04
C THR A 651 54.71 3.94 15.16
N LEU A 652 53.79 4.46 14.34
CA LEU A 652 52.49 3.81 14.23
C LEU A 652 52.56 2.46 13.54
N GLY A 653 53.49 2.27 12.59
CA GLY A 653 53.65 0.97 11.95
C GLY A 653 53.91 -0.16 12.91
N ASP A 654 54.88 0.01 13.82
CA ASP A 654 55.20 -1.07 14.75
C ASP A 654 54.11 -1.29 15.79
N LEU A 655 53.27 -0.29 16.03
CA LEU A 655 52.10 -0.60 16.84
C LEU A 655 51.16 -1.52 16.05
N LEU A 656 50.96 -1.24 14.76
CA LEU A 656 50.15 -2.14 13.94
C LEU A 656 50.83 -3.49 13.83
N LYS A 657 52.16 -3.50 13.68
CA LYS A 657 52.92 -4.74 13.69
C LYS A 657 52.76 -5.46 15.02
N PHE A 658 52.87 -4.70 16.12
CA PHE A 658 52.59 -5.24 17.45
C PHE A 658 51.20 -5.89 17.47
N ILE A 659 50.18 -5.15 17.02
CA ILE A 659 48.83 -5.71 17.00
C ILE A 659 48.81 -7.01 16.20
N ARG A 660 49.43 -6.97 15.03
CA ARG A 660 49.45 -8.13 14.14
C ARG A 660 50.11 -9.32 14.82
N ASN A 661 51.28 -9.11 15.41
CA ASN A 661 52.02 -10.22 16.00
C ASN A 661 51.27 -10.82 17.18
N LEU A 662 50.78 -9.98 18.10
CA LEU A 662 50.16 -10.52 19.31
C LEU A 662 48.86 -11.22 18.98
N GLY A 663 48.15 -10.72 17.96
CA GLY A 663 46.91 -11.35 17.56
C GLY A 663 47.11 -12.79 17.14
N GLU A 664 48.26 -13.08 16.51
CA GLU A 664 48.56 -14.39 15.97
C GLU A 664 48.96 -15.39 17.02
N HIS A 665 49.48 -14.95 18.16
CA HIS A 665 50.08 -15.90 19.09
C HIS A 665 49.50 -15.87 20.51
N ILE A 666 48.61 -14.93 20.82
CA ILE A 666 47.97 -14.79 22.14
C ILE A 666 47.61 -16.12 22.77
N ASN A 667 47.07 -17.04 21.97
CA ASN A 667 46.43 -18.23 22.52
C ASN A 667 47.37 -19.42 22.63
N GLU A 668 48.64 -19.24 22.31
CA GLU A 668 49.59 -20.34 22.48
C GLU A 668 49.86 -20.54 23.96
N GLN A 669 50.51 -21.66 24.29
CA GLN A 669 50.62 -22.05 25.68
C GLN A 669 51.84 -21.42 26.35
N LYS A 670 52.84 -21.02 25.57
CA LYS A 670 53.91 -20.21 26.12
C LYS A 670 53.44 -18.81 26.51
N ASN A 671 52.27 -18.37 26.07
CA ASN A 671 51.87 -16.98 26.29
C ASN A 671 50.62 -16.87 27.16
N LYS A 672 50.38 -17.81 28.06
CA LYS A 672 49.18 -17.71 28.88
C LYS A 672 49.22 -16.54 29.84
N LYS A 673 50.35 -16.33 30.53
CA LYS A 673 50.48 -15.16 31.40
C LYS A 673 50.16 -13.86 30.66
N MET A 674 50.75 -13.63 29.48
CA MET A 674 50.47 -12.43 28.70
C MET A 674 49.02 -12.38 28.19
N LYS A 675 48.41 -13.54 27.88
CA LYS A 675 47.00 -13.54 27.51
C LYS A 675 46.15 -12.95 28.63
N SER A 676 46.60 -13.14 29.87
CA SER A 676 45.80 -12.75 31.03
C SER A 676 45.91 -11.27 31.38
N ILE A 677 47.02 -10.61 31.06
CA ILE A 677 47.04 -9.18 31.37
C ILE A 677 46.25 -8.41 30.33
N ILE A 678 46.21 -8.90 29.08
CA ILE A 678 45.59 -8.13 28.00
C ILE A 678 44.10 -8.36 27.94
N GLY A 679 43.64 -9.55 28.35
CA GLY A 679 42.23 -9.88 28.20
C GLY A 679 41.89 -10.04 26.74
N GLU A 680 40.65 -9.67 26.41
CA GLU A 680 40.21 -9.59 25.03
C GLU A 680 41.03 -8.53 24.30
N PRO A 681 41.78 -8.90 23.26
CA PRO A 681 42.71 -7.93 22.66
C PRO A 681 42.04 -6.73 21.98
N SER A 682 40.91 -6.93 21.28
CA SER A 682 40.27 -5.79 20.62
C SER A 682 39.89 -4.70 21.61
N GLN A 683 39.17 -5.07 22.67
CA GLN A 683 38.84 -4.11 23.72
C GLN A 683 40.09 -3.48 24.31
N TYR A 684 41.15 -4.27 24.50
CA TYR A 684 42.36 -3.75 25.12
C TYR A 684 42.93 -2.59 24.32
N PHE A 685 43.16 -2.81 23.01
CA PHE A 685 43.82 -1.78 22.22
C PHE A 685 42.93 -0.57 22.02
N GLN A 686 41.62 -0.78 21.88
CA GLN A 686 40.74 0.37 21.74
C GLN A 686 40.68 1.20 23.02
N GLU A 687 40.80 0.55 24.18
CA GLU A 687 40.76 1.31 25.43
C GLU A 687 42.09 1.96 25.73
N LYS A 688 43.20 1.31 25.37
CA LYS A 688 44.51 1.92 25.56
C LYS A 688 44.85 2.99 24.52
N PHE A 689 44.24 2.96 23.34
CA PHE A 689 44.55 3.91 22.28
C PHE A 689 43.26 4.31 21.58
N PRO A 690 42.42 5.13 22.24
CA PRO A 690 41.05 5.37 21.75
C PRO A 690 40.98 5.99 20.37
N ASP A 691 42.03 6.65 19.90
CA ASP A 691 41.99 7.29 18.60
C ASP A 691 42.64 6.45 17.51
N LEU A 692 43.01 5.20 17.80
CA LEU A 692 43.74 4.40 16.82
C LEU A 692 42.87 4.08 15.61
N VAL A 693 41.71 3.44 15.82
CA VAL A 693 40.89 2.99 14.67
C VAL A 693 40.53 4.16 13.76
N MET A 694 40.06 5.25 14.34
CA MET A 694 39.76 6.44 13.53
C MET A 694 40.98 6.87 12.73
N TYR A 695 42.15 6.87 13.38
CA TYR A 695 43.35 7.39 12.74
C TYR A 695 43.74 6.54 11.54
N VAL A 696 43.69 5.22 11.69
CA VAL A 696 44.06 4.33 10.60
C VAL A 696 43.06 4.45 9.46
N TYR A 697 41.78 4.54 9.82
CA TYR A 697 40.74 4.75 8.81
C TYR A 697 41.01 5.99 8.00
N THR A 698 41.21 7.13 8.68
CA THR A 698 41.39 8.39 7.96
C THR A 698 42.59 8.33 7.01
N LYS A 699 43.71 7.73 7.45
CA LYS A 699 44.89 7.76 6.60
C LYS A 699 44.79 6.80 5.43
N LEU A 700 43.93 5.79 5.52
CA LEU A 700 43.85 4.83 4.43
C LEU A 700 42.54 4.89 3.69
N GLN A 701 41.71 5.90 3.95
CA GLN A 701 40.29 5.87 3.60
C GLN A 701 40.09 5.72 2.10
N ASN A 702 40.84 6.46 1.29
CA ASN A 702 40.66 6.38 -0.14
C ASN A 702 41.96 5.96 -0.82
N THR A 703 42.60 4.96 -0.24
CA THR A 703 43.84 4.38 -0.75
C THR A 703 43.60 2.91 -1.07
N GLU A 704 44.60 2.29 -1.69
CA GLU A 704 44.50 0.87 -2.01
C GLU A 704 44.38 0.01 -0.75
N TYR A 705 44.87 0.52 0.38
CA TYR A 705 44.82 -0.19 1.64
C TYR A 705 43.43 -0.14 2.28
N MET A 706 42.50 0.62 1.68
CA MET A 706 41.08 0.48 1.98
C MET A 706 40.63 -0.98 1.98
N LYS A 707 41.36 -1.87 1.29
CA LYS A 707 40.98 -3.27 1.23
C LYS A 707 41.02 -3.96 2.59
N HIS A 708 41.80 -3.47 3.54
CA HIS A 708 41.81 -4.15 4.83
C HIS A 708 40.59 -3.82 5.69
N PHE A 709 39.83 -2.78 5.34
CA PHE A 709 38.61 -2.43 6.05
C PHE A 709 37.63 -3.60 6.00
N PRO A 710 36.74 -3.73 6.96
CA PRO A 710 35.74 -4.81 6.87
C PRO A 710 34.83 -4.53 5.70
N LYS A 711 34.24 -5.59 5.16
CA LYS A 711 33.43 -5.41 3.96
C LYS A 711 32.04 -4.93 4.34
N THR A 712 31.62 -3.81 3.73
CA THR A 712 30.38 -3.12 4.11
C THR A 712 29.38 -3.09 2.93
N LEU B 8 -26.85 -11.31 39.50
CA LEU B 8 -27.90 -12.14 38.92
C LEU B 8 -29.22 -11.38 38.70
N GLU B 9 -29.61 -10.53 39.66
CA GLU B 9 -30.91 -9.85 39.54
C GLU B 9 -30.81 -8.58 38.70
N GLU B 10 -29.60 -8.12 38.38
CA GLU B 10 -29.40 -7.04 37.43
C GLU B 10 -29.08 -7.56 36.03
N MET B 11 -28.97 -8.89 35.85
CA MET B 11 -29.19 -9.45 34.53
C MET B 11 -30.60 -9.18 34.04
N LEU B 12 -31.56 -9.06 34.96
CA LEU B 12 -32.97 -8.90 34.64
C LEU B 12 -33.38 -7.53 34.10
N THR B 13 -32.45 -6.75 33.58
CA THR B 13 -32.85 -5.57 32.82
C THR B 13 -33.15 -5.93 31.36
N GLN B 14 -32.93 -7.20 30.98
CA GLN B 14 -33.50 -7.70 29.74
C GLN B 14 -35.00 -7.47 29.70
N ALA B 15 -35.64 -7.43 30.87
CA ALA B 15 -37.10 -7.34 30.93
C ALA B 15 -37.63 -6.01 30.43
N VAL B 16 -36.83 -4.93 30.48
CA VAL B 16 -37.32 -3.63 30.02
C VAL B 16 -37.35 -3.55 28.47
N GLN B 17 -36.73 -4.49 27.74
CA GLN B 17 -36.87 -4.49 26.29
C GLN B 17 -37.82 -5.58 25.78
N GLU B 18 -38.31 -6.47 26.65
CA GLU B 18 -39.46 -7.32 26.32
C GLU B 18 -40.77 -6.56 26.45
N ALA B 19 -40.72 -5.31 26.90
CA ALA B 19 -41.84 -4.40 27.12
C ALA B 19 -42.92 -4.97 28.01
N ASP B 20 -42.62 -6.05 28.73
CA ASP B 20 -43.57 -6.59 29.68
C ASP B 20 -43.36 -5.81 30.97
N ILE B 21 -44.25 -4.82 31.17
CA ILE B 21 -44.22 -3.94 32.32
C ILE B 21 -44.33 -4.76 33.58
N GLU B 22 -45.05 -5.89 33.49
CA GLU B 22 -45.49 -6.55 34.72
C GLU B 22 -44.40 -7.30 35.44
N GLN B 23 -43.36 -7.67 34.71
CA GLN B 23 -42.11 -8.12 35.32
C GLN B 23 -41.36 -6.94 35.92
N VAL B 24 -41.37 -5.80 35.24
CA VAL B 24 -40.51 -4.68 35.60
C VAL B 24 -40.86 -4.11 36.97
N ARG B 25 -42.12 -4.21 37.39
CA ARG B 25 -42.44 -3.80 38.76
C ARG B 25 -41.77 -4.75 39.75
N GLN B 26 -41.95 -6.06 39.55
CA GLN B 26 -41.36 -7.06 40.43
C GLN B 26 -39.84 -6.91 40.52
N LEU B 27 -39.16 -6.73 39.37
CA LEU B 27 -37.70 -6.49 39.36
C LEU B 27 -37.21 -5.58 40.48
N LEU B 28 -37.80 -4.40 40.60
CA LEU B 28 -37.27 -3.42 41.54
C LEU B 28 -37.57 -3.82 42.99
N GLU B 29 -38.83 -4.17 43.28
CA GLU B 29 -39.19 -4.69 44.60
C GLU B 29 -38.25 -5.80 45.04
N ARG B 30 -37.97 -6.77 44.16
CA ARG B 30 -37.02 -7.82 44.50
C ARG B 30 -35.61 -7.28 44.77
N GLY B 31 -35.30 -6.07 44.32
CA GLY B 31 -34.01 -5.45 44.54
C GLY B 31 -33.33 -5.21 43.22
N ALA B 32 -33.42 -4.00 42.66
CA ALA B 32 -32.81 -3.76 41.37
C ALA B 32 -32.48 -2.28 41.17
N ASP B 33 -31.31 -2.03 40.58
CA ASP B 33 -30.77 -0.68 40.38
C ASP B 33 -31.28 -0.15 39.03
N ALA B 34 -32.10 0.91 39.08
CA ALA B 34 -32.66 1.49 37.87
C ALA B 34 -31.67 2.38 37.12
N ASN B 35 -30.47 2.59 37.67
CA ASN B 35 -29.44 3.33 36.97
C ASN B 35 -28.26 2.44 36.61
N PHE B 36 -28.42 1.12 36.72
CA PHE B 36 -27.36 0.22 36.27
C PHE B 36 -27.13 0.48 34.80
N GLN B 37 -25.88 0.77 34.47
CA GLN B 37 -25.49 1.07 33.10
C GLN B 37 -24.67 -0.11 32.60
N GLU B 38 -25.15 -0.75 31.54
CA GLU B 38 -24.33 -1.78 30.93
C GLU B 38 -23.01 -1.17 30.43
N GLU B 39 -21.91 -1.81 30.81
CA GLU B 39 -20.57 -1.21 30.81
C GLU B 39 -19.97 -1.05 29.41
N GLU B 40 -20.53 -1.73 28.40
CA GLU B 40 -19.97 -1.68 27.05
C GLU B 40 -20.27 -0.35 26.37
N TRP B 41 -21.53 0.06 26.36
CA TRP B 41 -21.88 1.32 25.73
C TRP B 41 -22.61 2.29 26.66
N GLY B 42 -22.85 1.90 27.92
CA GLY B 42 -23.39 2.81 28.88
C GLY B 42 -24.90 2.80 29.04
N TRP B 43 -25.58 1.81 28.48
CA TRP B 43 -27.04 1.79 28.45
C TRP B 43 -27.65 1.61 29.84
N SER B 44 -28.57 2.49 30.18
CA SER B 44 -29.39 2.40 31.38
C SER B 44 -30.79 1.92 31.03
N PRO B 45 -31.58 1.52 32.03
CA PRO B 45 -33.01 1.25 31.74
C PRO B 45 -33.76 2.46 31.18
N LEU B 46 -33.65 3.61 31.85
CA LEU B 46 -34.31 4.82 31.36
C LEU B 46 -33.80 5.20 29.97
N HIS B 47 -32.49 5.08 29.74
CA HIS B 47 -31.94 5.29 28.40
C HIS B 47 -32.65 4.41 27.39
N SER B 48 -32.62 3.09 27.63
CA SER B 48 -33.26 2.15 26.73
C SER B 48 -34.77 2.40 26.64
N ALA B 49 -35.39 2.84 27.73
CA ALA B 49 -36.83 3.06 27.71
C ALA B 49 -37.20 4.22 26.78
N VAL B 50 -36.38 5.27 26.75
CA VAL B 50 -36.73 6.45 25.99
C VAL B 50 -36.46 6.27 24.50
N GLN B 51 -35.56 5.36 24.14
CA GLN B 51 -35.36 5.06 22.73
C GLN B 51 -36.49 4.20 22.16
N MET B 52 -37.27 3.56 23.04
CA MET B 52 -38.37 2.70 22.64
C MET B 52 -39.63 3.48 22.35
N ASP B 53 -39.74 4.70 22.88
CA ASP B 53 -41.01 5.40 22.99
C ASP B 53 -42.04 4.49 23.67
N SER B 54 -41.82 4.30 24.96
CA SER B 54 -42.74 3.61 25.86
C SER B 54 -43.09 4.61 26.95
N GLU B 55 -44.24 5.26 26.81
CA GLU B 55 -44.68 6.23 27.80
C GLU B 55 -44.74 5.62 29.20
N ASP B 56 -45.07 4.33 29.30
CA ASP B 56 -45.25 3.71 30.61
C ASP B 56 -43.93 3.45 31.31
N LEU B 57 -42.89 3.00 30.59
CA LEU B 57 -41.65 2.62 31.24
C LEU B 57 -40.89 3.84 31.74
N VAL B 58 -40.93 4.93 30.99
CA VAL B 58 -40.41 6.21 31.47
C VAL B 58 -41.02 6.55 32.82
N ALA B 59 -42.34 6.44 32.93
CA ALA B 59 -43.04 6.76 34.17
C ALA B 59 -42.71 5.76 35.28
N LEU B 60 -42.59 4.47 34.94
CA LEU B 60 -42.46 3.45 35.97
C LEU B 60 -41.09 3.48 36.63
N LEU B 61 -40.05 3.86 35.90
CA LEU B 61 -38.73 3.90 36.50
C LEU B 61 -38.20 5.30 36.82
N LEU B 62 -38.93 6.37 36.47
CA LEU B 62 -38.64 7.65 37.13
C LEU B 62 -39.39 7.70 38.46
N LYS B 63 -40.46 6.91 38.57
CA LYS B 63 -41.07 6.59 39.85
C LYS B 63 -40.04 6.02 40.81
N HIS B 64 -39.01 5.36 40.28
CA HIS B 64 -37.95 4.75 41.09
C HIS B 64 -36.58 5.41 40.92
N GLY B 65 -36.55 6.68 40.50
CA GLY B 65 -35.34 7.48 40.63
C GLY B 65 -34.29 7.35 39.54
N ALA B 66 -34.66 6.88 38.34
CA ALA B 66 -33.69 6.87 37.26
C ALA B 66 -33.39 8.30 36.83
N ASP B 67 -32.12 8.65 36.74
CA ASP B 67 -31.76 10.05 36.49
C ASP B 67 -31.89 10.36 35.01
N PRO B 68 -32.63 11.42 34.64
CA PRO B 68 -32.72 11.81 33.23
C PRO B 68 -31.52 12.61 32.73
N CYS B 69 -30.57 12.94 33.60
CA CYS B 69 -29.30 13.54 33.22
C CYS B 69 -28.14 12.56 33.33
N LEU B 70 -28.42 11.25 33.34
CA LEU B 70 -27.39 10.24 33.38
C LEU B 70 -26.79 10.04 32.00
N ARG B 71 -25.46 10.16 31.89
CA ARG B 71 -24.81 10.08 30.59
C ARG B 71 -24.27 8.69 30.33
N LYS B 72 -24.40 8.22 29.09
CA LYS B 72 -23.74 6.98 28.71
C LYS B 72 -22.46 7.31 27.92
N ARG B 73 -21.89 6.30 27.27
CA ARG B 73 -20.48 6.36 26.84
C ARG B 73 -20.23 7.54 25.94
N ASN B 74 -21.14 7.71 25.01
CA ASN B 74 -21.33 8.75 24.05
C ASN B 74 -21.69 10.11 24.66
N GLY B 75 -22.11 10.15 25.93
CA GLY B 75 -22.46 11.38 26.63
C GLY B 75 -23.93 11.79 26.61
N ALA B 76 -24.77 11.01 25.95
CA ALA B 76 -26.17 11.35 25.76
C ALA B 76 -26.99 10.97 26.99
N THR B 77 -27.81 11.91 27.45
CA THR B 77 -28.78 11.69 28.50
C THR B 77 -30.08 11.15 27.91
N PRO B 78 -30.97 10.55 28.72
CA PRO B 78 -32.30 10.20 28.19
C PRO B 78 -33.05 11.39 27.64
N PHE B 79 -32.75 12.61 28.10
CA PHE B 79 -33.38 13.80 27.52
C PHE B 79 -32.89 14.03 26.09
N ILE B 80 -31.57 14.00 25.87
CA ILE B 80 -31.04 14.19 24.52
C ILE B 80 -31.53 13.10 23.60
N ILE B 81 -31.71 11.88 24.10
CA ILE B 81 -32.29 10.81 23.27
C ILE B 81 -33.78 11.06 23.01
N ALA B 82 -34.50 11.61 23.99
CA ALA B 82 -35.92 11.86 23.78
C ALA B 82 -36.17 12.82 22.63
N GLY B 83 -35.20 13.67 22.31
CA GLY B 83 -35.30 14.47 21.09
C GLY B 83 -35.28 13.64 19.83
N ILE B 84 -34.81 12.40 19.92
CA ILE B 84 -34.70 11.54 18.73
C ILE B 84 -35.99 10.75 18.52
N THR B 85 -36.53 10.15 19.57
CA THR B 85 -37.83 9.48 19.42
C THR B 85 -38.92 10.49 19.11
N GLY B 86 -38.81 11.71 19.63
CA GLY B 86 -39.65 12.82 19.22
C GLY B 86 -41.03 12.84 19.80
N ASN B 87 -41.33 11.94 20.74
CA ASN B 87 -42.60 11.98 21.47
C ASN B 87 -42.47 13.01 22.58
N VAL B 88 -43.19 14.13 22.47
CA VAL B 88 -42.97 15.27 23.35
C VAL B 88 -43.53 15.02 24.75
N ARG B 89 -44.32 13.96 24.95
CA ARG B 89 -44.80 13.66 26.29
C ARG B 89 -43.67 13.11 27.16
N LEU B 90 -42.72 12.39 26.56
CA LEU B 90 -41.56 11.94 27.32
C LEU B 90 -40.57 13.06 27.52
N LEU B 91 -40.60 14.09 26.67
CA LEU B 91 -39.89 15.32 26.98
C LEU B 91 -40.54 16.04 28.16
N GLN B 92 -41.88 16.03 28.23
CA GLN B 92 -42.59 16.60 29.37
C GLN B 92 -42.30 15.84 30.66
N LEU B 93 -42.17 14.51 30.58
CA LEU B 93 -42.01 13.73 31.80
C LEU B 93 -40.65 13.91 32.44
N LEU B 94 -39.60 14.19 31.65
CA LEU B 94 -38.28 14.37 32.23
C LEU B 94 -37.71 15.79 32.15
N LEU B 95 -38.43 16.76 31.57
CA LEU B 95 -37.91 18.13 31.60
C LEU B 95 -37.81 18.71 33.00
N PRO B 96 -38.82 18.58 33.90
CA PRO B 96 -38.68 19.19 35.23
C PRO B 96 -37.47 18.71 36.01
N ASN B 97 -36.74 17.70 35.54
CA ASN B 97 -35.60 17.15 36.27
C ASN B 97 -34.27 17.29 35.53
N VAL B 98 -34.19 18.10 34.46
CA VAL B 98 -32.94 18.35 33.76
C VAL B 98 -32.40 19.73 34.13
N GLU B 99 -31.08 19.80 34.33
CA GLU B 99 -30.44 21.07 34.66
C GLU B 99 -30.52 22.06 33.50
N ASP B 100 -30.25 21.60 32.29
CA ASP B 100 -30.14 22.49 31.14
C ASP B 100 -30.74 21.81 29.93
N VAL B 101 -31.66 22.50 29.25
CA VAL B 101 -32.24 21.98 28.02
C VAL B 101 -31.26 22.01 26.87
N ASN B 102 -30.13 22.72 27.04
CA ASN B 102 -29.11 22.85 26.01
C ASN B 102 -27.85 22.06 26.35
N GLU B 103 -28.02 20.91 27.02
CA GLU B 103 -26.91 20.02 27.36
C GLU B 103 -26.46 19.23 26.14
N CYS B 104 -25.15 19.22 25.89
CA CYS B 104 -24.60 18.49 24.75
C CYS B 104 -23.92 17.18 25.17
N ASP B 105 -23.98 16.18 24.29
CA ASP B 105 -23.14 15.00 24.45
C ASP B 105 -21.73 15.32 23.99
N VAL B 106 -20.84 14.33 24.00
CA VAL B 106 -19.44 14.67 23.80
C VAL B 106 -19.15 15.03 22.35
N ASN B 107 -20.07 14.75 21.44
CA ASN B 107 -19.92 15.27 20.09
C ASN B 107 -20.69 16.56 19.86
N GLY B 108 -21.52 16.97 20.83
CA GLY B 108 -22.18 18.26 20.83
C GLY B 108 -23.68 18.25 20.64
N PHE B 109 -24.29 17.10 20.37
CA PHE B 109 -25.70 17.08 19.99
C PHE B 109 -26.60 17.37 21.20
N THR B 110 -27.51 18.33 21.02
CA THR B 110 -28.53 18.67 22.01
C THR B 110 -29.85 17.99 21.65
N ALA B 111 -30.77 17.94 22.63
CA ALA B 111 -32.13 17.47 22.36
C ALA B 111 -32.74 18.17 21.16
N PHE B 112 -32.52 19.49 21.07
CA PHE B 112 -33.00 20.28 19.95
C PHE B 112 -32.37 19.84 18.63
N MET B 113 -31.04 19.66 18.60
CA MET B 113 -30.37 19.27 17.36
C MET B 113 -30.76 17.87 16.91
N GLU B 114 -31.04 16.95 17.85
CA GLU B 114 -31.47 15.61 17.48
C GLU B 114 -32.90 15.62 16.92
N ALA B 115 -33.74 16.52 17.41
CA ALA B 115 -35.06 16.70 16.81
C ALA B 115 -34.92 17.14 15.35
N ALA B 116 -33.89 17.93 15.06
CA ALA B 116 -33.66 18.34 13.68
C ALA B 116 -33.16 17.19 12.81
N VAL B 117 -32.16 16.45 13.28
CA VAL B 117 -31.62 15.33 12.50
C VAL B 117 -32.71 14.34 12.12
N TYR B 118 -33.62 14.05 13.02
CA TYR B 118 -34.62 13.02 12.79
C TYR B 118 -35.97 13.60 12.33
N GLY B 119 -36.05 14.91 12.11
CA GLY B 119 -37.25 15.53 11.58
C GLY B 119 -38.46 15.43 12.49
N ARG B 120 -38.24 15.51 13.81
CA ARG B 120 -39.32 15.36 14.79
C ARG B 120 -39.91 16.74 15.05
N VAL B 121 -40.93 17.07 14.26
CA VAL B 121 -41.35 18.45 14.06
C VAL B 121 -42.07 19.01 15.29
N GLU B 122 -42.84 18.19 16.00
CA GLU B 122 -43.50 18.73 17.19
C GLU B 122 -42.63 18.61 18.45
N ALA B 123 -41.59 17.75 18.42
CA ALA B 123 -40.62 17.78 19.52
C ALA B 123 -39.72 19.00 19.38
N LEU B 124 -39.36 19.34 18.15
CA LEU B 124 -38.69 20.59 17.82
C LEU B 124 -39.43 21.81 18.39
N ARG B 125 -40.76 21.81 18.31
CA ARG B 125 -41.52 22.99 18.76
C ARG B 125 -41.48 23.16 20.28
N PHE B 126 -41.71 22.09 21.04
CA PHE B 126 -41.67 22.18 22.51
C PHE B 126 -40.34 22.71 23.02
N LEU B 127 -39.22 22.23 22.49
CA LEU B 127 -37.95 22.66 23.04
C LEU B 127 -37.60 24.09 22.64
N TYR B 128 -38.16 24.61 21.53
CA TYR B 128 -37.86 25.99 21.15
C TYR B 128 -38.27 27.00 22.21
N GLU B 129 -39.58 27.19 22.44
CA GLU B 129 -39.94 28.20 23.42
C GLU B 129 -39.67 27.72 24.86
N ASN B 130 -39.03 26.55 25.00
CA ASN B 130 -38.54 26.09 26.29
C ASN B 130 -37.06 26.35 26.44
N GLY B 131 -36.51 27.27 25.65
CA GLY B 131 -35.19 27.83 25.87
C GLY B 131 -34.07 27.29 25.00
N ALA B 132 -34.36 26.41 24.05
CA ALA B 132 -33.29 25.85 23.24
C ALA B 132 -32.57 26.94 22.46
N ASP B 133 -31.26 26.78 22.31
CA ASP B 133 -30.40 27.74 21.63
C ASP B 133 -30.40 27.38 20.15
N VAL B 134 -31.24 28.10 19.39
CA VAL B 134 -31.55 27.75 18.00
C VAL B 134 -30.31 27.83 17.11
N ASN B 135 -29.39 28.73 17.40
CA ASN B 135 -28.22 28.96 16.57
C ASN B 135 -26.96 28.35 17.15
N MET B 136 -27.08 27.52 18.18
CA MET B 136 -25.90 26.95 18.84
C MET B 136 -25.12 26.05 17.90
N HIS B 137 -23.81 26.27 17.82
CA HIS B 137 -22.91 25.35 17.14
C HIS B 137 -22.42 24.27 18.11
N ARG B 138 -22.08 23.11 17.56
CA ARG B 138 -21.75 21.94 18.36
C ARG B 138 -20.33 21.97 18.94
N LYS B 139 -20.23 21.64 20.23
CA LYS B 139 -18.95 21.52 20.92
C LYS B 139 -18.59 20.04 21.08
N THR B 140 -17.48 19.62 20.47
CA THR B 140 -17.06 18.22 20.44
C THR B 140 -15.72 18.09 21.20
N LYS B 141 -15.06 16.93 21.06
CA LYS B 141 -13.81 16.68 21.78
C LYS B 141 -12.62 17.36 21.12
N GLN B 142 -11.56 17.57 21.91
CA GLN B 142 -10.39 18.34 21.46
C GLN B 142 -9.69 17.66 20.29
N ASP B 143 -9.59 16.33 20.31
CA ASP B 143 -9.05 15.65 19.12
C ASP B 143 -9.88 15.99 17.90
N GLN B 144 -11.20 16.14 18.07
CA GLN B 144 -12.11 16.40 16.97
C GLN B 144 -12.08 17.86 16.51
N GLU B 145 -11.68 18.80 17.39
CA GLU B 145 -11.71 20.21 17.00
C GLU B 145 -10.42 20.71 16.33
N ARG B 146 -9.26 20.03 16.48
CA ARG B 146 -8.11 20.43 15.68
C ARG B 146 -8.08 19.75 14.32
N ILE B 147 -9.03 18.85 14.02
CA ILE B 147 -9.28 18.49 12.63
C ILE B 147 -10.32 19.39 12.02
N ARG B 148 -10.78 20.40 12.75
CA ARG B 148 -11.79 21.35 12.31
C ARG B 148 -13.15 20.71 12.05
N LYS B 149 -13.45 19.62 12.76
CA LYS B 149 -14.75 18.98 12.79
C LYS B 149 -15.68 19.69 13.80
N GLY B 150 -16.98 19.35 13.77
CA GLY B 150 -17.94 19.98 14.67
C GLY B 150 -18.27 21.41 14.27
N GLY B 151 -19.18 22.01 15.04
CA GLY B 151 -19.63 23.39 14.88
C GLY B 151 -20.87 23.63 14.04
N ALA B 152 -21.50 22.60 13.46
CA ALA B 152 -22.66 22.84 12.62
C ALA B 152 -23.93 23.06 13.46
N THR B 153 -24.98 23.54 12.79
CA THR B 153 -26.22 23.94 13.45
C THR B 153 -27.34 22.96 13.14
N ALA B 154 -28.42 23.08 13.92
CA ALA B 154 -29.67 22.38 13.62
C ALA B 154 -30.12 22.64 12.19
N LEU B 155 -29.97 23.88 11.72
CA LEU B 155 -30.29 24.19 10.33
C LEU B 155 -29.48 23.28 9.42
N MET B 156 -28.14 23.30 9.59
CA MET B 156 -27.28 22.44 8.78
C MET B 156 -27.72 20.99 8.87
N ASP B 157 -28.19 20.56 10.05
CA ASP B 157 -28.64 19.17 10.20
C ASP B 157 -29.90 18.90 9.42
N ALA B 158 -30.90 19.78 9.55
CA ALA B 158 -32.16 19.58 8.83
C ALA B 158 -31.94 19.62 7.33
N ALA B 159 -30.98 20.42 6.87
CA ALA B 159 -30.75 20.54 5.43
C ALA B 159 -30.20 19.26 4.84
N GLU B 160 -29.26 18.61 5.54
CA GLU B 160 -28.66 17.38 5.02
C GLU B 160 -29.61 16.20 5.12
N LYS B 161 -30.61 16.26 5.99
CA LYS B 161 -31.57 15.18 6.07
C LYS B 161 -32.88 15.52 5.37
N GLY B 162 -32.84 16.46 4.42
CA GLY B 162 -33.95 16.80 3.54
C GLY B 162 -35.19 17.30 4.23
N HIS B 163 -35.12 17.45 5.55
CA HIS B 163 -36.32 17.79 6.33
C HIS B 163 -36.68 19.24 6.01
N VAL B 164 -37.26 19.39 4.81
CA VAL B 164 -37.73 20.68 4.29
C VAL B 164 -38.70 21.33 5.27
N GLY B 165 -39.59 20.54 5.85
CA GLY B 165 -40.52 21.11 6.81
C GLY B 165 -39.78 21.71 7.97
N VAL B 166 -38.76 21.02 8.46
CA VAL B 166 -38.01 21.49 9.62
C VAL B 166 -37.23 22.75 9.29
N VAL B 167 -36.72 22.87 8.06
CA VAL B 167 -35.85 24.00 7.73
C VAL B 167 -36.60 25.32 7.78
N THR B 168 -37.80 25.37 7.20
CA THR B 168 -38.56 26.61 7.14
C THR B 168 -39.13 26.97 8.51
N ILE B 169 -39.50 25.98 9.32
CA ILE B 169 -39.94 26.28 10.68
C ILE B 169 -38.80 26.92 11.45
N LEU B 170 -37.57 26.41 11.23
CA LEU B 170 -36.39 26.92 11.92
C LEU B 170 -36.03 28.32 11.43
N LEU B 171 -36.26 28.58 10.15
CA LEU B 171 -35.82 29.82 9.56
C LEU B 171 -36.79 30.95 9.78
N HIS B 172 -38.09 30.67 9.87
CA HIS B 172 -39.14 31.68 9.96
C HIS B 172 -39.76 31.83 11.34
N ALA B 173 -40.00 30.73 12.06
CA ALA B 173 -40.60 30.81 13.38
C ALA B 173 -39.58 31.06 14.50
N MET B 174 -38.29 30.75 14.25
CA MET B 174 -37.31 30.74 15.33
C MET B 174 -35.96 31.38 15.00
N LYS B 175 -35.88 32.25 13.99
CA LYS B 175 -34.75 33.17 13.79
C LYS B 175 -33.40 32.45 13.66
N ALA B 176 -33.39 31.34 12.93
CA ALA B 176 -32.17 30.57 12.77
C ALA B 176 -31.20 31.27 11.83
N GLU B 177 -29.92 31.30 12.21
CA GLU B 177 -28.88 31.92 11.39
C GLU B 177 -28.72 31.14 10.09
N VAL B 178 -29.11 31.76 8.98
CA VAL B 178 -29.09 31.04 7.71
C VAL B 178 -27.67 30.86 7.22
N ASP B 179 -26.79 31.83 7.47
CA ASP B 179 -25.43 31.78 6.96
C ASP B 179 -24.40 31.51 8.08
N ALA B 180 -24.83 30.97 9.21
CA ALA B 180 -23.87 30.41 10.15
C ALA B 180 -22.97 29.42 9.43
N ARG B 181 -21.74 29.31 9.90
CA ARG B 181 -20.83 28.32 9.36
C ARG B 181 -20.36 27.44 10.50
N ASP B 182 -19.85 26.26 10.17
CA ASP B 182 -19.26 25.38 11.16
C ASP B 182 -17.73 25.50 11.07
N ASN B 183 -17.04 24.70 11.88
CA ASN B 183 -15.60 24.87 12.05
C ASN B 183 -14.83 24.67 10.76
N MET B 184 -15.46 24.16 9.70
CA MET B 184 -14.79 24.07 8.40
C MET B 184 -15.33 25.09 7.42
N GLY B 185 -16.16 26.03 7.87
CA GLY B 185 -16.75 27.04 7.00
C GLY B 185 -17.95 26.60 6.18
N ARG B 186 -18.29 25.31 6.17
CA ARG B 186 -19.60 24.80 5.72
C ARG B 186 -20.80 25.60 6.25
N ASN B 187 -21.63 26.15 5.35
CA ASN B 187 -22.97 26.62 5.75
C ASN B 187 -24.06 25.58 5.42
N ALA B 188 -25.29 25.92 5.80
CA ALA B 188 -26.39 24.98 5.63
C ALA B 188 -26.62 24.66 4.16
N LEU B 189 -26.47 25.67 3.30
CA LEU B 189 -26.54 25.43 1.86
C LEU B 189 -25.68 24.23 1.47
N VAL B 190 -24.44 24.17 1.95
CA VAL B 190 -23.57 23.06 1.54
C VAL B 190 -24.15 21.73 2.00
N TYR B 191 -24.55 21.63 3.27
CA TYR B 191 -25.16 20.40 3.76
C TYR B 191 -26.37 20.02 2.90
N ALA B 192 -27.17 21.01 2.49
CA ALA B 192 -28.36 20.74 1.70
C ALA B 192 -28.03 20.02 0.38
N LEU B 193 -26.96 20.42 -0.30
CA LEU B 193 -26.71 19.84 -1.62
C LEU B 193 -26.12 18.44 -1.59
N LEU B 194 -26.06 17.76 -0.45
CA LEU B 194 -25.61 16.37 -0.43
C LEU B 194 -26.73 15.38 -0.13
N ASN B 195 -27.99 15.84 -0.08
CA ASN B 195 -29.11 14.91 0.01
C ASN B 195 -29.39 14.29 -1.35
N PRO B 196 -29.43 12.96 -1.46
CA PRO B 196 -29.66 12.35 -2.79
C PRO B 196 -31.00 12.69 -3.40
N ASP B 197 -32.02 12.96 -2.59
CA ASP B 197 -33.34 13.22 -3.16
C ASP B 197 -33.38 14.63 -3.73
N ASP B 198 -33.73 14.71 -5.02
CA ASP B 198 -33.57 15.96 -5.73
C ASP B 198 -34.62 16.99 -5.34
N GLY B 199 -35.87 16.55 -5.14
CA GLY B 199 -36.90 17.48 -4.69
C GLY B 199 -36.56 18.16 -3.38
N LYS B 200 -36.17 17.37 -2.36
CA LYS B 200 -35.85 17.95 -1.06
C LYS B 200 -34.67 18.93 -1.16
N ALA B 201 -33.67 18.58 -1.96
CA ALA B 201 -32.54 19.48 -2.17
C ALA B 201 -33.00 20.84 -2.70
N LYS B 202 -33.80 20.84 -3.79
CA LYS B 202 -34.13 22.11 -4.46
C LYS B 202 -34.88 23.04 -3.53
N ALA B 203 -35.79 22.49 -2.71
CA ALA B 203 -36.64 23.32 -1.87
C ALA B 203 -35.86 23.91 -0.71
N ILE B 204 -34.94 23.14 -0.13
CA ILE B 204 -34.11 23.67 0.94
C ILE B 204 -33.16 24.75 0.42
N THR B 205 -32.72 24.60 -0.83
CA THR B 205 -31.81 25.59 -1.41
C THR B 205 -32.49 26.93 -1.60
N ARG B 206 -33.67 26.97 -2.23
CA ARG B 206 -34.41 28.24 -2.32
C ARG B 206 -34.76 28.76 -0.95
N LEU B 207 -35.14 27.86 -0.03
CA LEU B 207 -35.49 28.32 1.30
C LEU B 207 -34.28 28.88 2.03
N LEU B 208 -33.06 28.53 1.60
CA LEU B 208 -31.88 29.13 2.20
C LEU B 208 -31.33 30.29 1.38
N LEU B 209 -31.50 30.27 0.06
CA LEU B 209 -30.97 31.34 -0.78
C LEU B 209 -31.77 32.63 -0.65
N ASP B 210 -33.10 32.55 -0.57
CA ASP B 210 -33.93 33.76 -0.53
C ASP B 210 -33.66 34.56 0.74
N HIS B 211 -33.02 33.95 1.73
CA HIS B 211 -32.84 34.55 3.05
C HIS B 211 -31.41 34.97 3.34
N GLY B 212 -30.45 34.61 2.48
CA GLY B 212 -29.13 35.21 2.57
C GLY B 212 -27.96 34.25 2.73
N ALA B 213 -28.17 32.98 2.42
CA ALA B 213 -27.10 32.01 2.52
C ALA B 213 -26.01 32.35 1.50
N ASP B 214 -24.75 32.27 1.93
CA ASP B 214 -23.63 32.64 1.06
C ASP B 214 -23.53 31.63 -0.06
N VAL B 215 -23.79 32.08 -1.28
CA VAL B 215 -23.78 31.16 -2.41
C VAL B 215 -22.36 30.89 -2.88
N ASN B 216 -21.39 31.60 -2.32
CA ASN B 216 -19.98 31.36 -2.58
C ASN B 216 -19.31 30.82 -1.33
N VAL B 217 -19.72 29.62 -0.94
CA VAL B 217 -19.17 28.93 0.21
C VAL B 217 -18.33 27.76 -0.32
N ARG B 218 -17.54 27.14 0.54
CA ARG B 218 -16.83 25.95 0.11
C ARG B 218 -17.09 24.77 1.04
N GLY B 219 -17.09 23.57 0.47
CA GLY B 219 -17.29 22.33 1.17
C GLY B 219 -16.20 21.35 0.83
N GLU B 220 -16.56 20.07 0.83
CA GLU B 220 -15.59 19.01 0.57
C GLU B 220 -14.86 19.26 -0.75
N GLY B 221 -13.53 19.15 -0.69
CA GLY B 221 -12.69 19.31 -1.87
C GLY B 221 -12.71 20.69 -2.48
N SER B 222 -13.01 21.72 -1.68
CA SER B 222 -13.01 23.11 -2.12
C SER B 222 -14.02 23.36 -3.23
N LYS B 223 -15.10 22.59 -3.24
CA LYS B 223 -16.13 22.71 -4.25
C LYS B 223 -17.14 23.78 -3.87
N THR B 224 -17.38 24.70 -4.80
CA THR B 224 -18.45 25.67 -4.65
C THR B 224 -19.80 24.96 -4.77
N PRO B 225 -20.85 25.52 -4.17
CA PRO B 225 -22.21 24.98 -4.40
C PRO B 225 -22.53 24.72 -5.86
N LEU B 226 -22.21 25.67 -6.74
CA LEU B 226 -22.44 25.50 -8.17
C LEU B 226 -21.74 24.24 -8.71
N ILE B 227 -20.57 23.91 -8.17
CA ILE B 227 -19.85 22.72 -8.66
C ILE B 227 -20.51 21.44 -8.17
N LEU B 228 -20.97 21.41 -6.92
CA LEU B 228 -21.68 20.21 -6.47
C LEU B 228 -22.98 20.05 -7.25
N ALA B 229 -23.47 21.15 -7.82
CA ALA B 229 -24.69 21.08 -8.63
C ALA B 229 -24.42 20.41 -9.96
N VAL B 230 -23.37 20.82 -10.67
CA VAL B 230 -23.07 20.15 -11.94
C VAL B 230 -22.67 18.69 -11.69
N GLU B 231 -21.84 18.43 -10.68
CA GLU B 231 -21.49 17.04 -10.38
C GLU B 231 -22.69 16.23 -9.90
N ARG B 232 -23.79 16.90 -9.54
CA ARG B 232 -25.07 16.29 -9.24
C ARG B 232 -25.87 16.01 -10.51
N LYS B 233 -25.46 16.59 -11.66
CA LYS B 233 -26.18 16.50 -12.93
C LYS B 233 -27.63 16.97 -12.80
N ASN B 234 -27.83 18.05 -12.06
CA ASN B 234 -29.15 18.56 -11.73
C ASN B 234 -29.28 20.00 -12.21
N LEU B 235 -29.83 20.19 -13.42
CA LEU B 235 -29.87 21.50 -14.04
C LEU B 235 -30.71 22.51 -13.24
N ASP B 236 -31.76 22.05 -12.53
CA ASP B 236 -32.57 22.98 -11.72
C ASP B 236 -31.70 23.70 -10.68
N LEU B 237 -30.87 22.96 -9.96
CA LEU B 237 -30.02 23.59 -8.96
C LEU B 237 -29.11 24.62 -9.60
N VAL B 238 -28.54 24.29 -10.75
CA VAL B 238 -27.67 25.25 -11.45
C VAL B 238 -28.41 26.57 -11.66
N GLN B 239 -29.58 26.50 -12.32
CA GLN B 239 -30.30 27.74 -12.64
C GLN B 239 -30.75 28.48 -11.40
N MET B 240 -30.97 27.78 -10.29
CA MET B 240 -31.42 28.44 -9.08
C MET B 240 -30.28 29.22 -8.45
N LEU B 241 -29.06 28.66 -8.48
CA LEU B 241 -27.90 29.34 -7.91
C LEU B 241 -27.41 30.48 -8.81
N LEU B 242 -27.48 30.32 -10.13
CA LEU B 242 -27.14 31.44 -10.99
C LEU B 242 -28.20 32.51 -11.08
N GLU B 243 -29.24 32.43 -10.26
CA GLU B 243 -30.17 33.55 -10.17
C GLU B 243 -29.65 34.58 -9.17
N GLN B 244 -28.48 34.31 -8.58
CA GLN B 244 -27.87 35.13 -7.55
C GLN B 244 -26.79 36.04 -8.15
N GLU B 245 -26.89 37.33 -7.85
CA GLU B 245 -25.94 38.34 -8.34
C GLU B 245 -24.49 37.94 -8.07
N GLN B 246 -24.19 37.64 -6.80
CA GLN B 246 -22.82 37.47 -6.34
C GLN B 246 -22.22 36.08 -6.62
N ILE B 247 -22.84 35.25 -7.47
CA ILE B 247 -22.23 33.97 -7.82
C ILE B 247 -20.94 34.19 -8.60
N GLU B 248 -19.92 33.40 -8.25
CA GLU B 248 -18.62 33.43 -8.94
C GLU B 248 -18.57 32.23 -9.86
N VAL B 249 -18.77 32.46 -11.15
CA VAL B 249 -18.96 31.33 -12.06
C VAL B 249 -17.61 30.67 -12.38
N ASN B 250 -16.50 31.41 -12.31
CA ASN B 250 -15.25 30.73 -12.57
C ASN B 250 -14.48 30.36 -11.30
N ASP B 251 -15.17 30.02 -10.21
CA ASP B 251 -14.45 29.50 -9.05
C ASP B 251 -14.06 28.05 -9.32
N THR B 252 -12.88 27.67 -8.84
CA THR B 252 -12.26 26.38 -9.12
C THR B 252 -12.16 25.57 -7.83
N ASP B 253 -12.20 24.24 -7.97
CA ASP B 253 -12.10 23.38 -6.79
C ASP B 253 -10.63 23.16 -6.43
N ARG B 254 -10.38 22.18 -5.55
CA ARG B 254 -9.01 21.82 -5.19
C ARG B 254 -8.21 21.42 -6.42
N GLU B 255 -8.80 20.64 -7.33
CA GLU B 255 -8.05 20.15 -8.46
C GLU B 255 -8.08 21.08 -9.66
N GLY B 256 -8.46 22.34 -9.46
CA GLY B 256 -8.45 23.36 -10.49
C GLY B 256 -9.61 23.38 -11.47
N LYS B 257 -10.60 22.47 -11.37
CA LYS B 257 -11.71 22.45 -12.32
C LYS B 257 -12.77 23.46 -11.94
N THR B 258 -13.35 24.11 -12.95
CA THR B 258 -14.47 25.01 -12.76
C THR B 258 -15.78 24.30 -13.03
N ALA B 259 -16.88 24.92 -12.59
CA ALA B 259 -18.19 24.37 -12.88
C ALA B 259 -18.33 24.02 -14.35
N LEU B 260 -17.91 24.92 -15.23
CA LEU B 260 -18.06 24.67 -16.66
C LEU B 260 -17.19 23.50 -17.13
N LEU B 261 -15.92 23.44 -16.72
CA LEU B 261 -15.08 22.33 -17.17
C LEU B 261 -15.73 20.99 -16.89
N LEU B 262 -16.17 20.74 -15.65
CA LEU B 262 -16.75 19.43 -15.40
C LEU B 262 -18.05 19.24 -16.15
N ALA B 263 -18.83 20.31 -16.34
CA ALA B 263 -20.08 20.19 -17.06
C ALA B 263 -19.84 19.59 -18.44
N VAL B 264 -18.84 20.11 -19.14
CA VAL B 264 -18.43 19.49 -20.39
C VAL B 264 -18.04 18.03 -20.15
N GLU B 265 -17.09 17.78 -19.23
CA GLU B 265 -16.58 16.42 -19.00
C GLU B 265 -17.71 15.38 -18.82
N LEU B 266 -18.80 15.76 -18.16
CA LEU B 266 -19.86 14.79 -17.86
C LEU B 266 -20.96 14.81 -18.91
N ARG B 267 -20.75 15.51 -20.03
CA ARG B 267 -21.60 15.45 -21.22
C ARG B 267 -22.96 16.10 -20.95
N LEU B 268 -22.95 17.17 -20.16
CA LEU B 268 -24.15 17.89 -19.73
C LEU B 268 -24.36 19.06 -20.69
N GLU B 269 -25.11 18.82 -21.77
CA GLU B 269 -25.28 19.84 -22.80
C GLU B 269 -25.88 21.10 -22.23
N GLU B 270 -27.10 21.01 -21.68
CA GLU B 270 -27.80 22.23 -21.26
C GLU B 270 -27.05 22.91 -20.12
N ILE B 271 -26.51 22.12 -19.20
CA ILE B 271 -25.81 22.68 -18.04
C ILE B 271 -24.58 23.45 -18.50
N ALA B 272 -23.87 22.93 -19.50
CA ALA B 272 -22.74 23.67 -20.07
C ALA B 272 -23.23 24.87 -20.88
N LYS B 273 -24.24 24.64 -21.75
CA LYS B 273 -24.78 25.71 -22.58
C LYS B 273 -25.20 26.92 -21.77
N LEU B 274 -25.58 26.70 -20.51
CA LEU B 274 -26.07 27.76 -19.65
C LEU B 274 -24.96 28.47 -18.91
N LEU B 275 -23.87 27.76 -18.60
CA LEU B 275 -22.75 28.41 -17.93
C LEU B 275 -21.97 29.27 -18.90
N CYS B 276 -21.80 28.80 -20.14
CA CYS B 276 -21.22 29.64 -21.18
C CYS B 276 -22.09 30.87 -21.43
N HIS B 277 -23.41 30.70 -21.55
CA HIS B 277 -24.36 31.78 -21.81
C HIS B 277 -24.47 32.77 -20.65
N ARG B 278 -23.74 32.53 -19.56
CA ARG B 278 -23.72 33.36 -18.36
C ARG B 278 -22.26 33.68 -17.99
N GLY B 279 -21.42 33.79 -19.00
CA GLY B 279 -20.08 34.31 -18.82
C GLY B 279 -19.09 33.38 -18.15
N ALA B 280 -19.18 32.08 -18.40
CA ALA B 280 -18.15 31.17 -17.91
C ALA B 280 -16.87 31.36 -18.72
N SER B 281 -15.72 31.13 -18.05
CA SER B 281 -14.41 31.23 -18.71
C SER B 281 -14.16 30.00 -19.56
N THR B 282 -14.07 30.20 -20.87
CA THR B 282 -13.91 29.08 -21.78
C THR B 282 -12.47 28.60 -21.83
N ASN B 283 -11.53 29.33 -21.20
CA ASN B 283 -10.12 28.94 -21.24
C ASN B 283 -9.66 28.51 -19.85
N CYS B 284 -10.30 27.47 -19.31
CA CYS B 284 -9.81 26.71 -18.17
C CYS B 284 -9.36 25.30 -18.60
N GLY B 285 -8.94 25.15 -19.85
CA GLY B 285 -8.77 23.86 -20.50
C GLY B 285 -9.18 23.88 -21.96
N ASP B 286 -9.00 22.76 -22.68
CA ASP B 286 -9.41 22.64 -24.09
C ASP B 286 -10.84 22.09 -24.07
N LEU B 287 -11.82 22.98 -24.12
CA LEU B 287 -13.22 22.57 -23.92
C LEU B 287 -13.76 21.75 -25.09
N VAL B 288 -13.47 22.14 -26.33
CA VAL B 288 -14.04 21.42 -27.47
C VAL B 288 -13.55 19.97 -27.50
N ALA B 289 -12.29 19.75 -27.15
CA ALA B 289 -11.71 18.41 -27.27
C ALA B 289 -12.37 17.41 -26.33
N ILE B 290 -12.80 17.87 -25.16
CA ILE B 290 -13.49 16.98 -24.22
C ILE B 290 -14.88 16.61 -24.75
N ALA B 291 -15.64 17.59 -25.25
CA ALA B 291 -16.96 17.32 -25.82
C ALA B 291 -16.85 16.39 -27.01
N ARG B 292 -15.80 16.54 -27.81
CA ARG B 292 -15.65 15.72 -29.00
C ARG B 292 -15.34 14.27 -28.63
N ARG B 293 -14.43 14.08 -27.67
CA ARG B 293 -14.20 12.72 -27.19
C ARG B 293 -15.43 12.12 -26.55
N ASN B 294 -16.39 12.96 -26.14
CA ASN B 294 -17.63 12.47 -25.55
C ASN B 294 -18.68 12.11 -26.62
N TYR B 295 -18.33 12.23 -27.92
CA TYR B 295 -19.26 12.00 -29.03
C TYR B 295 -20.52 12.85 -28.89
N ASP B 296 -20.34 14.04 -28.35
CA ASP B 296 -21.41 14.99 -28.14
C ASP B 296 -21.19 16.14 -29.11
N SER B 297 -21.44 15.86 -30.39
CA SER B 297 -21.10 16.84 -31.41
C SER B 297 -21.94 18.10 -31.35
N ASP B 298 -23.10 18.06 -30.66
CA ASP B 298 -23.93 19.26 -30.53
C ASP B 298 -23.28 20.31 -29.63
N LEU B 299 -22.41 19.89 -28.70
CA LEU B 299 -21.65 20.84 -27.90
C LEU B 299 -20.41 21.33 -28.64
N VAL B 300 -19.78 20.42 -29.38
CA VAL B 300 -18.70 20.81 -30.27
C VAL B 300 -19.14 21.99 -31.13
N LYS B 301 -20.36 21.93 -31.66
CA LYS B 301 -20.82 23.02 -32.51
C LYS B 301 -21.04 24.29 -31.69
N PHE B 302 -21.49 24.15 -30.44
CA PHE B 302 -21.78 25.34 -29.64
C PHE B 302 -20.51 25.95 -29.07
N LEU B 303 -19.46 25.15 -28.87
CA LEU B 303 -18.30 25.70 -28.20
C LEU B 303 -17.30 26.42 -29.11
N ARG B 304 -17.30 26.12 -30.41
CA ARG B 304 -16.49 26.94 -31.31
C ARG B 304 -17.21 28.21 -31.78
N LEU B 305 -18.40 28.46 -31.26
CA LEU B 305 -19.07 29.72 -31.54
C LEU B 305 -18.82 30.71 -30.42
N HIS B 306 -18.03 30.30 -29.42
CA HIS B 306 -17.62 31.09 -28.26
C HIS B 306 -16.15 30.75 -27.93
N ASN B 318 5.44 17.03 -17.90
CA ASN B 318 6.58 17.21 -16.98
C ASN B 318 6.86 16.01 -16.04
N TRP B 319 6.01 14.98 -16.13
CA TRP B 319 6.14 13.78 -15.32
C TRP B 319 7.31 12.90 -15.77
N LYS B 320 8.04 12.36 -14.81
CA LYS B 320 9.22 11.52 -15.10
C LYS B 320 8.98 10.09 -14.65
N PRO B 321 9.05 9.11 -15.55
CA PRO B 321 8.98 7.71 -15.10
C PRO B 321 10.26 7.32 -14.40
N GLN B 322 10.15 6.29 -13.57
CA GLN B 322 11.30 5.73 -12.91
C GLN B 322 11.86 4.52 -13.63
N SER B 323 11.01 3.67 -14.19
CA SER B 323 11.54 2.54 -14.93
C SER B 323 12.23 2.98 -16.23
N SER B 324 13.28 2.26 -16.57
CA SER B 324 13.94 2.46 -17.85
C SER B 324 13.26 1.66 -18.93
N ARG B 325 13.08 0.36 -18.70
CA ARG B 325 12.48 -0.50 -19.70
C ARG B 325 11.15 0.06 -20.18
N TRP B 326 10.26 0.40 -19.23
CA TRP B 326 8.91 0.88 -19.51
C TRP B 326 8.77 2.39 -19.49
N GLY B 327 9.88 3.13 -19.43
CA GLY B 327 9.78 4.57 -19.29
C GLY B 327 8.98 5.22 -20.41
N GLU B 328 9.29 4.86 -21.66
CA GLU B 328 8.68 5.54 -22.78
C GLU B 328 7.17 5.26 -22.84
N ALA B 329 6.75 4.04 -22.54
CA ALA B 329 5.33 3.73 -22.55
C ALA B 329 4.60 4.44 -21.41
N LEU B 330 5.20 4.53 -20.23
CA LEU B 330 4.50 5.17 -19.14
C LEU B 330 4.41 6.67 -19.35
N LYS B 331 5.31 7.23 -20.16
CA LYS B 331 5.14 8.63 -20.55
C LYS B 331 3.95 8.78 -21.47
N HIS B 332 3.76 7.81 -22.36
CA HIS B 332 2.61 7.84 -23.24
C HIS B 332 1.31 7.65 -22.46
N LEU B 333 1.30 6.77 -21.46
CA LEU B 333 0.06 6.54 -20.73
C LEU B 333 -0.26 7.74 -19.84
N HIS B 334 0.77 8.41 -19.30
CA HIS B 334 0.52 9.66 -18.57
C HIS B 334 -0.02 10.74 -19.51
N ARG B 335 0.49 10.79 -20.75
CA ARG B 335 0.09 11.84 -21.68
C ARG B 335 -1.38 11.74 -22.03
N ILE B 336 -1.87 10.52 -22.33
CA ILE B 336 -3.23 10.37 -22.85
C ILE B 336 -4.26 10.57 -21.73
N TRP B 337 -5.49 10.77 -22.15
CA TRP B 337 -6.63 10.83 -21.24
C TRP B 337 -7.21 9.43 -21.03
N ARG B 338 -7.56 9.15 -19.78
CA ARG B 338 -8.24 7.91 -19.49
C ARG B 338 -9.20 8.14 -18.31
N PRO B 339 -10.32 7.45 -18.30
CA PRO B 339 -11.15 7.48 -17.09
C PRO B 339 -10.44 6.75 -15.98
N MET B 340 -10.77 7.10 -14.75
CA MET B 340 -10.10 6.48 -13.62
C MET B 340 -10.98 5.38 -13.04
N ILE B 341 -10.32 4.29 -12.63
CA ILE B 341 -10.97 3.22 -11.87
C ILE B 341 -10.52 3.40 -10.43
N GLY B 342 -11.28 4.16 -9.67
CA GLY B 342 -10.80 4.57 -8.36
C GLY B 342 -9.49 5.34 -8.46
N LYS B 343 -8.44 4.78 -7.86
CA LYS B 343 -7.14 5.45 -7.79
C LYS B 343 -6.22 5.07 -8.96
N LEU B 344 -6.74 4.38 -9.96
CA LEU B 344 -5.94 3.71 -10.97
C LEU B 344 -6.25 4.25 -12.36
N LYS B 345 -5.20 4.44 -13.16
CA LYS B 345 -5.32 4.90 -14.54
C LYS B 345 -4.72 3.82 -15.43
N ILE B 346 -5.52 3.29 -16.35
CA ILE B 346 -5.10 2.14 -17.14
C ILE B 346 -5.77 2.18 -18.53
N PHE B 347 -5.07 1.61 -19.50
CA PHE B 347 -5.57 1.46 -20.85
C PHE B 347 -5.16 0.07 -21.32
N ILE B 348 -6.11 -0.70 -21.83
CA ILE B 348 -5.81 -2.04 -22.31
C ILE B 348 -5.47 -1.91 -23.79
N ASP B 349 -4.19 -2.06 -24.10
CA ASP B 349 -3.66 -1.91 -25.44
C ASP B 349 -2.31 -2.60 -25.46
N GLU B 350 -1.91 -3.10 -26.63
CA GLU B 350 -0.67 -3.89 -26.69
C GLU B 350 0.53 -3.08 -26.19
N GLU B 351 0.55 -1.78 -26.49
CA GLU B 351 1.67 -0.93 -26.11
C GLU B 351 1.94 -0.95 -24.62
N TYR B 352 0.93 -1.20 -23.79
CA TYR B 352 1.11 -1.16 -22.34
C TYR B 352 1.09 -2.53 -21.71
N LYS B 353 1.24 -3.57 -22.52
CA LYS B 353 1.11 -4.94 -22.03
C LYS B 353 2.48 -5.48 -21.66
N ILE B 354 2.61 -5.95 -20.42
CA ILE B 354 3.91 -6.43 -19.94
C ILE B 354 4.10 -7.91 -20.23
N ALA B 355 3.07 -8.71 -20.02
CA ALA B 355 3.11 -10.15 -20.29
C ALA B 355 1.68 -10.70 -20.24
N ASP B 356 1.56 -12.01 -20.50
CA ASP B 356 0.27 -12.68 -20.50
C ASP B 356 0.12 -13.52 -19.25
N THR B 357 -1.01 -13.36 -18.58
CA THR B 357 -1.36 -14.22 -17.45
C THR B 357 -2.55 -15.10 -17.82
N ALA B 358 -2.84 -16.03 -16.91
CA ALA B 358 -4.03 -16.88 -17.00
C ALA B 358 -5.27 -16.06 -17.31
N GLU B 359 -5.35 -14.85 -16.77
CA GLU B 359 -6.59 -14.07 -16.83
C GLU B 359 -6.20 -12.61 -17.02
N GLY B 360 -6.23 -12.09 -18.25
CA GLY B 360 -6.29 -10.63 -18.33
C GLY B 360 -5.00 -9.93 -18.54
N GLY B 361 -3.88 -10.66 -18.63
CA GLY B 361 -2.57 -10.05 -18.81
C GLY B 361 -2.16 -9.22 -17.62
N ILE B 362 -0.95 -8.66 -17.64
CA ILE B 362 -0.56 -7.62 -16.69
C ILE B 362 -0.13 -6.43 -17.51
N TYR B 363 -0.67 -5.27 -17.17
CA TYR B 363 -0.50 -4.05 -17.95
C TYR B 363 0.15 -3.00 -17.06
N LEU B 364 0.77 -2.02 -17.70
CA LEU B 364 1.23 -0.89 -16.93
C LEU B 364 0.02 -0.08 -16.47
N GLY B 365 0.23 0.71 -15.41
CA GLY B 365 -0.83 1.52 -14.84
C GLY B 365 -0.26 2.63 -14.00
N LEU B 366 -1.15 3.53 -13.58
CA LEU B 366 -0.80 4.63 -12.71
C LEU B 366 -1.73 4.60 -11.51
N TYR B 367 -1.18 4.31 -10.35
CA TYR B 367 -1.91 4.26 -9.08
C TYR B 367 -1.45 5.44 -8.25
N GLU B 368 -2.36 6.33 -7.91
CA GLU B 368 -2.02 7.60 -7.25
C GLU B 368 -0.80 8.25 -7.90
N ASP B 369 -0.84 8.33 -9.23
CA ASP B 369 0.21 8.92 -10.08
C ASP B 369 1.54 8.18 -9.98
N GLN B 370 1.55 6.97 -9.44
CA GLN B 370 2.77 6.16 -9.36
C GLN B 370 2.69 5.02 -10.35
N GLU B 371 3.82 4.75 -11.00
CA GLU B 371 3.91 3.66 -11.96
C GLU B 371 3.82 2.31 -11.26
N VAL B 372 3.07 1.38 -11.87
CA VAL B 372 2.71 0.10 -11.29
C VAL B 372 2.44 -0.91 -12.40
N ALA B 373 2.51 -2.18 -12.04
CA ALA B 373 2.04 -3.26 -12.89
C ALA B 373 0.66 -3.70 -12.37
N VAL B 374 -0.21 -4.12 -13.28
CA VAL B 374 -1.60 -4.39 -12.94
C VAL B 374 -1.98 -5.79 -13.40
N LYS B 375 -2.22 -6.67 -12.45
CA LYS B 375 -2.68 -7.99 -12.75
C LYS B 375 -4.20 -7.93 -12.71
N ARG B 376 -4.87 -8.60 -13.65
CA ARG B 376 -6.30 -8.45 -13.80
C ARG B 376 -6.99 -9.77 -13.55
N PHE B 377 -8.06 -9.73 -12.79
CA PHE B 377 -8.86 -10.91 -12.52
C PHE B 377 -10.32 -10.58 -12.81
N SER B 378 -11.14 -11.62 -12.94
CA SER B 378 -12.58 -11.39 -12.93
C SER B 378 -13.04 -11.02 -11.53
N GLU B 379 -14.05 -10.15 -11.45
CA GLU B 379 -14.42 -9.56 -10.16
C GLU B 379 -14.56 -10.61 -9.08
N GLY B 380 -15.05 -11.80 -9.43
CA GLY B 380 -15.25 -12.82 -8.43
C GLY B 380 -14.25 -13.94 -8.44
N SER B 381 -13.17 -13.84 -9.22
CA SER B 381 -12.26 -14.97 -9.43
C SER B 381 -11.66 -15.43 -8.11
N THR B 382 -11.80 -16.72 -7.85
CA THR B 382 -11.20 -17.35 -6.69
C THR B 382 -9.69 -17.10 -6.63
N ARG B 383 -9.01 -17.21 -7.77
CA ARG B 383 -7.57 -17.00 -7.73
C ARG B 383 -7.23 -15.54 -7.44
N GLY B 384 -8.00 -14.60 -8.01
CA GLY B 384 -7.81 -13.21 -7.63
C GLY B 384 -8.03 -12.97 -6.14
N GLN B 385 -9.04 -13.61 -5.56
CA GLN B 385 -9.18 -13.58 -4.12
C GLN B 385 -7.86 -13.96 -3.47
N GLN B 386 -7.33 -15.13 -3.85
CA GLN B 386 -6.16 -15.65 -3.16
C GLN B 386 -4.94 -14.77 -3.41
N GLU B 387 -4.86 -14.15 -4.60
CA GLU B 387 -3.80 -13.17 -4.85
C GLU B 387 -3.86 -12.03 -3.84
N VAL B 388 -5.05 -11.46 -3.64
CA VAL B 388 -5.13 -10.31 -2.75
C VAL B 388 -4.95 -10.73 -1.30
N SER B 389 -5.52 -11.87 -0.89
CA SER B 389 -5.37 -12.33 0.48
C SER B 389 -3.90 -12.42 0.86
N CYS B 390 -3.13 -13.17 0.06
CA CYS B 390 -1.71 -13.37 0.35
C CYS B 390 -0.96 -12.06 0.32
N LEU B 391 -1.16 -11.26 -0.73
CA LEU B 391 -0.49 -9.96 -0.78
C LEU B 391 -0.78 -9.14 0.48
N GLN B 392 -2.05 -9.10 0.91
CA GLN B 392 -2.44 -8.29 2.07
C GLN B 392 -1.77 -8.73 3.36
N SER B 393 -1.36 -10.00 3.45
CA SER B 393 -0.66 -10.49 4.62
C SER B 393 0.86 -10.35 4.50
N SER B 394 1.39 -9.87 3.37
CA SER B 394 2.82 -9.89 3.09
C SER B 394 3.45 -8.49 3.03
N ARG B 395 2.70 -7.44 3.35
CA ARG B 395 3.22 -6.09 3.16
C ARG B 395 4.49 -5.82 3.96
N ALA B 396 4.71 -6.56 5.06
CA ALA B 396 5.97 -6.44 5.78
C ALA B 396 7.09 -7.25 5.16
N ASN B 397 6.79 -8.15 4.24
CA ASN B 397 7.82 -9.01 3.67
C ASN B 397 8.59 -8.21 2.62
N ASP B 398 9.79 -7.79 2.98
CA ASP B 398 10.56 -6.85 2.17
C ASP B 398 11.01 -7.44 0.83
N ASN B 399 10.92 -8.76 0.68
CA ASN B 399 11.30 -9.45 -0.54
C ASN B 399 10.09 -10.01 -1.28
N VAL B 400 8.90 -9.50 -0.97
CA VAL B 400 7.70 -9.69 -1.77
C VAL B 400 7.42 -8.38 -2.50
N VAL B 401 6.99 -8.49 -3.75
CA VAL B 401 6.60 -7.34 -4.57
C VAL B 401 5.72 -6.40 -3.77
N THR B 402 5.97 -5.10 -3.85
CA THR B 402 5.15 -4.13 -3.14
C THR B 402 3.70 -4.11 -3.63
N PHE B 403 2.77 -4.26 -2.70
CA PHE B 403 1.35 -4.30 -3.02
C PHE B 403 0.77 -2.91 -2.75
N TYR B 404 0.41 -2.20 -3.83
CA TYR B 404 -0.17 -0.88 -3.67
C TYR B 404 -1.65 -0.98 -3.29
N GLY B 405 -2.39 -1.83 -3.97
CA GLY B 405 -3.81 -1.97 -3.70
C GLY B 405 -4.56 -2.52 -4.90
N SER B 406 -5.84 -2.74 -4.68
CA SER B 406 -6.73 -3.25 -5.72
C SER B 406 -7.87 -2.26 -5.99
N GLU B 407 -8.32 -2.23 -7.25
CA GLU B 407 -9.45 -1.40 -7.71
C GLU B 407 -10.38 -2.24 -8.59
N SER B 408 -11.70 -2.08 -8.39
CA SER B 408 -12.70 -2.86 -9.13
C SER B 408 -13.47 -2.02 -10.15
N ASP B 409 -13.62 -2.56 -11.38
CA ASP B 409 -14.52 -2.02 -12.40
C ASP B 409 -15.97 -2.39 -12.15
N GLY B 410 -16.24 -3.13 -11.08
CA GLY B 410 -17.48 -3.84 -10.95
C GLY B 410 -17.51 -5.12 -11.76
N SER B 411 -16.49 -5.37 -12.59
CA SER B 411 -16.45 -6.66 -13.28
C SER B 411 -15.02 -7.05 -13.67
N CYS B 412 -14.01 -6.38 -13.11
CA CYS B 412 -12.62 -6.82 -13.29
C CYS B 412 -11.80 -6.32 -12.11
N LEU B 413 -11.17 -7.23 -11.39
CA LEU B 413 -10.38 -6.85 -10.22
C LEU B 413 -8.97 -6.51 -10.68
N HIS B 414 -8.54 -5.26 -10.44
CA HIS B 414 -7.22 -4.77 -10.80
C HIS B 414 -6.34 -4.75 -9.56
N VAL B 415 -5.44 -5.72 -9.42
CA VAL B 415 -4.50 -5.75 -8.30
C VAL B 415 -3.20 -5.12 -8.75
N CYS B 416 -2.76 -4.08 -8.04
CA CYS B 416 -1.68 -3.23 -8.50
C CYS B 416 -0.39 -3.53 -7.74
N LEU B 417 0.67 -3.77 -8.48
CA LEU B 417 1.93 -4.23 -7.93
C LEU B 417 3.02 -3.26 -8.36
N ALA B 418 4.14 -3.31 -7.63
CA ALA B 418 5.32 -2.53 -7.98
C ALA B 418 5.83 -2.92 -9.36
N LEU B 419 6.40 -1.94 -10.05
CA LEU B 419 6.85 -2.13 -11.42
C LEU B 419 8.31 -2.57 -11.41
N CYS B 420 8.55 -3.86 -11.62
CA CYS B 420 9.89 -4.41 -11.76
C CYS B 420 10.35 -4.35 -13.22
N GLU B 421 11.67 -4.51 -13.40
CA GLU B 421 12.26 -4.35 -14.73
C GLU B 421 12.39 -5.64 -15.52
N TYR B 422 12.64 -6.77 -14.86
CA TYR B 422 12.98 -7.99 -15.58
C TYR B 422 12.55 -9.21 -14.78
N THR B 423 12.13 -10.24 -15.50
CA THR B 423 12.06 -11.58 -14.95
C THR B 423 13.45 -12.00 -14.48
N LEU B 424 13.48 -12.91 -13.48
CA LEU B 424 14.75 -13.54 -13.12
C LEU B 424 15.44 -14.15 -14.34
N GLN B 425 14.67 -14.83 -15.21
CA GLN B 425 15.26 -15.46 -16.40
C GLN B 425 15.81 -14.44 -17.40
N GLU B 426 15.08 -13.33 -17.62
CA GLU B 426 15.63 -12.28 -18.46
C GLU B 426 16.88 -11.70 -17.84
N HIS B 427 16.85 -11.51 -16.53
CA HIS B 427 17.96 -10.89 -15.83
C HIS B 427 19.24 -11.69 -16.02
N LEU B 428 19.17 -13.02 -15.79
CA LEU B 428 20.30 -13.91 -15.98
C LEU B 428 20.82 -13.88 -17.42
N ALA B 429 19.91 -13.79 -18.38
CA ALA B 429 20.33 -13.78 -19.78
C ALA B 429 21.11 -12.53 -20.12
N ASN B 430 20.67 -11.37 -19.61
CA ASN B 430 21.39 -10.12 -19.86
C ASN B 430 22.74 -10.07 -19.17
N HIS B 431 22.88 -10.73 -18.02
CA HIS B 431 24.11 -10.70 -17.23
C HIS B 431 24.94 -11.97 -17.36
N ARG B 432 24.67 -12.82 -18.35
CA ARG B 432 25.38 -14.08 -18.46
C ARG B 432 26.86 -13.87 -18.74
N GLY B 433 27.21 -12.80 -19.43
CA GLY B 433 28.59 -12.47 -19.71
C GLY B 433 29.31 -11.67 -18.64
N ASP B 434 28.70 -11.45 -17.46
CA ASP B 434 29.28 -10.52 -16.50
C ASP B 434 30.52 -11.08 -15.82
N ALA B 435 30.47 -12.33 -15.38
CA ALA B 435 31.61 -12.92 -14.67
C ALA B 435 32.53 -13.66 -15.64
N VAL B 436 33.84 -13.53 -15.43
CA VAL B 436 34.81 -14.37 -16.13
C VAL B 436 34.52 -15.81 -15.68
N PRO B 437 34.71 -16.80 -16.55
CA PRO B 437 34.15 -18.15 -16.30
C PRO B 437 34.41 -18.74 -14.92
N ASN B 438 35.54 -18.42 -14.27
CA ASN B 438 35.75 -18.75 -12.86
C ASN B 438 36.14 -17.47 -12.15
N GLU B 439 35.12 -16.69 -11.81
CA GLU B 439 35.12 -15.60 -10.85
C GLU B 439 34.05 -15.93 -9.83
N GLU B 440 34.18 -15.35 -8.63
CA GLU B 440 33.18 -15.60 -7.62
C GLU B 440 31.83 -15.06 -8.08
N ASP B 441 30.79 -15.90 -7.93
CA ASP B 441 29.44 -15.55 -8.34
C ASP B 441 28.74 -14.94 -7.14
N GLU B 442 29.08 -13.68 -6.87
CA GLU B 442 28.40 -12.92 -5.82
C GLU B 442 26.91 -12.77 -6.12
N SER B 443 26.55 -12.58 -7.40
CA SER B 443 25.16 -12.36 -7.78
C SER B 443 24.26 -13.52 -7.34
N ALA B 444 24.69 -14.76 -7.58
CA ALA B 444 23.85 -15.90 -7.24
C ALA B 444 23.56 -15.93 -5.75
N ARG B 445 24.58 -15.65 -4.94
CA ARG B 445 24.39 -15.65 -3.50
C ARG B 445 23.31 -14.66 -3.09
N ASN B 446 23.32 -13.46 -3.70
CA ASN B 446 22.36 -12.44 -3.26
C ASN B 446 20.95 -12.81 -3.69
N ILE B 447 20.76 -13.19 -4.97
CA ILE B 447 19.44 -13.53 -5.48
C ILE B 447 18.82 -14.63 -4.63
N LEU B 448 19.57 -15.72 -4.43
CA LEU B 448 19.05 -16.86 -3.68
C LEU B 448 18.82 -16.49 -2.23
N SER B 449 19.64 -15.60 -1.67
CA SER B 449 19.43 -15.25 -0.26
C SER B 449 18.14 -14.46 -0.09
N SER B 450 17.88 -13.48 -0.97
CA SER B 450 16.58 -12.79 -0.95
C SER B 450 15.43 -13.80 -1.03
N LEU B 451 15.51 -14.73 -1.99
CA LEU B 451 14.52 -15.78 -2.08
C LEU B 451 14.36 -16.53 -0.76
N PHE B 452 15.47 -16.92 -0.14
CA PHE B 452 15.39 -17.65 1.11
C PHE B 452 14.65 -16.83 2.16
N LYS B 453 14.98 -15.53 2.26
CA LYS B 453 14.23 -14.63 3.12
C LYS B 453 12.77 -14.54 2.69
N ALA B 454 12.53 -14.24 1.41
CA ALA B 454 11.15 -14.05 0.94
C ALA B 454 10.27 -15.25 1.24
N ILE B 455 10.74 -16.46 0.96
CA ILE B 455 9.90 -17.62 1.21
C ILE B 455 9.75 -17.89 2.70
N GLY B 456 10.79 -17.60 3.48
CA GLY B 456 10.71 -17.89 4.90
C GLY B 456 9.69 -17.00 5.59
N GLU B 457 9.74 -15.70 5.28
CA GLU B 457 8.79 -14.77 5.85
C GLU B 457 7.38 -15.04 5.32
N LEU B 458 7.26 -15.36 4.03
CA LEU B 458 5.96 -15.76 3.53
C LEU B 458 5.45 -16.95 4.32
N HIS B 459 6.34 -17.89 4.66
CA HIS B 459 5.91 -19.06 5.42
C HIS B 459 5.46 -18.66 6.83
N ARG B 460 6.17 -17.72 7.46
CA ARG B 460 5.81 -17.31 8.82
C ARG B 460 4.47 -16.59 8.84
N SER B 461 4.11 -15.90 7.76
CA SER B 461 2.81 -15.24 7.64
C SER B 461 1.69 -16.22 7.32
N GLY B 462 1.98 -17.52 7.19
CA GLY B 462 0.96 -18.54 7.06
C GLY B 462 0.59 -18.97 5.65
N TYR B 463 1.31 -18.51 4.63
CA TYR B 463 1.04 -18.82 3.25
C TYR B 463 2.18 -19.63 2.65
N SER B 464 1.84 -20.47 1.68
CA SER B 464 2.80 -21.20 0.85
C SER B 464 2.52 -20.87 -0.62
N HIS B 465 3.60 -20.65 -1.39
CA HIS B 465 3.43 -20.07 -2.72
C HIS B 465 2.81 -21.07 -3.71
N GLN B 466 3.26 -22.32 -3.69
CA GLN B 466 2.72 -23.49 -4.38
C GLN B 466 3.16 -23.58 -5.85
N ASP B 467 3.76 -22.55 -6.41
CA ASP B 467 4.13 -22.55 -7.83
C ASP B 467 5.39 -21.72 -8.05
N LEU B 468 6.42 -21.94 -7.24
CA LEU B 468 7.67 -21.20 -7.38
C LEU B 468 8.39 -21.59 -8.68
N GLN B 469 8.83 -20.58 -9.43
CA GLN B 469 9.47 -20.78 -10.71
C GLN B 469 10.05 -19.44 -11.18
N PRO B 470 11.03 -19.46 -12.08
CA PRO B 470 11.74 -18.20 -12.39
C PRO B 470 10.84 -17.12 -12.95
N GLN B 471 9.73 -17.44 -13.64
CA GLN B 471 8.94 -16.34 -14.17
C GLN B 471 8.15 -15.62 -13.07
N ASN B 472 8.04 -16.20 -11.89
CA ASN B 472 7.47 -15.53 -10.73
C ASN B 472 8.49 -14.71 -9.92
N ILE B 473 9.78 -14.72 -10.26
CA ILE B 473 10.78 -13.93 -9.53
C ILE B 473 11.16 -12.74 -10.39
N LEU B 474 11.09 -11.54 -9.83
CA LEU B 474 11.30 -10.32 -10.60
C LEU B 474 12.43 -9.53 -9.99
N ILE B 475 13.09 -8.72 -10.81
CA ILE B 475 14.24 -7.92 -10.44
C ILE B 475 13.95 -6.46 -10.76
N ASP B 476 14.29 -5.54 -9.85
CA ASP B 476 13.93 -4.15 -10.09
C ASP B 476 15.11 -3.36 -10.67
N SER B 477 14.92 -2.04 -10.77
CA SER B 477 15.94 -1.13 -11.28
C SER B 477 17.19 -1.14 -10.40
N LYS B 478 17.12 -1.60 -9.16
CA LYS B 478 18.21 -1.63 -8.19
C LYS B 478 18.73 -3.07 -8.00
N ASN B 479 18.37 -3.98 -8.91
CA ASN B 479 18.83 -5.37 -8.83
C ASN B 479 18.42 -6.05 -7.53
N GLY B 480 17.31 -5.61 -6.94
CA GLY B 480 16.65 -6.39 -5.92
C GLY B 480 15.78 -7.48 -6.54
N THR B 481 15.69 -8.61 -5.86
CA THR B 481 14.87 -9.73 -6.33
C THR B 481 13.63 -9.81 -5.45
N PHE B 482 12.49 -10.15 -6.06
CA PHE B 482 11.19 -10.07 -5.38
C PHE B 482 10.35 -11.24 -5.83
N LEU B 483 9.64 -11.83 -4.88
CA LEU B 483 8.74 -12.92 -5.20
C LEU B 483 7.39 -12.33 -5.65
N ALA B 484 6.65 -13.08 -6.47
CA ALA B 484 5.39 -12.59 -7.02
C ALA B 484 4.53 -13.76 -7.45
N ASP B 485 3.33 -13.42 -7.96
CA ASP B 485 2.31 -14.35 -8.46
C ASP B 485 1.82 -15.27 -7.33
N PHE B 486 1.06 -14.67 -6.42
CA PHE B 486 0.46 -15.41 -5.32
C PHE B 486 -0.94 -15.92 -5.65
N ASP B 487 -1.34 -15.84 -6.92
CA ASP B 487 -2.63 -16.37 -7.32
C ASP B 487 -2.83 -17.85 -7.00
N LYS B 488 -1.77 -18.61 -6.73
CA LYS B 488 -1.96 -20.01 -6.36
C LYS B 488 -1.54 -20.33 -4.94
N SER B 489 -1.28 -19.32 -4.11
CA SER B 489 -0.89 -19.59 -2.73
C SER B 489 -2.07 -20.18 -1.94
N ILE B 490 -1.76 -20.75 -0.78
CA ILE B 490 -2.71 -21.39 0.10
C ILE B 490 -2.33 -21.04 1.54
N LYS B 491 -3.32 -20.91 2.43
CA LYS B 491 -3.03 -20.76 3.85
C LYS B 491 -2.50 -22.12 4.28
N TRP B 492 -1.29 -22.21 4.82
CA TRP B 492 -0.78 -23.56 5.03
C TRP B 492 -1.15 -24.18 6.38
N ALA B 493 -1.66 -23.40 7.33
CA ALA B 493 -2.03 -23.99 8.63
C ALA B 493 -2.95 -25.20 8.47
N GLU B 494 -3.86 -25.15 7.50
CA GLU B 494 -4.80 -26.25 7.27
C GLU B 494 -4.09 -27.56 6.93
N ASP B 495 -2.97 -27.50 6.22
CA ASP B 495 -2.28 -28.67 5.69
C ASP B 495 -0.79 -28.41 5.77
N PRO B 496 -0.15 -28.72 6.91
CA PRO B 496 1.22 -28.25 7.17
C PRO B 496 2.33 -28.95 6.38
N GLN B 497 2.10 -30.12 5.80
CA GLN B 497 3.13 -30.75 4.97
C GLN B 497 3.28 -30.07 3.60
N LYS B 498 2.35 -29.20 3.21
CA LYS B 498 2.42 -28.60 1.90
C LYS B 498 3.51 -27.56 1.76
N ILE B 499 4.10 -27.12 2.87
CA ILE B 499 5.24 -26.21 2.83
C ILE B 499 6.34 -26.77 1.93
N LYS B 500 6.53 -28.09 1.97
CA LYS B 500 7.72 -28.72 1.42
C LYS B 500 7.78 -28.65 -0.11
N ARG B 501 6.71 -28.23 -0.78
CA ARG B 501 6.82 -27.96 -2.20
C ARG B 501 7.61 -26.71 -2.48
N ASP B 502 7.37 -25.66 -1.69
CA ASP B 502 8.15 -24.46 -1.88
C ASP B 502 9.63 -24.76 -1.70
N LEU B 503 9.96 -25.64 -0.75
CA LEU B 503 11.36 -25.88 -0.46
C LEU B 503 12.01 -26.75 -1.52
N GLU B 504 11.24 -27.64 -2.17
CA GLU B 504 11.77 -28.36 -3.34
C GLU B 504 11.98 -27.42 -4.51
N ALA B 505 10.98 -26.61 -4.82
CA ALA B 505 11.15 -25.67 -5.91
C ALA B 505 12.36 -24.79 -5.64
N LEU B 506 12.52 -24.37 -4.39
CA LEU B 506 13.68 -23.57 -4.01
C LEU B 506 14.98 -24.32 -4.28
N GLY B 507 14.97 -25.65 -4.10
CA GLY B 507 16.09 -26.48 -4.49
C GLY B 507 16.38 -26.36 -5.97
N LEU B 508 15.39 -26.60 -6.83
CA LEU B 508 15.61 -26.36 -8.24
C LEU B 508 16.06 -24.92 -8.51
N LEU B 509 15.50 -23.95 -7.80
CA LEU B 509 15.90 -22.58 -8.08
C LEU B 509 17.36 -22.34 -7.72
N VAL B 510 17.88 -23.02 -6.70
CA VAL B 510 19.29 -22.86 -6.39
C VAL B 510 20.13 -23.33 -7.57
N LEU B 511 19.86 -24.54 -8.07
CA LEU B 511 20.63 -25.02 -9.22
C LEU B 511 20.37 -24.15 -10.44
N TYR B 512 19.12 -23.71 -10.62
CA TYR B 512 18.78 -22.88 -11.77
C TYR B 512 19.62 -21.61 -11.80
N VAL B 513 19.80 -20.96 -10.63
CA VAL B 513 20.51 -19.69 -10.59
C VAL B 513 22.03 -19.89 -10.58
N VAL B 514 22.52 -20.96 -9.95
CA VAL B 514 23.96 -21.18 -9.92
C VAL B 514 24.46 -21.52 -11.31
N LYS B 515 23.67 -22.25 -12.10
CA LYS B 515 24.00 -22.49 -13.50
C LYS B 515 23.71 -21.30 -14.39
N LYS B 516 23.51 -20.12 -13.81
CA LYS B 516 23.42 -18.86 -14.54
C LYS B 516 22.32 -18.86 -15.60
N GLY B 517 21.41 -19.82 -15.53
CA GLY B 517 20.28 -19.89 -16.43
C GLY B 517 20.52 -20.78 -17.62
N ASP B 518 21.59 -21.53 -17.62
CA ASP B 518 21.93 -22.31 -18.79
C ASP B 518 21.12 -23.58 -18.87
N ILE B 519 20.52 -24.02 -17.76
CA ILE B 519 19.62 -25.15 -17.77
C ILE B 519 18.20 -24.62 -17.54
N SER B 520 17.30 -24.91 -18.47
CA SER B 520 15.93 -24.39 -18.36
C SER B 520 15.26 -24.96 -17.11
N PHE B 521 14.37 -24.17 -16.52
CA PHE B 521 13.66 -24.67 -15.35
C PHE B 521 12.90 -25.94 -15.68
N GLU B 522 12.41 -26.06 -16.91
CA GLU B 522 11.58 -27.21 -17.25
C GLU B 522 12.42 -28.47 -17.40
N THR B 523 13.71 -28.34 -17.74
CA THR B 523 14.56 -29.52 -17.71
C THR B 523 14.75 -30.00 -16.28
N LEU B 524 14.99 -29.06 -15.34
CA LEU B 524 15.16 -29.39 -13.93
C LEU B 524 13.89 -29.95 -13.30
N LYS B 525 12.71 -29.40 -13.64
CA LYS B 525 11.47 -29.90 -13.03
C LYS B 525 11.15 -31.30 -13.48
N ASN B 526 11.79 -31.78 -14.55
CA ASN B 526 11.63 -33.15 -15.01
C ASN B 526 12.67 -34.11 -14.44
N GLN B 527 13.78 -33.61 -13.90
CA GLN B 527 14.78 -34.49 -13.35
C GLN B 527 14.39 -34.94 -11.96
N SER B 528 14.92 -36.10 -11.55
CA SER B 528 14.73 -36.58 -10.20
C SER B 528 15.65 -35.82 -9.24
N PHE B 529 15.35 -35.94 -7.95
CA PHE B 529 16.14 -35.23 -6.94
C PHE B 529 17.63 -35.54 -7.07
N GLU B 530 17.98 -36.81 -7.35
CA GLU B 530 19.39 -37.19 -7.40
C GLU B 530 20.12 -36.53 -8.57
N GLU B 531 19.52 -36.55 -9.77
CA GLU B 531 20.20 -35.95 -10.91
C GLU B 531 20.27 -34.43 -10.80
N VAL B 532 19.45 -33.82 -9.94
CA VAL B 532 19.58 -32.38 -9.69
C VAL B 532 20.74 -32.14 -8.75
N ILE B 533 20.88 -33.01 -7.75
CA ILE B 533 22.05 -32.93 -6.88
C ILE B 533 23.30 -33.16 -7.70
N GLN B 534 23.26 -34.19 -8.57
CA GLN B 534 24.42 -34.54 -9.40
C GLN B 534 24.83 -33.39 -10.31
N GLY B 535 23.86 -32.59 -10.74
CA GLY B 535 24.18 -31.45 -11.59
C GLY B 535 24.81 -30.29 -10.86
N SER B 536 25.19 -30.48 -9.60
CA SER B 536 25.67 -29.26 -8.93
C SER B 536 27.16 -29.07 -9.16
N PRO B 537 27.58 -27.82 -9.40
CA PRO B 537 29.00 -27.56 -9.70
C PRO B 537 29.96 -27.67 -8.52
N ASP B 538 29.51 -27.65 -7.27
CA ASP B 538 30.42 -27.67 -6.14
C ASP B 538 29.76 -28.36 -4.94
N GLU B 539 30.58 -28.67 -3.93
CA GLU B 539 30.06 -29.37 -2.76
C GLU B 539 29.13 -28.48 -1.93
N GLU B 540 29.39 -27.17 -1.88
CA GLU B 540 28.49 -26.27 -1.16
C GLU B 540 27.08 -26.34 -1.73
N THR B 541 26.97 -26.24 -3.06
CA THR B 541 25.67 -26.24 -3.71
C THR B 541 24.98 -27.59 -3.60
N ARG B 542 25.75 -28.66 -3.75
CA ARG B 542 25.18 -30.00 -3.61
C ARG B 542 24.56 -30.17 -2.23
N ASP B 543 25.24 -29.67 -1.20
CA ASP B 543 24.75 -29.81 0.17
C ASP B 543 23.47 -29.00 0.39
N LEU B 544 23.45 -27.76 -0.09
CA LEU B 544 22.28 -26.91 0.07
C LEU B 544 21.04 -27.52 -0.59
N ILE B 545 21.17 -27.98 -1.84
CA ILE B 545 20.05 -28.62 -2.51
C ILE B 545 19.59 -29.82 -1.70
N HIS B 546 20.54 -30.61 -1.19
CA HIS B 546 20.17 -31.77 -0.40
C HIS B 546 19.36 -31.37 0.82
N HIS B 547 19.74 -30.26 1.46
CA HIS B 547 18.98 -29.87 2.61
C HIS B 547 17.58 -29.39 2.21
N LEU B 548 17.43 -28.77 1.04
CA LEU B 548 16.10 -28.38 0.59
C LEU B 548 15.23 -29.58 0.20
N PHE B 549 15.82 -30.63 -0.36
CA PHE B 549 15.01 -31.78 -0.75
C PHE B 549 14.66 -32.69 0.42
N HIS B 550 15.28 -32.49 1.57
CA HIS B 550 15.00 -33.30 2.77
C HIS B 550 15.00 -32.33 3.91
N PRO B 551 13.97 -31.51 4.05
CA PRO B 551 13.98 -30.46 5.07
C PRO B 551 13.52 -30.96 6.43
N GLY B 552 12.94 -32.15 6.50
CA GLY B 552 12.45 -32.68 7.75
C GLY B 552 11.00 -32.36 7.96
N ASP B 553 10.23 -33.33 8.47
CA ASP B 553 8.84 -33.07 8.85
C ASP B 553 8.78 -31.89 9.82
N ASN B 554 9.78 -31.76 10.69
CA ASN B 554 9.98 -30.55 11.50
C ASN B 554 10.61 -29.48 10.62
N VAL B 555 9.76 -28.88 9.76
CA VAL B 555 10.26 -27.85 8.84
C VAL B 555 10.58 -26.57 9.60
N GLU B 556 9.67 -26.16 10.50
CA GLU B 556 9.68 -24.84 11.12
C GLU B 556 10.31 -23.81 10.20
N ASP B 557 11.39 -23.19 10.65
CA ASP B 557 12.13 -22.21 9.87
C ASP B 557 13.48 -22.78 9.46
N ARG B 558 13.44 -23.76 8.56
CA ARG B 558 14.70 -24.32 8.10
C ARG B 558 15.42 -23.35 7.18
N LEU B 559 14.67 -22.48 6.49
CA LEU B 559 15.29 -21.55 5.56
C LEU B 559 16.21 -20.56 6.27
N SER B 560 15.80 -20.06 7.44
CA SER B 560 16.63 -19.04 8.08
C SER B 560 17.97 -19.62 8.51
N SER B 561 17.97 -20.88 8.94
CA SER B 561 19.22 -21.51 9.35
C SER B 561 20.11 -21.78 8.14
N LEU B 562 19.53 -22.16 7.00
CA LEU B 562 20.39 -22.44 5.87
C LEU B 562 21.05 -21.19 5.32
N LEU B 563 20.64 -20.01 5.77
CA LEU B 563 21.36 -18.79 5.38
C LEU B 563 22.76 -18.73 5.98
N ALA B 564 23.08 -19.62 6.89
CA ALA B 564 24.41 -19.72 7.46
C ALA B 564 25.24 -20.80 6.79
N HIS B 565 24.69 -21.45 5.77
CA HIS B 565 25.41 -22.50 5.06
C HIS B 565 26.63 -21.89 4.38
N PRO B 566 27.71 -22.65 4.26
CA PRO B 566 28.91 -22.09 3.61
C PRO B 566 28.65 -21.65 2.20
N PHE B 567 27.60 -22.18 1.54
CA PHE B 567 27.19 -21.67 0.24
C PHE B 567 27.13 -20.16 0.24
N PHE B 568 26.65 -19.58 1.33
CA PHE B 568 26.55 -18.13 1.38
C PHE B 568 27.81 -17.44 1.89
N TRP B 569 28.85 -18.19 2.25
CA TRP B 569 30.10 -17.53 2.59
C TRP B 569 30.83 -17.10 1.33
N SER B 570 31.23 -15.83 1.30
CA SER B 570 32.19 -15.39 0.31
C SER B 570 33.47 -16.25 0.35
N TRP B 571 34.19 -16.24 -0.77
CA TRP B 571 35.46 -16.98 -0.85
C TRP B 571 36.46 -16.46 0.16
N GLU B 572 36.50 -15.13 0.33
CA GLU B 572 37.34 -14.55 1.36
C GLU B 572 36.97 -15.12 2.74
N SER B 573 35.68 -15.17 3.06
CA SER B 573 35.28 -15.68 4.37
C SER B 573 35.65 -17.14 4.55
N ARG B 574 35.53 -17.97 3.51
CA ARG B 574 35.91 -19.38 3.68
C ARG B 574 37.41 -19.52 3.89
N TYR B 575 38.19 -18.70 3.20
CA TYR B 575 39.63 -18.71 3.42
C TYR B 575 39.98 -18.17 4.81
N ARG B 576 39.33 -17.06 5.22
CA ARG B 576 39.54 -16.53 6.56
C ARG B 576 39.22 -17.57 7.61
N THR B 577 38.24 -18.41 7.33
CA THR B 577 37.85 -19.40 8.33
C THR B 577 38.83 -20.56 8.37
N LEU B 578 39.30 -21.01 7.20
CA LEU B 578 40.35 -22.04 7.17
C LEU B 578 41.62 -21.56 7.88
N ARG B 579 42.06 -20.33 7.56
CA ARG B 579 43.20 -19.75 8.25
C ARG B 579 43.00 -19.71 9.76
N ASP B 580 41.79 -19.34 10.21
CA ASP B 580 41.58 -19.19 11.65
C ASP B 580 41.54 -20.55 12.35
N VAL B 581 40.90 -21.55 11.74
CA VAL B 581 40.90 -22.90 12.33
C VAL B 581 42.33 -23.42 12.41
N GLY B 582 43.12 -23.20 11.36
CA GLY B 582 44.51 -23.62 11.34
C GLY B 582 45.42 -22.88 12.31
N ASN B 583 44.97 -21.75 12.86
CA ASN B 583 45.79 -21.03 13.84
C ASN B 583 45.52 -21.47 15.27
N GLU B 584 44.66 -22.47 15.48
CA GLU B 584 44.44 -22.97 16.82
C GLU B 584 45.72 -23.63 17.35
N SER B 585 46.02 -23.38 18.63
CA SER B 585 47.28 -23.82 19.22
C SER B 585 47.51 -25.31 18.99
N ASP B 586 46.46 -26.10 19.17
CA ASP B 586 46.64 -27.53 19.08
C ASP B 586 46.79 -28.03 17.65
N ILE B 587 46.57 -27.18 16.64
CA ILE B 587 46.89 -27.64 15.30
C ILE B 587 48.37 -27.41 14.99
N LYS B 588 48.92 -26.27 15.42
CA LYS B 588 50.31 -25.96 15.13
C LYS B 588 51.27 -26.89 15.86
N THR B 589 50.93 -27.24 17.09
CA THR B 589 51.72 -28.18 17.86
C THR B 589 51.38 -29.63 17.53
N ARG B 590 50.51 -29.85 16.53
CA ARG B 590 50.07 -31.18 16.10
C ARG B 590 49.71 -32.07 17.30
N ASN B 591 48.99 -31.48 18.27
CA ASN B 591 48.57 -32.16 19.48
C ASN B 591 47.38 -33.06 19.20
N GLN B 592 47.64 -34.36 18.99
CA GLN B 592 46.60 -35.23 18.45
C GLN B 592 45.44 -35.43 19.44
N ASN B 593 45.72 -35.45 20.74
CA ASN B 593 44.65 -35.73 21.70
C ASN B 593 43.87 -34.49 22.12
N SER B 594 44.14 -33.35 21.48
CA SER B 594 43.41 -32.13 21.79
C SER B 594 41.95 -32.24 21.35
N ARG B 595 41.16 -31.28 21.80
CA ARG B 595 39.74 -31.29 21.46
C ARG B 595 39.53 -30.99 19.98
N ILE B 596 40.34 -30.08 19.42
CA ILE B 596 40.17 -29.63 18.04
C ILE B 596 40.46 -30.75 17.04
N LEU B 597 41.50 -31.55 17.28
CA LEU B 597 41.87 -32.58 16.31
C LEU B 597 41.13 -33.89 16.51
N GLN B 598 40.54 -34.11 17.70
CA GLN B 598 39.59 -35.20 17.86
C GLN B 598 38.32 -34.94 17.07
N LEU B 599 37.94 -33.68 16.90
CA LEU B 599 36.79 -33.35 16.08
C LEU B 599 37.09 -33.48 14.59
N LEU B 600 38.32 -33.20 14.16
CA LEU B 600 38.59 -33.10 12.73
C LEU B 600 39.13 -34.36 12.09
N GLN B 601 39.93 -35.18 12.79
CA GLN B 601 40.53 -36.37 12.19
C GLN B 601 40.57 -37.54 13.15
N PRO B 602 39.43 -37.97 13.68
CA PRO B 602 39.45 -39.11 14.59
C PRO B 602 39.33 -40.42 13.84
N GLY B 603 39.90 -41.47 14.43
CA GLY B 603 39.59 -42.84 14.04
C GLY B 603 39.89 -43.31 12.62
N THR B 604 40.82 -44.26 12.50
CA THR B 604 41.14 -44.90 11.22
C THR B 604 40.87 -46.41 11.29
N LEU B 607 38.98 -40.41 5.10
CA LEU B 607 40.29 -40.77 4.52
C LEU B 607 40.22 -40.89 3.00
N SER B 608 39.00 -41.02 2.46
CA SER B 608 38.74 -41.03 1.01
C SER B 608 38.28 -39.65 0.52
N THR B 609 38.98 -38.61 0.97
CA THR B 609 38.68 -37.25 0.60
C THR B 609 39.70 -36.73 -0.41
N SER B 610 39.44 -35.54 -0.93
CA SER B 610 40.38 -34.89 -1.84
C SER B 610 41.65 -34.40 -1.14
N PHE B 611 41.67 -34.34 0.18
CA PHE B 611 42.84 -33.86 0.91
C PHE B 611 43.57 -34.98 1.64
N ALA B 612 43.19 -36.23 1.42
CA ALA B 612 44.11 -37.30 1.74
C ALA B 612 45.30 -37.14 0.81
N GLN B 613 46.50 -37.41 1.31
CA GLN B 613 47.73 -37.28 0.53
C GLN B 613 47.91 -35.85 0.01
N TRP B 614 47.40 -34.85 0.75
CA TRP B 614 47.31 -33.50 0.17
C TRP B 614 48.68 -32.92 -0.15
N THR B 615 49.70 -33.24 0.64
CA THR B 615 51.04 -32.72 0.38
C THR B 615 51.58 -33.15 -0.98
N THR B 616 51.04 -34.23 -1.56
CA THR B 616 51.41 -34.70 -2.88
C THR B 616 50.53 -34.13 -4.00
N LYS B 617 49.75 -33.08 -3.72
CA LYS B 617 49.06 -32.39 -4.80
C LYS B 617 49.23 -30.89 -4.69
N ILE B 618 50.33 -30.43 -4.08
CA ILE B 618 50.73 -29.03 -4.16
C ILE B 618 51.99 -28.97 -5.00
N ASP B 619 52.14 -27.86 -5.74
CA ASP B 619 53.31 -27.69 -6.59
C ASP B 619 54.56 -27.99 -5.79
N SER B 620 55.47 -28.74 -6.41
CA SER B 620 56.63 -29.26 -5.68
C SER B 620 57.48 -28.14 -5.08
N PHE B 621 57.41 -26.95 -5.67
CA PHE B 621 58.27 -25.84 -5.23
C PHE B 621 57.70 -25.13 -4.01
N VAL B 622 56.47 -24.61 -4.15
CA VAL B 622 55.74 -24.06 -3.01
C VAL B 622 55.77 -25.03 -1.85
N MET B 623 55.60 -26.33 -2.11
CA MET B 623 55.61 -27.30 -1.02
C MET B 623 56.91 -27.27 -0.23
N GLU B 624 58.04 -27.44 -0.91
CA GLU B 624 59.24 -27.69 -0.15
C GLU B 624 59.76 -26.37 0.44
N GLU B 625 59.57 -25.28 -0.31
CA GLU B 625 59.79 -23.92 0.17
C GLU B 625 59.00 -23.66 1.45
N MET B 626 57.80 -24.25 1.56
CA MET B 626 56.92 -24.02 2.71
C MET B 626 57.36 -24.84 3.92
N ASN B 627 58.27 -25.80 3.72
CA ASN B 627 58.86 -26.50 4.84
C ASN B 627 59.97 -25.62 5.42
N ALA B 628 59.68 -24.32 5.63
CA ALA B 628 60.58 -23.40 6.30
C ALA B 628 60.61 -23.77 7.78
N TYR B 629 61.30 -24.86 8.10
CA TYR B 629 61.31 -25.53 9.41
C TYR B 629 60.97 -24.61 10.60
N ASN B 646 58.31 -32.80 12.72
CA ASN B 646 58.91 -33.03 11.41
C ASN B 646 58.30 -32.07 10.40
N LEU B 647 58.17 -32.54 9.17
CA LEU B 647 57.61 -31.72 8.07
C LEU B 647 56.08 -31.66 8.21
N TYR B 648 55.44 -31.19 7.14
CA TYR B 648 53.98 -31.17 7.03
C TYR B 648 53.45 -32.58 6.76
N GLN B 649 52.57 -33.07 7.61
CA GLN B 649 52.03 -34.41 7.42
C GLN B 649 50.74 -34.36 6.59
N ASP B 650 50.21 -35.53 6.27
CA ASP B 650 48.99 -35.65 5.47
C ASP B 650 47.71 -35.61 6.31
N THR B 651 47.81 -35.42 7.62
CA THR B 651 46.69 -34.97 8.45
C THR B 651 45.97 -33.76 7.84
N LEU B 652 44.66 -33.67 8.11
CA LEU B 652 43.93 -32.44 7.83
C LEU B 652 44.35 -31.31 8.76
N GLY B 653 44.79 -31.63 9.97
CA GLY B 653 45.27 -30.60 10.88
C GLY B 653 46.36 -29.75 10.25
N ASP B 654 47.41 -30.41 9.71
CA ASP B 654 48.53 -29.66 9.13
C ASP B 654 48.16 -28.97 7.83
N LEU B 655 47.18 -29.49 7.09
CA LEU B 655 46.74 -28.76 5.91
C LEU B 655 46.05 -27.47 6.31
N LEU B 656 45.31 -27.48 7.44
CA LEU B 656 44.81 -26.21 7.92
C LEU B 656 45.98 -25.37 8.40
N LYS B 657 46.94 -26.01 9.07
CA LYS B 657 48.16 -25.31 9.47
C LYS B 657 48.84 -24.70 8.26
N PHE B 658 48.97 -25.50 7.20
CA PHE B 658 49.48 -25.04 5.92
C PHE B 658 48.76 -23.77 5.45
N ILE B 659 47.42 -23.85 5.32
CA ILE B 659 46.68 -22.69 4.82
C ILE B 659 46.87 -21.49 5.73
N ARG B 660 46.91 -21.74 7.04
CA ARG B 660 47.19 -20.65 7.96
C ARG B 660 48.57 -20.05 7.69
N ASN B 661 49.61 -20.90 7.62
CA ASN B 661 50.97 -20.41 7.43
C ASN B 661 51.10 -19.62 6.13
N LEU B 662 50.61 -20.19 5.03
CA LEU B 662 50.78 -19.51 3.75
C LEU B 662 49.95 -18.22 3.70
N GLY B 663 48.84 -18.17 4.42
CA GLY B 663 48.04 -16.96 4.45
C GLY B 663 48.78 -15.79 5.05
N GLU B 664 49.61 -16.06 6.06
CA GLU B 664 50.31 -15.00 6.78
C GLU B 664 51.47 -14.42 5.98
N HIS B 665 52.05 -15.20 5.05
CA HIS B 665 53.28 -14.77 4.38
C HIS B 665 53.16 -14.65 2.88
N ILE B 666 52.00 -14.98 2.30
CA ILE B 666 51.81 -14.92 0.85
C ILE B 666 52.40 -13.66 0.22
N ASN B 667 52.27 -12.50 0.88
CA ASN B 667 52.65 -11.23 0.24
C ASN B 667 54.01 -10.75 0.65
N GLU B 668 54.75 -11.53 1.46
CA GLU B 668 56.12 -11.13 1.75
C GLU B 668 56.97 -11.29 0.48
N GLN B 669 58.10 -10.61 0.45
CA GLN B 669 58.76 -10.47 -0.83
C GLN B 669 59.79 -11.55 -1.09
N LYS B 670 60.26 -12.25 -0.04
CA LYS B 670 61.03 -13.47 -0.29
C LYS B 670 60.18 -14.54 -0.96
N ASN B 671 58.85 -14.38 -0.93
CA ASN B 671 57.90 -15.35 -1.49
C ASN B 671 57.12 -14.78 -2.66
N LYS B 672 57.67 -13.80 -3.38
CA LYS B 672 56.95 -13.27 -4.52
C LYS B 672 56.80 -14.34 -5.59
N LYS B 673 57.85 -15.16 -5.76
CA LYS B 673 57.78 -16.33 -6.63
C LYS B 673 56.59 -17.20 -6.26
N MET B 674 56.53 -17.62 -4.99
CA MET B 674 55.47 -18.52 -4.53
C MET B 674 54.10 -17.87 -4.62
N LYS B 675 53.99 -16.55 -4.43
CA LYS B 675 52.71 -15.87 -4.60
C LYS B 675 52.13 -16.07 -6.00
N SER B 676 53.00 -16.20 -7.01
CA SER B 676 52.53 -16.26 -8.39
C SER B 676 52.09 -17.65 -8.82
N ILE B 677 52.63 -18.71 -8.21
CA ILE B 677 52.15 -20.05 -8.53
C ILE B 677 50.81 -20.31 -7.86
N ILE B 678 50.53 -19.64 -6.74
CA ILE B 678 49.28 -19.88 -6.05
C ILE B 678 48.15 -19.03 -6.63
N GLY B 679 48.46 -17.87 -7.18
CA GLY B 679 47.39 -17.01 -7.60
C GLY B 679 46.66 -16.56 -6.36
N GLU B 680 45.36 -16.31 -6.50
CA GLU B 680 44.52 -16.01 -5.35
C GLU B 680 44.47 -17.23 -4.44
N PRO B 681 44.91 -17.12 -3.18
CA PRO B 681 45.05 -18.34 -2.36
C PRO B 681 43.71 -19.00 -2.02
N SER B 682 42.67 -18.22 -1.75
CA SER B 682 41.36 -18.82 -1.46
C SER B 682 40.91 -19.69 -2.62
N GLN B 683 40.85 -19.11 -3.83
CA GLN B 683 40.49 -19.85 -5.02
C GLN B 683 41.38 -21.08 -5.20
N TYR B 684 42.66 -20.94 -4.84
CA TYR B 684 43.62 -22.03 -4.98
C TYR B 684 43.19 -23.26 -4.17
N PHE B 685 42.92 -23.06 -2.88
CA PHE B 685 42.66 -24.19 -2.00
C PHE B 685 41.30 -24.83 -2.25
N GLN B 686 40.29 -24.02 -2.56
CA GLN B 686 38.97 -24.56 -2.84
C GLN B 686 38.97 -25.38 -4.12
N GLU B 687 39.76 -24.99 -5.13
CA GLU B 687 39.75 -25.72 -6.38
C GLU B 687 40.59 -26.99 -6.31
N LYS B 688 41.67 -26.99 -5.55
CA LYS B 688 42.40 -28.24 -5.39
C LYS B 688 41.75 -29.15 -4.37
N PHE B 689 40.93 -28.60 -3.48
CA PHE B 689 40.31 -29.36 -2.40
C PHE B 689 38.84 -28.99 -2.29
N PRO B 690 38.00 -29.47 -3.23
CA PRO B 690 36.61 -28.96 -3.31
C PRO B 690 35.77 -29.31 -2.09
N ASP B 691 36.10 -30.35 -1.35
CA ASP B 691 35.32 -30.76 -0.19
C ASP B 691 35.89 -30.24 1.12
N LEU B 692 36.89 -29.36 1.06
CA LEU B 692 37.55 -28.95 2.30
C LEU B 692 36.62 -28.10 3.16
N VAL B 693 36.11 -26.98 2.61
CA VAL B 693 35.26 -26.08 3.37
C VAL B 693 34.09 -26.83 3.99
N MET B 694 33.35 -27.61 3.17
CA MET B 694 32.26 -28.42 3.67
C MET B 694 32.72 -29.34 4.79
N TYR B 695 33.88 -29.97 4.65
CA TYR B 695 34.32 -30.94 5.65
C TYR B 695 34.60 -30.26 6.99
N VAL B 696 35.29 -29.12 6.98
CA VAL B 696 35.56 -28.47 8.28
C VAL B 696 34.26 -27.91 8.82
N TYR B 697 33.37 -27.43 7.94
CA TYR B 697 32.06 -26.98 8.36
C TYR B 697 31.31 -28.10 9.08
N THR B 698 31.20 -29.27 8.44
CA THR B 698 30.42 -30.34 9.04
C THR B 698 30.99 -30.73 10.40
N LYS B 699 32.31 -30.81 10.53
CA LYS B 699 32.89 -31.32 11.76
C LYS B 699 32.86 -30.29 12.91
N LEU B 700 32.66 -29.01 12.63
CA LEU B 700 32.65 -28.00 13.69
C LEU B 700 31.29 -27.30 13.93
N GLN B 701 30.18 -27.75 13.31
CA GLN B 701 28.95 -26.92 13.28
C GLN B 701 28.38 -26.64 14.68
N ASN B 702 28.34 -27.63 15.57
CA ASN B 702 27.70 -27.26 16.84
C ASN B 702 28.71 -27.42 17.97
N THR B 703 29.90 -26.92 17.71
CA THR B 703 31.01 -26.94 18.65
C THR B 703 31.45 -25.51 18.95
N GLU B 704 32.29 -25.40 19.98
CA GLU B 704 32.81 -24.10 20.36
C GLU B 704 33.59 -23.46 19.23
N TYR B 705 34.08 -24.27 18.27
CA TYR B 705 34.87 -23.79 17.15
C TYR B 705 34.04 -23.16 16.04
N MET B 706 32.71 -23.28 16.12
CA MET B 706 31.83 -22.48 15.26
C MET B 706 32.21 -21.01 15.29
N LYS B 707 32.89 -20.54 16.34
CA LYS B 707 33.28 -19.14 16.44
C LYS B 707 34.14 -18.72 15.27
N HIS B 708 34.81 -19.68 14.63
CA HIS B 708 35.63 -19.35 13.48
C HIS B 708 34.82 -19.13 12.21
N PHE B 709 33.54 -19.59 12.16
CA PHE B 709 32.71 -19.37 10.96
C PHE B 709 32.54 -17.87 10.72
N PRO B 710 32.25 -17.46 9.48
CA PRO B 710 32.03 -16.04 9.23
C PRO B 710 30.72 -15.57 9.84
N LYS B 711 30.60 -14.26 10.00
CA LYS B 711 29.38 -13.69 10.59
C LYS B 711 28.29 -13.54 9.53
N THR B 712 27.04 -13.83 9.93
CA THR B 712 25.90 -13.83 9.00
C THR B 712 24.92 -12.70 9.31
O1P 25A C . -19.21 -2.77 -22.04
P 25A C . -18.15 -3.63 -22.67
O2P 25A C . -18.76 -4.36 -23.89
O3P 25A C . -17.61 -4.79 -21.57
O5' 25A C . -17.01 -2.55 -23.19
C5' 25A C . -15.73 -3.05 -23.54
C4' 25A C . -14.80 -1.85 -23.72
O4' 25A C . -15.07 -1.25 -24.85
C1' 25A C . -15.05 0.36 -24.57
C2' 25A C . -14.59 0.50 -23.32
O2' 25A C . -13.11 0.31 -23.37
C3' 25A C . -15.12 -0.74 -22.64
O3' 25A C . -14.51 -0.98 -21.47
N9 25A C . -16.36 0.96 -24.79
C8 25A C . -17.17 1.34 -23.81
N7 25A C . -18.28 1.87 -24.36
C5 25A C . -18.14 1.80 -25.69
C6 25A C . -18.99 2.17 -26.69
N6 25A C . -20.25 2.79 -26.70
C4 25A C . -16.96 1.26 -25.97
N3 25A C . -16.59 1.08 -27.26
C2 25A C . -17.43 1.46 -28.26
N1 25A C . -18.63 2.02 -27.96
P1 25A C . -11.99 1.55 -23.17
OBP 25A C . -10.81 0.73 -22.86
OCP 25A C . -12.38 2.54 -22.07
OF' 25A C . -11.69 2.36 -24.56
CF' 25A C . -11.23 1.61 -25.70
CE' 25A C . -11.47 2.50 -26.90
OE' 25A C . -12.74 2.37 -27.25
CB' 25A C . -13.36 3.86 -27.49
N19 25A C . -14.42 4.11 -26.55
C18 25A C . -14.39 3.92 -25.22
N17 25A C . -15.59 4.29 -24.74
C15 25A C . -16.38 4.67 -25.80
C14 25A C . -15.64 4.57 -26.91
N13 25A C . -16.16 4.90 -28.10
C12 25A C . -17.45 5.35 -28.15
N11 25A C . -18.20 5.47 -27.03
C16 25A C . -17.68 5.13 -25.86
N16 25A C . -18.74 5.37 -24.84
CC' 25A C . -12.38 4.76 -27.35
OC' 25A C . -11.93 5.12 -28.72
CD' 25A C . -11.28 4.02 -26.58
OD' 25A C . -10.13 4.40 -27.08
P2 25A C . -11.97 6.70 -29.19
OLP 25A C . -13.09 7.50 -28.58
OMP 25A C . -12.07 6.76 -30.71
OP' 25A C . -10.46 7.28 -28.77
CP' 25A C . -10.27 8.01 -27.55
CO' 25A C . -9.39 9.23 -27.91
OO' 25A C . -9.43 9.52 -29.19
CL' 25A C . -9.39 11.17 -29.26
N29 25A C . -10.31 11.52 -30.30
C28 25A C . -11.64 11.48 -30.25
N27 25A C . -12.13 11.86 -31.45
C25 25A C . -11.10 12.12 -32.24
C24 25A C . -9.96 11.91 -31.54
N23 25A C . -8.77 12.12 -32.13
C22 25A C . -8.71 12.53 -33.42
N21 25A C . -9.84 12.73 -34.14
C26 25A C . -11.03 12.55 -33.55
N26 25A C . -12.16 12.82 -34.46
CM' 25A C . -9.72 11.67 -28.08
OM' 25A C . -8.61 12.48 -27.52
CN' 25A C . -9.97 10.47 -27.14
ON' 25A C . -9.26 10.63 -26.03
C4 HFX D . 2.86 3.92 17.38
C5 HFX D . 3.57 5.50 19.29
C6 HFX D . 3.38 6.96 19.63
C7 HFX D . 3.92 7.86 18.55
C8 HFX D . 3.47 7.51 17.16
C1 HFX D . 2.67 5.64 15.64
C2 HFX D . 3.12 6.22 16.85
C3 HFX D . 3.19 5.23 17.86
C9 HFX D . 2.37 5.32 12.72
O1 HFX D . 3.46 8.37 16.29
O2 HFX D . 3.36 7.49 13.81
S1 HFX D . 2.43 3.93 15.73
S2 HFX D . 2.32 6.47 14.10
CL1 HFX D . 2.87 2.45 18.26
P PO4 E . 54.11 -15.89 12.30
O1 PO4 E . 55.00 -14.87 13.00
O2 PO4 E . 53.84 -17.09 13.20
O3 PO4 E . 54.76 -16.35 11.02
O4 PO4 E . 52.83 -15.18 11.91
O1P 25A F . -21.86 16.42 12.34
P 25A F . -20.69 16.43 13.30
O2P 25A F . -20.64 17.78 14.04
O3P 25A F . -19.30 16.19 12.42
O5' 25A F . -20.87 15.18 14.38
C5' 25A F . -20.55 13.92 13.82
C4' 25A F . -19.90 12.97 14.84
O4' 25A F . -20.65 12.86 15.90
C1' 25A F . -21.34 11.39 15.89
C2' 25A F . -20.61 10.59 15.09
O2' 25A F . -19.59 9.83 15.88
C3' 25A F . -19.87 11.54 14.16
O3' 25A F . -18.60 11.14 13.99
N9 25A F . -22.70 11.57 15.43
C8 25A F . -23.06 11.80 14.16
N7 25A F . -24.39 11.94 14.13
C5 25A F . -24.85 11.82 15.38
C6 25A F . -26.14 11.89 15.90
N6 25A F . -27.42 12.10 15.32
C4 25A F . -23.83 11.61 16.18
N3 25A F . -24.03 11.44 17.51
C2 25A F . -25.28 11.51 18.01
N1 25A F . -26.33 11.74 17.22
P1 25A F . -19.50 8.14 15.76
OBP 25A F . -18.13 7.65 16.10
OCP 25A F . -19.81 7.75 14.33
OF' 25A F . -20.60 7.49 16.79
CF' 25A F . -20.48 7.94 18.14
CE' 25A F . -21.62 7.47 19.05
OE' 25A F . -22.60 8.36 19.10
CB' 25A F . -23.98 7.60 18.74
N19 25A F . -24.36 7.96 17.38
C18 25A F . -23.55 8.08 16.30
N17 25A F . -24.31 8.44 15.23
C15 25A F . -25.61 8.55 15.64
C14 25A F . -25.64 8.26 16.97
N13 25A F . -26.80 8.30 17.63
C12 25A F . -27.92 8.63 16.97
N11 25A F . -27.90 8.91 15.65
C16 25A F . -26.77 8.87 14.98
N16 25A F . -27.15 9.25 13.59
CC' 25A F . -23.75 6.29 18.93
OC' 25A F . -23.95 5.96 20.36
CD' 25A F . -22.25 6.10 18.61
OD' 25A F . -21.71 5.12 19.33
P2 25A F . -25.00 4.77 20.85
OLP 25A F . -25.97 4.60 19.72
OMP 25A F . -25.75 5.23 22.13
OP' 25A F . -24.19 3.35 21.12
CP' 25A F . -23.98 2.51 19.97
CO' 25A F . -24.08 1.01 20.29
OO' 25A F . -24.72 0.73 21.39
CL' 25A F . -25.66 -0.61 21.08
N29 25A F . -26.99 -0.36 21.59
C28 25A F . -27.93 0.41 21.04
N27 25A F . -29.02 0.39 21.85
C25 25A F . -28.73 -0.38 22.90
C24 25A F . -27.48 -0.86 22.74
N23 25A F . -26.97 -1.68 23.69
C22 25A F . -27.71 -2.03 24.78
N21 25A F . -28.96 -1.56 24.94
C26 25A F . -29.48 -0.75 24.02
N26 25A F . -30.85 -0.37 24.38
CM' 25A F . -25.64 -0.84 19.78
OM' 25A F . -24.82 -2.05 19.44
CN' 25A F . -24.98 0.43 19.17
ON' 25A F . -24.24 0.14 18.11
C4 HFX G . 7.24 -8.20 -15.25
C5 HFX G . 7.03 -10.44 -16.51
C6 HFX G . 5.99 -11.53 -16.67
C7 HFX G . 5.58 -12.09 -15.34
C8 HFX G . 5.20 -11.07 -14.31
C1 HFX G . 5.47 -8.65 -13.60
C2 HFX G . 5.69 -9.79 -14.42
C3 HFX G . 6.66 -9.49 -15.41
C9 HFX G . 4.59 -7.17 -11.18
O1 HFX G . 4.50 -11.38 -13.38
O2 HFX G . 4.14 -9.73 -11.46
S1 HFX G . 6.53 -7.32 -13.98
S2 HFX G . 4.25 -8.52 -12.31
CL1 HFX G . 8.52 -7.50 -16.17
#